data_3FTM
# 
_entry.id   3FTM 
# 
_audit_conform.dict_name       mmcif_pdbx.dic 
_audit_conform.dict_version    5.387 
_audit_conform.dict_location   http://mmcif.pdb.org/dictionaries/ascii/mmcif_pdbx.dic 
# 
loop_
_database_2.database_id 
_database_2.database_code 
_database_2.pdbx_database_accession 
_database_2.pdbx_DOI 
PDB   3FTM         pdb_00003ftm 10.2210/pdb3ftm/pdb 
NDB   AR0102       ?            ?                   
RCSB  RCSB051026   ?            ?                   
WWPDB D_1000051026 ?            ?                   
# 
loop_
_pdbx_audit_revision_history.ordinal 
_pdbx_audit_revision_history.data_content_type 
_pdbx_audit_revision_history.major_revision 
_pdbx_audit_revision_history.minor_revision 
_pdbx_audit_revision_history.revision_date 
1 'Structure model' 1 0 2009-02-24 
2 'Structure model' 1 1 2011-07-13 
3 'Structure model' 1 2 2024-02-21 
# 
_pdbx_audit_revision_details.ordinal             1 
_pdbx_audit_revision_details.revision_ordinal    1 
_pdbx_audit_revision_details.data_content_type   'Structure model' 
_pdbx_audit_revision_details.provider            repository 
_pdbx_audit_revision_details.type                'Initial release' 
_pdbx_audit_revision_details.description         ? 
_pdbx_audit_revision_details.details             ? 
# 
loop_
_pdbx_audit_revision_group.ordinal 
_pdbx_audit_revision_group.revision_ordinal 
_pdbx_audit_revision_group.data_content_type 
_pdbx_audit_revision_group.group 
1 2 'Structure model' 'Version format compliance' 
2 3 'Structure model' Advisory                    
3 3 'Structure model' 'Data collection'           
4 3 'Structure model' 'Database references'       
5 3 'Structure model' 'Derived calculations'      
# 
loop_
_pdbx_audit_revision_category.ordinal 
_pdbx_audit_revision_category.revision_ordinal 
_pdbx_audit_revision_category.data_content_type 
_pdbx_audit_revision_category.category 
1 3 'Structure model' chem_comp_atom                
2 3 'Structure model' chem_comp_bond                
3 3 'Structure model' database_2                    
4 3 'Structure model' pdbx_validate_polymer_linkage 
5 3 'Structure model' struct_conn                   
6 3 'Structure model' struct_conn_type              
7 3 'Structure model' struct_site                   
# 
loop_
_pdbx_audit_revision_item.ordinal 
_pdbx_audit_revision_item.revision_ordinal 
_pdbx_audit_revision_item.data_content_type 
_pdbx_audit_revision_item.item 
1  3 'Structure model' '_database_2.pdbx_DOI'                
2  3 'Structure model' '_database_2.pdbx_database_accession' 
3  3 'Structure model' '_struct_conn.conn_type_id'           
4  3 'Structure model' '_struct_conn.id'                     
5  3 'Structure model' '_struct_conn.pdbx_dist_value'        
6  3 'Structure model' '_struct_conn.pdbx_leaving_atom_flag' 
7  3 'Structure model' '_struct_conn.ptnr1_auth_asym_id'     
8  3 'Structure model' '_struct_conn.ptnr1_auth_comp_id'     
9  3 'Structure model' '_struct_conn.ptnr1_auth_seq_id'      
10 3 'Structure model' '_struct_conn.ptnr1_label_asym_id'    
11 3 'Structure model' '_struct_conn.ptnr1_label_atom_id'    
12 3 'Structure model' '_struct_conn.ptnr1_label_comp_id'    
13 3 'Structure model' '_struct_conn.ptnr1_label_seq_id'     
14 3 'Structure model' '_struct_conn.ptnr2_auth_asym_id'     
15 3 'Structure model' '_struct_conn.ptnr2_auth_comp_id'     
16 3 'Structure model' '_struct_conn.ptnr2_auth_seq_id'      
17 3 'Structure model' '_struct_conn.ptnr2_label_asym_id'    
18 3 'Structure model' '_struct_conn.ptnr2_label_atom_id'    
19 3 'Structure model' '_struct_conn.ptnr2_label_comp_id'    
20 3 'Structure model' '_struct_conn.ptnr2_label_seq_id'     
21 3 'Structure model' '_struct_conn_type.id'                
22 3 'Structure model' '_struct_site.pdbx_auth_asym_id'      
23 3 'Structure model' '_struct_site.pdbx_auth_comp_id'      
24 3 'Structure model' '_struct_site.pdbx_auth_seq_id'       
# 
_pdbx_database_status.status_code                     REL 
_pdbx_database_status.entry_id                        3FTM 
_pdbx_database_status.recvd_initial_deposition_date   2009-01-13 
_pdbx_database_status.deposit_site                    RCSB 
_pdbx_database_status.process_site                    RCSB 
_pdbx_database_status.status_code_sf                  REL 
_pdbx_database_status.status_code_mr                  ? 
_pdbx_database_status.SG_entry                        . 
_pdbx_database_status.pdb_format_compatible           Y 
_pdbx_database_status.status_code_cs                  ? 
_pdbx_database_status.status_code_nmr_data            ? 
_pdbx_database_status.methods_development_category    ? 
# 
_pdbx_database_related.db_name        PDB 
_pdbx_database_related.db_id          3fs0 
_pdbx_database_related.details        'higher resolution crystal form of similar class II product-template duplex' 
_pdbx_database_related.content_type   unspecified 
# 
loop_
_audit_author.name 
_audit_author.pdbx_ordinal 
'Pitt, J.N.'          1 
;Ferre-D'Amare, A.R.
;
2 
# 
_citation.id                        primary 
_citation.title                     'Structure-guided engineering of the regioselectivity of RNA ligase ribozymes.' 
_citation.journal_abbrev            J.Am.Chem.Soc. 
_citation.journal_volume            131 
_citation.page_first                3532 
_citation.page_last                 3540 
_citation.year                      2009 
_citation.journal_id_ASTM           JACSAT 
_citation.country                   US 
_citation.journal_id_ISSN           0002-7863 
_citation.journal_id_CSD            0004 
_citation.book_publisher            ? 
_citation.pdbx_database_id_PubMed   19220054 
_citation.pdbx_database_id_DOI      10.1021/ja8067325 
# 
loop_
_citation_author.citation_id 
_citation_author.name 
_citation_author.ordinal 
_citation_author.identifier_ORCID 
primary 'Pitt, J.N.'          1 ? 
primary 
;Ferre-D'Amare, A.R.
;
2 ? 
# 
loop_
_entity.id 
_entity.type 
_entity.src_method 
_entity.pdbx_description 
_entity.formula_weight 
_entity.pdbx_number_of_molecules 
_entity.pdbx_ec 
_entity.pdbx_mutation 
_entity.pdbx_fragment 
_entity.details 
1 polymer     syn "5'-R(*GP*UP*GP*UP*GP*AP*GP*GP*CP*UP*G)-3'"    3579.162 2 ? ? ? 'Template stand of the class II ligase a4-11' 
2 polymer     syn "5'-R(*CP*CP*AP*GP*UP*CP*GP*GP*AP*AP*CP*A)-3'" 3834.376 2 ? ? ? 
;Product strand of the class II ligase a4-11, single stranded RNA with one 2'-5' linkage
;
3 non-polymer syn 'MAGNESIUM ION'                                24.305   9 ? ? ? ? 
4 non-polymer syn 'POTASSIUM ION'                                39.098   2 ? ? ? ? 
5 water       nat water                                          18.015   6 ? ? ? ? 
# 
loop_
_entity_poly.entity_id 
_entity_poly.type 
_entity_poly.nstd_linkage 
_entity_poly.nstd_monomer 
_entity_poly.pdbx_seq_one_letter_code 
_entity_poly.pdbx_seq_one_letter_code_can 
_entity_poly.pdbx_strand_id 
_entity_poly.pdbx_target_identifier 
1 polyribonucleotide no no GUGUGAGGCUG  GUGUGAGGCUG  A,C ? 
2 polyribonucleotide no no CCAGUCGGAACA CCAGUCGGAACA B,D ? 
# 
loop_
_pdbx_entity_nonpoly.entity_id 
_pdbx_entity_nonpoly.name 
_pdbx_entity_nonpoly.comp_id 
3 'MAGNESIUM ION' MG  
4 'POTASSIUM ION' K   
5 water           HOH 
# 
loop_
_entity_poly_seq.entity_id 
_entity_poly_seq.num 
_entity_poly_seq.mon_id 
_entity_poly_seq.hetero 
1 1  G n 
1 2  U n 
1 3  G n 
1 4  U n 
1 5  G n 
1 6  A n 
1 7  G n 
1 8  G n 
1 9  C n 
1 10 U n 
1 11 G n 
2 1  C n 
2 2  C n 
2 3  A n 
2 4  G n 
2 5  U n 
2 6  C n 
2 7  G n 
2 8  G n 
2 9  A n 
2 10 A n 
2 11 C n 
2 12 A n 
# 
loop_
_chem_comp.id 
_chem_comp.type 
_chem_comp.mon_nstd_flag 
_chem_comp.name 
_chem_comp.pdbx_synonyms 
_chem_comp.formula 
_chem_comp.formula_weight 
A   'RNA linking' y "ADENOSINE-5'-MONOPHOSPHATE" ? 'C10 H14 N5 O7 P' 347.221 
C   'RNA linking' y "CYTIDINE-5'-MONOPHOSPHATE"  ? 'C9 H14 N3 O8 P'  323.197 
G   'RNA linking' y "GUANOSINE-5'-MONOPHOSPHATE" ? 'C10 H14 N5 O8 P' 363.221 
HOH non-polymer   . WATER                        ? 'H2 O'            18.015  
K   non-polymer   . 'POTASSIUM ION'              ? 'K 1'             39.098  
MG  non-polymer   . 'MAGNESIUM ION'              ? 'Mg 2'            24.305  
U   'RNA linking' y "URIDINE-5'-MONOPHOSPHATE"   ? 'C9 H13 N2 O9 P'  324.181 
# 
loop_
_pdbx_poly_seq_scheme.asym_id 
_pdbx_poly_seq_scheme.entity_id 
_pdbx_poly_seq_scheme.seq_id 
_pdbx_poly_seq_scheme.mon_id 
_pdbx_poly_seq_scheme.ndb_seq_num 
_pdbx_poly_seq_scheme.pdb_seq_num 
_pdbx_poly_seq_scheme.auth_seq_num 
_pdbx_poly_seq_scheme.pdb_mon_id 
_pdbx_poly_seq_scheme.auth_mon_id 
_pdbx_poly_seq_scheme.pdb_strand_id 
_pdbx_poly_seq_scheme.pdb_ins_code 
_pdbx_poly_seq_scheme.hetero 
A 1 1  G 1  43 43 G GUA A . n 
A 1 2  U 2  44 44 U URI A . n 
A 1 3  G 3  45 45 G GUA A . n 
A 1 4  U 4  46 46 U URI A . n 
A 1 5  G 5  47 47 G GUA A . n 
A 1 6  A 6  48 48 A ADE A . n 
A 1 7  G 7  49 49 G GUA A . n 
A 1 8  G 8  50 50 G GUA A . n 
A 1 9  C 9  51 51 C CYT A . n 
A 1 10 U 10 52 52 U URI A . n 
A 1 11 G 11 53 53 G GUA A . n 
B 2 1  C 1  -6 -6 C CYT B . n 
B 2 2  C 2  -5 -5 C CYT B . n 
B 2 3  A 3  -4 -4 A ADE B . n 
B 2 4  G 4  -3 -3 G GUA B . n 
B 2 5  U 5  -2 -2 U URI B . n 
B 2 6  C 6  -1 -1 C C2Y B . n 
B 2 7  G 7  1  1  G G2U B . n 
B 2 8  G 8  2  2  G GUA B . n 
B 2 9  A 9  3  3  A ADE B . n 
B 2 10 A 10 4  4  A ADE B . n 
B 2 11 C 11 5  5  C CYT B . n 
B 2 12 A 12 6  6  A ADE B . n 
C 1 1  G 1  43 43 G GUA C . n 
C 1 2  U 2  44 44 U URI C . n 
C 1 3  G 3  45 45 G GUA C . n 
C 1 4  U 4  46 46 U URI C . n 
C 1 5  G 5  47 47 G GUA C . n 
C 1 6  A 6  48 48 A ADE C . n 
C 1 7  G 7  49 49 G GUA C . n 
C 1 8  G 8  50 50 G GUA C . n 
C 1 9  C 9  51 51 C CYT C . n 
C 1 10 U 10 52 52 U URI C . n 
C 1 11 G 11 53 53 G GUA C . n 
D 2 1  C 1  -6 -6 C CYT D . n 
D 2 2  C 2  -5 -5 C CYT D . n 
D 2 3  A 3  -4 -4 A ADE D . n 
D 2 4  G 4  -3 -3 G GUA D . n 
D 2 5  U 5  -2 -2 U URI D . n 
D 2 6  C 6  -1 -1 C C2Y D . n 
D 2 7  G 7  1  1  G G2U D . n 
D 2 8  G 8  2  2  G GUA D . n 
D 2 9  A 9  3  3  A ADE D . n 
D 2 10 A 10 4  4  A ADE D . n 
D 2 11 C 11 5  5  C CYT D . n 
D 2 12 A 12 6  6  A ADE D . n 
# 
loop_
_pdbx_nonpoly_scheme.asym_id 
_pdbx_nonpoly_scheme.entity_id 
_pdbx_nonpoly_scheme.mon_id 
_pdbx_nonpoly_scheme.ndb_seq_num 
_pdbx_nonpoly_scheme.pdb_seq_num 
_pdbx_nonpoly_scheme.auth_seq_num 
_pdbx_nonpoly_scheme.pdb_mon_id 
_pdbx_nonpoly_scheme.auth_mon_id 
_pdbx_nonpoly_scheme.pdb_strand_id 
_pdbx_nonpoly_scheme.pdb_ins_code 
E 3 MG  1 204 204 MG  MG  A . 
F 3 MG  1 306 306 MG  MG  A . 
G 3 MG  1 201 201 MG  MG  B . 
H 3 MG  1 203 203 MG  MG  B . 
I 3 MG  1 308 308 MG  MG  B . 
J 3 MG  1 312 312 MG  MG  B . 
K 3 MG  1 205 205 MG  MG  C . 
L 3 MG  1 316 316 MG  MG  C . 
M 3 MG  1 322 322 MG  MG  C . 
N 4 K   1 202 202 K   K   D . 
O 4 K   1 319 319 K   K   D . 
P 5 HOH 1 309 309 HOH HOH A . 
P 5 HOH 2 310 310 HOH HOH A . 
P 5 HOH 3 313 313 HOH HOH A . 
Q 5 HOH 1 314 314 HOH HOH B . 
Q 5 HOH 2 315 315 HOH HOH B . 
R 5 HOH 1 302 302 HOH HOH D . 
# 
loop_
_software.name 
_software.classification 
_software.version 
_software.citation_id 
_software.pdbx_ordinal 
ADSC      'data collection' Quantum ? 1 
CNS       refinement        .       ? 2 
DENZO     'data reduction'  .       ? 3 
SCALEPACK 'data scaling'    .       ? 4 
CNS       phasing           .       ? 5 
# 
_cell.entry_id           3FTM 
_cell.length_a           31.550 
_cell.length_b           31.550 
_cell.length_c           171.066 
_cell.angle_alpha        90.00 
_cell.angle_beta         90.00 
_cell.angle_gamma        90.00 
_cell.Z_PDB              8 
_cell.pdbx_unique_axis   ? 
_cell.length_a_esd       ? 
_cell.length_b_esd       ? 
_cell.length_c_esd       ? 
_cell.angle_alpha_esd    ? 
_cell.angle_beta_esd     ? 
_cell.angle_gamma_esd    ? 
# 
_symmetry.entry_id                         3FTM 
_symmetry.space_group_name_H-M             'P 41' 
_symmetry.pdbx_full_space_group_name_H-M   ? 
_symmetry.cell_setting                     ? 
_symmetry.Int_Tables_number                76 
_symmetry.space_group_name_Hall            ? 
# 
_exptl.entry_id          3FTM 
_exptl.method            'X-RAY DIFFRACTION' 
_exptl.crystals_number   1 
# 
_exptl_crystal.id                    1 
_exptl_crystal.density_meas          ? 
_exptl_crystal.density_Matthews      2.87 
_exptl_crystal.density_percent_sol   57.16 
_exptl_crystal.description           ? 
_exptl_crystal.F_000                 ? 
_exptl_crystal.preparation           ? 
# 
_exptl_crystal_grow.crystal_id      1 
_exptl_crystal_grow.method          'VAPOR DIFFUSION, HANGING DROP' 
_exptl_crystal_grow.temp            295 
_exptl_crystal_grow.temp_details    ? 
_exptl_crystal_grow.pH              6.5 
_exptl_crystal_grow.pdbx_details    
;0.2 mM RNA duplex, 10mM magnesium chloride, 200mM magnesium acetate, 15% PEG 8000, 50mM cacodylate pH 6.5 , VAPOR DIFFUSION, HANGING DROP, temperature 295K
;
_exptl_crystal_grow.pdbx_pH_range   ? 
# 
loop_
_exptl_crystal_grow_comp.crystal_id 
_exptl_crystal_grow_comp.id 
_exptl_crystal_grow_comp.sol_id 
_exptl_crystal_grow_comp.name 
_exptl_crystal_grow_comp.volume 
_exptl_crystal_grow_comp.conc 
_exptl_crystal_grow_comp.details 
1 1 1 'magnesium chloride' ? ? ? 
1 2 1 'magnesium acetate'  ? ? ? 
1 3 1 'PEG 8000'           ? ? ? 
1 4 1 cacodylate           ? ? ? 
1 5 2 'magnesium chloride' ? ? ? 
1 6 2 'magnesium acetate'  ? ? ? 
1 7 2 'PEG 8000'           ? ? ? 
1 8 2 cacodylate           ? ? ? 
# 
_diffrn.id                     1 
_diffrn.ambient_temp           100 
_diffrn.ambient_temp_details   ? 
_diffrn.crystal_id             1 
# 
_diffrn_detector.diffrn_id              1 
_diffrn_detector.detector               CCD 
_diffrn_detector.type                   'ADSC QUANTUM 210' 
_diffrn_detector.pdbx_collection_date   2005-05-25 
_diffrn_detector.details                ? 
# 
_diffrn_radiation.diffrn_id                        1 
_diffrn_radiation.wavelength_id                    1 
_diffrn_radiation.pdbx_monochromatic_or_laue_m_l   M 
_diffrn_radiation.monochromator                    ? 
_diffrn_radiation.pdbx_diffrn_protocol             'SINGLE WAVELENGTH' 
_diffrn_radiation.pdbx_scattering_type             x-ray 
# 
_diffrn_radiation_wavelength.id           1 
_diffrn_radiation_wavelength.wavelength   1.00000 
_diffrn_radiation_wavelength.wt           1.0 
# 
_diffrn_source.diffrn_id                   1 
_diffrn_source.source                      SYNCHROTRON 
_diffrn_source.type                        'ALS BEAMLINE 5.0.1' 
_diffrn_source.pdbx_synchrotron_site       ALS 
_diffrn_source.pdbx_synchrotron_beamline   5.0.1 
_diffrn_source.pdbx_wavelength             ? 
_diffrn_source.pdbx_wavelength_list        1.00000 
# 
_reflns.entry_id                     3FTM 
_reflns.observed_criterion_sigma_I   4 
_reflns.observed_criterion_sigma_F   ? 
_reflns.d_resolution_low             30 
_reflns.d_resolution_high            2.7 
_reflns.number_obs                   4565 
_reflns.number_all                   ? 
_reflns.percent_possible_obs         98.7 
_reflns.pdbx_Rmerge_I_obs            0.046 
_reflns.pdbx_Rsym_value              0.046 
_reflns.pdbx_netI_over_sigmaI        29.4 
_reflns.B_iso_Wilson_estimate        92.9 
_reflns.pdbx_redundancy              3.8 
_reflns.R_free_details               ? 
_reflns.limit_h_max                  ? 
_reflns.limit_h_min                  ? 
_reflns.limit_k_max                  ? 
_reflns.limit_k_min                  ? 
_reflns.limit_l_max                  ? 
_reflns.limit_l_min                  ? 
_reflns.observed_criterion_F_max     ? 
_reflns.observed_criterion_F_min     ? 
_reflns.pdbx_chi_squared             ? 
_reflns.pdbx_scaling_rejects         ? 
_reflns.pdbx_diffrn_id               1 
_reflns.pdbx_ordinal                 1 
# 
_reflns_shell.d_res_high             2.7 
_reflns_shell.d_res_low              2.8 
_reflns_shell.percent_possible_all   99.6 
_reflns_shell.Rmerge_I_obs           0.442 
_reflns_shell.pdbx_Rsym_value        0.442 
_reflns_shell.meanI_over_sigI_obs    2.9 
_reflns_shell.pdbx_redundancy        3.7 
_reflns_shell.percent_possible_obs   ? 
_reflns_shell.number_unique_all      458 
_reflns_shell.number_measured_all    ? 
_reflns_shell.number_measured_obs    ? 
_reflns_shell.number_unique_obs      ? 
_reflns_shell.pdbx_chi_squared       ? 
_reflns_shell.pdbx_diffrn_id         ? 
_reflns_shell.pdbx_ordinal           1 
# 
_refine.entry_id                                 3FTM 
_refine.ls_number_reflns_obs                     4423 
_refine.ls_number_reflns_all                     ? 
_refine.pdbx_ls_sigma_I                          0 
_refine.pdbx_ls_sigma_F                          0.0 
_refine.pdbx_data_cutoff_high_absF               141151.41 
_refine.pdbx_data_cutoff_low_absF                0.000000 
_refine.pdbx_data_cutoff_high_rms_absF           ? 
_refine.ls_d_res_low                             29.60 
_refine.ls_d_res_high                            2.70 
_refine.ls_percent_reflns_obs                    96.5 
_refine.ls_R_factor_obs                          0.218 
_refine.ls_R_factor_all                          ? 
_refine.ls_R_factor_R_work                       0.218 
_refine.ls_R_factor_R_free                       0.268 
_refine.ls_R_factor_R_free_error                 0.012 
_refine.ls_R_factor_R_free_error_details         ? 
_refine.ls_percent_reflns_R_free                 10.6 
_refine.ls_number_reflns_R_free                  467 
_refine.ls_number_parameters                     ? 
_refine.ls_number_restraints                     ? 
_refine.occupancy_min                            ? 
_refine.occupancy_max                            ? 
_refine.correlation_coeff_Fo_to_Fc               ? 
_refine.correlation_coeff_Fo_to_Fc_free          ? 
_refine.B_iso_mean                               44.6 
_refine.aniso_B[1][1]                            2.81 
_refine.aniso_B[2][2]                            2.81 
_refine.aniso_B[3][3]                            -5.61 
_refine.aniso_B[1][2]                            0.00 
_refine.aniso_B[1][3]                            0.00 
_refine.aniso_B[2][3]                            0.00 
_refine.solvent_model_details                    'FLAT MODEL' 
_refine.solvent_model_param_ksol                 0.3 
_refine.solvent_model_param_bsol                 25 
_refine.pdbx_solvent_vdw_probe_radii             ? 
_refine.pdbx_solvent_ion_probe_radii             ? 
_refine.pdbx_solvent_shrinkage_radii             ? 
_refine.pdbx_ls_cross_valid_method               THROUGHOUT 
_refine.details                                  ? 
_refine.pdbx_starting_model                      ? 
_refine.pdbx_method_to_determine_struct          ? 
_refine.pdbx_isotropic_thermal_model             RESTRAINED 
_refine.pdbx_stereochemistry_target_values       'Engh & Huber' 
_refine.pdbx_stereochem_target_val_spec_case     ? 
_refine.pdbx_R_Free_selection_details            RANDOM 
_refine.pdbx_overall_ESU_R                       ? 
_refine.pdbx_overall_ESU_R_Free                  ? 
_refine.overall_SU_ML                            ? 
_refine.overall_SU_B                             ? 
_refine.ls_redundancy_reflns_obs                 ? 
_refine.B_iso_min                                ? 
_refine.B_iso_max                                ? 
_refine.overall_SU_R_Cruickshank_DPI             ? 
_refine.overall_SU_R_free                        ? 
_refine.ls_wR_factor_R_free                      ? 
_refine.ls_wR_factor_R_work                      ? 
_refine.overall_FOM_free_R_set                   ? 
_refine.overall_FOM_work_R_set                   ? 
_refine.pdbx_overall_phase_error                 ? 
_refine.pdbx_refine_id                           'X-RAY DIFFRACTION' 
_refine.pdbx_diffrn_id                           1 
_refine.pdbx_TLS_residual_ADP_flag               ? 
_refine.pdbx_overall_SU_R_free_Cruickshank_DPI   ? 
_refine.pdbx_overall_SU_R_Blow_DPI               ? 
_refine.pdbx_overall_SU_R_free_Blow_DPI          ? 
# 
_refine_analyze.entry_id                        3FTM 
_refine_analyze.Luzzati_coordinate_error_obs    0.41 
_refine_analyze.Luzzati_sigma_a_obs             0.56 
_refine_analyze.Luzzati_d_res_low_obs           5.00 
_refine_analyze.Luzzati_coordinate_error_free   0.46 
_refine_analyze.Luzzati_sigma_a_free            0.63 
_refine_analyze.Luzzati_d_res_low_free          ? 
_refine_analyze.number_disordered_residues      ? 
_refine_analyze.occupancy_sum_hydrogen          ? 
_refine_analyze.occupancy_sum_non_hydrogen      ? 
_refine_analyze.pdbx_Luzzati_d_res_high_obs     ? 
_refine_analyze.pdbx_refine_id                  'X-RAY DIFFRACTION' 
# 
_refine_hist.pdbx_refine_id                   'X-RAY DIFFRACTION' 
_refine_hist.cycle_id                         LAST 
_refine_hist.pdbx_number_atoms_protein        0 
_refine_hist.pdbx_number_atoms_nucleic_acid   982 
_refine_hist.pdbx_number_atoms_ligand         11 
_refine_hist.number_atoms_solvent             6 
_refine_hist.number_atoms_total               999 
_refine_hist.d_res_high                       2.70 
_refine_hist.d_res_low                        29.60 
# 
loop_
_refine_ls_restr.type 
_refine_ls_restr.dev_ideal 
_refine_ls_restr.dev_ideal_target 
_refine_ls_restr.weight 
_refine_ls_restr.number 
_refine_ls_restr.pdbx_refine_id 
_refine_ls_restr.pdbx_restraint_function 
c_bond_d           0.005 ? ? ? 'X-RAY DIFFRACTION' ? 
c_angle_deg        1.0   ? ? ? 'X-RAY DIFFRACTION' ? 
c_dihedral_angle_d 14.1  ? ? ? 'X-RAY DIFFRACTION' ? 
c_improper_angle_d 1.60  ? ? ? 'X-RAY DIFFRACTION' ? 
# 
_refine_ls_shell.pdbx_total_number_of_bins_used   6 
_refine_ls_shell.d_res_high                       2.70 
_refine_ls_shell.d_res_low                        2.87 
_refine_ls_shell.number_reflns_R_work             623 
_refine_ls_shell.R_factor_R_work                  0.436 
_refine_ls_shell.percent_reflns_obs               91.0 
_refine_ls_shell.R_factor_R_free                  0.444 
_refine_ls_shell.R_factor_R_free_error            0.051 
_refine_ls_shell.percent_reflns_R_free            10.7 
_refine_ls_shell.number_reflns_R_free             75 
_refine_ls_shell.number_reflns_all                ? 
_refine_ls_shell.R_factor_all                     ? 
_refine_ls_shell.number_reflns_obs                ? 
_refine_ls_shell.redundancy_reflns_obs            ? 
_refine_ls_shell.pdbx_refine_id                   'X-RAY DIFFRACTION' 
# 
loop_
_pdbx_xplor_file.serial_no 
_pdbx_xplor_file.param_file 
_pdbx_xplor_file.topol_file 
_pdbx_xplor_file.pdbx_refine_id 
1 protein_rep.param protein.top 'X-RAY DIFFRACTION' 
2 pitt.param        pitt.top    'X-RAY DIFFRACTION' 
3 water_rep.param   water.top   'X-RAY DIFFRACTION' 
4 ion.param         ion.top     'X-RAY DIFFRACTION' 
# 
_struct.entry_id                  3FTM 
_struct.title                     'Class II ligase ribozyme product-template duplex, structure 1' 
_struct.pdbx_model_details        ? 
_struct.pdbx_CASP_flag            N 
_struct.pdbx_model_type_details   ? 
# 
_struct_keywords.entry_id        3FTM 
_struct_keywords.pdbx_keywords   RNA 
_struct_keywords.text            
;ribozyme, ligase, 2'-5', 2-5, 2p5, RNA
;
# 
loop_
_struct_asym.id 
_struct_asym.pdbx_blank_PDB_chainid_flag 
_struct_asym.pdbx_modified 
_struct_asym.entity_id 
_struct_asym.details 
A N N 1 ? 
B N N 2 ? 
C N N 1 ? 
D N N 2 ? 
E N N 3 ? 
F N N 3 ? 
G N N 3 ? 
H N N 3 ? 
I N N 3 ? 
J N N 3 ? 
K N N 3 ? 
L N N 3 ? 
M N N 3 ? 
N N N 4 ? 
O N N 4 ? 
P N N 5 ? 
Q N N 5 ? 
R N N 5 ? 
# 
loop_
_struct_ref.id 
_struct_ref.db_name 
_struct_ref.db_code 
_struct_ref.pdbx_db_accession 
_struct_ref.entity_id 
_struct_ref.pdbx_align_begin 
_struct_ref.pdbx_seq_one_letter_code 
_struct_ref.pdbx_db_isoform 
1 PDB 3FTM 3FTM 1 1 GUGUGAGGCUG  ? 
2 PDB 3FTM 3FTM 2 1 CCAGUCGGAACA ? 
# 
loop_
_struct_ref_seq.align_id 
_struct_ref_seq.ref_id 
_struct_ref_seq.pdbx_PDB_id_code 
_struct_ref_seq.pdbx_strand_id 
_struct_ref_seq.seq_align_beg 
_struct_ref_seq.pdbx_seq_align_beg_ins_code 
_struct_ref_seq.seq_align_end 
_struct_ref_seq.pdbx_seq_align_end_ins_code 
_struct_ref_seq.pdbx_db_accession 
_struct_ref_seq.db_align_beg 
_struct_ref_seq.pdbx_db_align_beg_ins_code 
_struct_ref_seq.db_align_end 
_struct_ref_seq.pdbx_db_align_end_ins_code 
_struct_ref_seq.pdbx_auth_seq_align_beg 
_struct_ref_seq.pdbx_auth_seq_align_end 
1 1 3FTM A 1 ? 11 ? 3FTM 43 ? 53 ? 43 53 
2 1 3FTM C 1 ? 11 ? 3FTM 43 ? 53 ? 43 53 
3 2 3FTM B 1 ? 12 ? 3FTM -6 ? 6  ? -6 6  
4 2 3FTM D 1 ? 12 ? 3FTM -6 ? 6  ? -6 6  
# 
loop_
_pdbx_struct_assembly.id 
_pdbx_struct_assembly.details 
_pdbx_struct_assembly.method_details 
_pdbx_struct_assembly.oligomeric_details 
_pdbx_struct_assembly.oligomeric_count 
1 author_and_software_defined_assembly PISA dimeric 2 
2 author_and_software_defined_assembly PISA dimeric 2 
# 
loop_
_pdbx_struct_assembly_prop.biol_id 
_pdbx_struct_assembly_prop.type 
_pdbx_struct_assembly_prop.value 
_pdbx_struct_assembly_prop.details 
1 'ABSA (A^2)' 1930 ? 
1 MORE         -46  ? 
1 'SSA (A^2)'  4260 ? 
2 'ABSA (A^2)' 2060 ? 
2 MORE         -31  ? 
2 'SSA (A^2)'  4290 ? 
# 
loop_
_pdbx_struct_assembly_gen.assembly_id 
_pdbx_struct_assembly_gen.oper_expression 
_pdbx_struct_assembly_gen.asym_id_list 
1 1 A,B,E,F,G,H,I,J,P,Q 
2 1 C,D,K,L,M,N,O,R     
# 
_pdbx_struct_oper_list.id                   1 
_pdbx_struct_oper_list.type                 'identity operation' 
_pdbx_struct_oper_list.name                 1_555 
_pdbx_struct_oper_list.symmetry_operation   x,y,z 
_pdbx_struct_oper_list.matrix[1][1]         1.0000000000 
_pdbx_struct_oper_list.matrix[1][2]         0.0000000000 
_pdbx_struct_oper_list.matrix[1][3]         0.0000000000 
_pdbx_struct_oper_list.vector[1]            0.0000000000 
_pdbx_struct_oper_list.matrix[2][1]         0.0000000000 
_pdbx_struct_oper_list.matrix[2][2]         1.0000000000 
_pdbx_struct_oper_list.matrix[2][3]         0.0000000000 
_pdbx_struct_oper_list.vector[2]            0.0000000000 
_pdbx_struct_oper_list.matrix[3][1]         0.0000000000 
_pdbx_struct_oper_list.matrix[3][2]         0.0000000000 
_pdbx_struct_oper_list.matrix[3][3]         1.0000000000 
_pdbx_struct_oper_list.vector[3]            0.0000000000 
# 
loop_
_struct_biol.id 
_struct_biol.details 
1 ? 
2 ? 
# 
loop_
_struct_conn.id 
_struct_conn.conn_type_id 
_struct_conn.pdbx_leaving_atom_flag 
_struct_conn.pdbx_PDB_id 
_struct_conn.ptnr1_label_asym_id 
_struct_conn.ptnr1_label_comp_id 
_struct_conn.ptnr1_label_seq_id 
_struct_conn.ptnr1_label_atom_id 
_struct_conn.pdbx_ptnr1_label_alt_id 
_struct_conn.pdbx_ptnr1_PDB_ins_code 
_struct_conn.pdbx_ptnr1_standard_comp_id 
_struct_conn.ptnr1_symmetry 
_struct_conn.ptnr2_label_asym_id 
_struct_conn.ptnr2_label_comp_id 
_struct_conn.ptnr2_label_seq_id 
_struct_conn.ptnr2_label_atom_id 
_struct_conn.pdbx_ptnr2_label_alt_id 
_struct_conn.pdbx_ptnr2_PDB_ins_code 
_struct_conn.ptnr1_auth_asym_id 
_struct_conn.ptnr1_auth_comp_id 
_struct_conn.ptnr1_auth_seq_id 
_struct_conn.ptnr2_auth_asym_id 
_struct_conn.ptnr2_auth_comp_id 
_struct_conn.ptnr2_auth_seq_id 
_struct_conn.ptnr2_symmetry 
_struct_conn.pdbx_ptnr3_label_atom_id 
_struct_conn.pdbx_ptnr3_label_seq_id 
_struct_conn.pdbx_ptnr3_label_comp_id 
_struct_conn.pdbx_ptnr3_label_asym_id 
_struct_conn.pdbx_ptnr3_label_alt_id 
_struct_conn.pdbx_ptnr3_PDB_ins_code 
_struct_conn.details 
_struct_conn.pdbx_dist_value 
_struct_conn.pdbx_value_order 
_struct_conn.pdbx_role 
covale1  covale one ? B C  6  "O2'" ? ? ? 1_555 B G   7  P  ? ? B C  -1  B G   1   1_555 ? ? ? ? ? ? ?             1.609 ? ? 
covale2  covale one ? D C  6  "O2'" ? ? ? 1_555 D G   7  P  ? ? D C  -1  D G   1   1_555 ? ? ? ? ? ? ?             1.606 ? ? 
metalc1  metalc ?   ? A A  6  "O2'" ? ? ? 1_555 F MG  .  MG ? ? A A  48  A MG  306 1_555 ? ? ? ? ? ? ?             2.170 ? ? 
metalc2  metalc ?   ? E MG .  MG    ? ? ? 1_555 P HOH .  O  ? ? A MG 204 A HOH 310 1_555 ? ? ? ? ? ? ?             2.222 ? ? 
metalc3  metalc ?   ? B A  9  OP2   ? ? ? 1_555 G MG  .  MG ? ? B A  3   B MG  201 1_555 ? ? ? ? ? ? ?             1.944 ? ? 
metalc4  metalc ?   ? G MG .  MG    ? ? ? 1_555 Q HOH .  O  ? ? B MG 201 B HOH 315 1_555 ? ? ? ? ? ? ?             2.089 ? ? 
metalc5  metalc ?   ? D U  5  "O3'" ? ? ? 1_555 O K   .  K  ? ? D U  -2  D K   319 1_555 ? ? ? ? ? ? ?             2.662 ? ? 
metalc6  metalc ?   ? D C  6  OP2   ? ? ? 1_555 O K   .  K  ? ? D C  -1  D K   319 1_555 ? ? ? ? ? ? ?             2.342 ? ? 
metalc7  metalc ?   ? D C  6  OP1   ? ? ? 1_555 O K   .  K  ? ? D C  -1  D K   319 1_555 ? ? ? ? ? ? ?             2.504 ? ? 
metalc8  metalc ?   ? D A  9  OP2   ? ? ? 1_555 N K   .  K  ? ? D A  3   D K   202 1_555 ? ? ? ? ? ? ?             2.404 ? ? 
hydrog1  hydrog ?   ? A U  2  N3    ? ? ? 1_555 B A   12 N1 ? ? A U  44  B A   6   1_555 ? ? ? ? ? ? WATSON-CRICK  ?     ? ? 
hydrog2  hydrog ?   ? A U  2  O4    ? ? ? 1_555 B A   12 N6 ? ? A U  44  B A   6   1_555 ? ? ? ? ? ? WATSON-CRICK  ?     ? ? 
hydrog3  hydrog ?   ? A G  3  N1    ? ? ? 1_555 B C   11 N3 ? ? A G  45  B C   5   1_555 ? ? ? ? ? ? WATSON-CRICK  ?     ? ? 
hydrog4  hydrog ?   ? A G  3  N2    ? ? ? 1_555 B C   11 O2 ? ? A G  45  B C   5   1_555 ? ? ? ? ? ? WATSON-CRICK  ?     ? ? 
hydrog5  hydrog ?   ? A G  3  O6    ? ? ? 1_555 B C   11 N4 ? ? A G  45  B C   5   1_555 ? ? ? ? ? ? WATSON-CRICK  ?     ? ? 
hydrog6  hydrog ?   ? A U  4  N3    ? ? ? 1_555 B A   10 N1 ? ? A U  46  B A   4   1_555 ? ? ? ? ? ? WATSON-CRICK  ?     ? ? 
hydrog7  hydrog ?   ? A U  4  O4    ? ? ? 1_555 B A   10 N6 ? ? A U  46  B A   4   1_555 ? ? ? ? ? ? WATSON-CRICK  ?     ? ? 
hydrog8  hydrog ?   ? A G  5  N2    ? ? ? 1_555 B G   8  N7 ? ? A G  47  B G   2   1_555 ? ? ? ? ? ? 'G-G MISPAIR' ?     ? ? 
hydrog9  hydrog ?   ? A A  6  N7    ? ? ? 1_555 B G   7  N2 ? ? A A  48  B G   1   1_555 ? ? ? ? ? ? 'A-G MISPAIR' ?     ? ? 
hydrog10 hydrog ?   ? A G  7  N1    ? ? ? 1_555 B C   6  N3 ? ? A G  49  B C   -1  1_555 ? ? ? ? ? ? WATSON-CRICK  ?     ? ? 
hydrog11 hydrog ?   ? A G  7  N2    ? ? ? 1_555 B C   6  O2 ? ? A G  49  B C   -1  1_555 ? ? ? ? ? ? WATSON-CRICK  ?     ? ? 
hydrog12 hydrog ?   ? A G  7  O6    ? ? ? 1_555 B C   6  N4 ? ? A G  49  B C   -1  1_555 ? ? ? ? ? ? WATSON-CRICK  ?     ? ? 
hydrog13 hydrog ?   ? A G  8  N1    ? ? ? 1_555 B U   5  O2 ? ? A G  50  B U   -2  1_555 ? ? ? ? ? ? TYPE_28_PAIR  ?     ? ? 
hydrog14 hydrog ?   ? A G  8  O6    ? ? ? 1_555 B U   5  N3 ? ? A G  50  B U   -2  1_555 ? ? ? ? ? ? TYPE_28_PAIR  ?     ? ? 
hydrog15 hydrog ?   ? A C  9  N3    ? ? ? 1_555 B G   4  N1 ? ? A C  51  B G   -3  1_555 ? ? ? ? ? ? WATSON-CRICK  ?     ? ? 
hydrog16 hydrog ?   ? A C  9  N4    ? ? ? 1_555 B G   4  O6 ? ? A C  51  B G   -3  1_555 ? ? ? ? ? ? WATSON-CRICK  ?     ? ? 
hydrog17 hydrog ?   ? A C  9  O2    ? ? ? 1_555 B G   4  N2 ? ? A C  51  B G   -3  1_555 ? ? ? ? ? ? WATSON-CRICK  ?     ? ? 
hydrog18 hydrog ?   ? A U  10 N3    ? ? ? 1_555 B A   3  N1 ? ? A U  52  B A   -4  1_555 ? ? ? ? ? ? WATSON-CRICK  ?     ? ? 
hydrog19 hydrog ?   ? A U  10 O4    ? ? ? 1_555 B A   3  N6 ? ? A U  52  B A   -4  1_555 ? ? ? ? ? ? WATSON-CRICK  ?     ? ? 
hydrog20 hydrog ?   ? A G  11 N1    ? ? ? 1_555 B C   2  N3 ? ? A G  53  B C   -5  1_555 ? ? ? ? ? ? WATSON-CRICK  ?     ? ? 
hydrog21 hydrog ?   ? A G  11 N2    ? ? ? 1_555 B C   2  O2 ? ? A G  53  B C   -5  1_555 ? ? ? ? ? ? WATSON-CRICK  ?     ? ? 
hydrog22 hydrog ?   ? A G  11 O6    ? ? ? 1_555 B C   2  N4 ? ? A G  53  B C   -5  1_555 ? ? ? ? ? ? WATSON-CRICK  ?     ? ? 
hydrog23 hydrog ?   ? B G  8  N1    ? ? ? 1_555 D C   11 O2 ? ? B G  2   D C   5   1_555 ? ? ? ? ? ? 'G-C PAIR'    ?     ? ? 
hydrog24 hydrog ?   ? B A  9  N3    ? ? ? 1_555 C G   3  N2 ? ? B A  3   C G   45  1_555 ? ? ? ? ? ? 'A-G MISPAIR' ?     ? ? 
hydrog25 hydrog ?   ? C U  2  N3    ? ? ? 1_555 D A   12 N1 ? ? C U  44  D A   6   1_555 ? ? ? ? ? ? WATSON-CRICK  ?     ? ? 
hydrog26 hydrog ?   ? C U  2  O4    ? ? ? 1_555 D A   12 N6 ? ? C U  44  D A   6   1_555 ? ? ? ? ? ? WATSON-CRICK  ?     ? ? 
hydrog27 hydrog ?   ? C G  3  N1    ? ? ? 1_555 D C   11 N3 ? ? C G  45  D C   5   1_555 ? ? ? ? ? ? WATSON-CRICK  ?     ? ? 
hydrog28 hydrog ?   ? C G  3  N2    ? ? ? 1_555 D C   11 O2 ? ? C G  45  D C   5   1_555 ? ? ? ? ? ? WATSON-CRICK  ?     ? ? 
hydrog29 hydrog ?   ? C G  3  O6    ? ? ? 1_555 D C   11 N4 ? ? C G  45  D C   5   1_555 ? ? ? ? ? ? WATSON-CRICK  ?     ? ? 
hydrog30 hydrog ?   ? C U  4  N3    ? ? ? 1_555 D A   10 N1 ? ? C U  46  D A   4   1_555 ? ? ? ? ? ? WATSON-CRICK  ?     ? ? 
hydrog31 hydrog ?   ? C U  4  O4    ? ? ? 1_555 D A   10 N6 ? ? C U  46  D A   4   1_555 ? ? ? ? ? ? WATSON-CRICK  ?     ? ? 
hydrog32 hydrog ?   ? C G  5  N2    ? ? ? 1_555 D G   8  N7 ? ? C G  47  D G   2   1_555 ? ? ? ? ? ? 'G-G MISPAIR' ?     ? ? 
hydrog33 hydrog ?   ? C A  6  N7    ? ? ? 1_555 D G   7  N2 ? ? C A  48  D G   1   1_555 ? ? ? ? ? ? 'A-G MISPAIR' ?     ? ? 
hydrog34 hydrog ?   ? C G  7  N1    ? ? ? 1_555 D C   6  N3 ? ? C G  49  D C   -1  1_555 ? ? ? ? ? ? WATSON-CRICK  ?     ? ? 
hydrog35 hydrog ?   ? C G  7  N2    ? ? ? 1_555 D C   6  O2 ? ? C G  49  D C   -1  1_555 ? ? ? ? ? ? WATSON-CRICK  ?     ? ? 
hydrog36 hydrog ?   ? C G  7  O6    ? ? ? 1_555 D C   6  N4 ? ? C G  49  D C   -1  1_555 ? ? ? ? ? ? WATSON-CRICK  ?     ? ? 
hydrog37 hydrog ?   ? C G  8  N1    ? ? ? 1_555 D U   5  O2 ? ? C G  50  D U   -2  1_555 ? ? ? ? ? ? TYPE_28_PAIR  ?     ? ? 
hydrog38 hydrog ?   ? C G  8  O6    ? ? ? 1_555 D U   5  N3 ? ? C G  50  D U   -2  1_555 ? ? ? ? ? ? TYPE_28_PAIR  ?     ? ? 
hydrog39 hydrog ?   ? C C  9  N3    ? ? ? 1_555 D G   4  N1 ? ? C C  51  D G   -3  1_555 ? ? ? ? ? ? WATSON-CRICK  ?     ? ? 
hydrog40 hydrog ?   ? C C  9  N4    ? ? ? 1_555 D G   4  O6 ? ? C C  51  D G   -3  1_555 ? ? ? ? ? ? WATSON-CRICK  ?     ? ? 
hydrog41 hydrog ?   ? C C  9  O2    ? ? ? 1_555 D G   4  N2 ? ? C C  51  D G   -3  1_555 ? ? ? ? ? ? WATSON-CRICK  ?     ? ? 
hydrog42 hydrog ?   ? C U  10 N3    ? ? ? 1_555 D A   3  N1 ? ? C U  52  D A   -4  1_555 ? ? ? ? ? ? WATSON-CRICK  ?     ? ? 
hydrog43 hydrog ?   ? C U  10 O4    ? ? ? 1_555 D A   3  N6 ? ? C U  52  D A   -4  1_555 ? ? ? ? ? ? WATSON-CRICK  ?     ? ? 
hydrog44 hydrog ?   ? C G  11 N1    ? ? ? 1_555 D C   2  N3 ? ? C G  53  D C   -5  1_555 ? ? ? ? ? ? WATSON-CRICK  ?     ? ? 
hydrog45 hydrog ?   ? C G  11 N2    ? ? ? 1_555 D C   2  O2 ? ? C G  53  D C   -5  1_555 ? ? ? ? ? ? WATSON-CRICK  ?     ? ? 
hydrog46 hydrog ?   ? C G  11 O6    ? ? ? 1_555 D C   2  N4 ? ? C G  53  D C   -5  1_555 ? ? ? ? ? ? WATSON-CRICK  ?     ? ? 
# 
loop_
_struct_conn_type.id 
_struct_conn_type.criteria 
_struct_conn_type.reference 
covale ? ? 
metalc ? ? 
hydrog ? ? 
# 
loop_
_pdbx_struct_conn_angle.id 
_pdbx_struct_conn_angle.ptnr1_label_atom_id 
_pdbx_struct_conn_angle.ptnr1_label_alt_id 
_pdbx_struct_conn_angle.ptnr1_label_asym_id 
_pdbx_struct_conn_angle.ptnr1_label_comp_id 
_pdbx_struct_conn_angle.ptnr1_label_seq_id 
_pdbx_struct_conn_angle.ptnr1_auth_atom_id 
_pdbx_struct_conn_angle.ptnr1_auth_asym_id 
_pdbx_struct_conn_angle.ptnr1_auth_comp_id 
_pdbx_struct_conn_angle.ptnr1_auth_seq_id 
_pdbx_struct_conn_angle.ptnr1_PDB_ins_code 
_pdbx_struct_conn_angle.ptnr1_symmetry 
_pdbx_struct_conn_angle.ptnr2_label_atom_id 
_pdbx_struct_conn_angle.ptnr2_label_alt_id 
_pdbx_struct_conn_angle.ptnr2_label_asym_id 
_pdbx_struct_conn_angle.ptnr2_label_comp_id 
_pdbx_struct_conn_angle.ptnr2_label_seq_id 
_pdbx_struct_conn_angle.ptnr2_auth_atom_id 
_pdbx_struct_conn_angle.ptnr2_auth_asym_id 
_pdbx_struct_conn_angle.ptnr2_auth_comp_id 
_pdbx_struct_conn_angle.ptnr2_auth_seq_id 
_pdbx_struct_conn_angle.ptnr2_PDB_ins_code 
_pdbx_struct_conn_angle.ptnr2_symmetry 
_pdbx_struct_conn_angle.ptnr3_label_atom_id 
_pdbx_struct_conn_angle.ptnr3_label_alt_id 
_pdbx_struct_conn_angle.ptnr3_label_asym_id 
_pdbx_struct_conn_angle.ptnr3_label_comp_id 
_pdbx_struct_conn_angle.ptnr3_label_seq_id 
_pdbx_struct_conn_angle.ptnr3_auth_atom_id 
_pdbx_struct_conn_angle.ptnr3_auth_asym_id 
_pdbx_struct_conn_angle.ptnr3_auth_comp_id 
_pdbx_struct_conn_angle.ptnr3_auth_seq_id 
_pdbx_struct_conn_angle.ptnr3_PDB_ins_code 
_pdbx_struct_conn_angle.ptnr3_symmetry 
_pdbx_struct_conn_angle.value 
_pdbx_struct_conn_angle.value_esd 
1 OP2   ? B A 9 ? B A 3  ? 1_555 MG ? G MG . ? B MG 201 ? 1_555 O   ? Q HOH . ? B HOH 315 ? 1_555 97.2 ? 
2 "O3'" ? D U 5 ? D U -2 ? 1_555 K  ? O K  . ? D K  319 ? 1_555 OP2 ? D C   6 ? D C   -1  ? 1_555 59.7 ? 
3 "O3'" ? D U 5 ? D U -2 ? 1_555 K  ? O K  . ? D K  319 ? 1_555 OP1 ? D C   6 ? D C   -1  ? 1_555 58.1 ? 
4 OP2   ? D C 6 ? D C -1 ? 1_555 K  ? O K  . ? D K  319 ? 1_555 OP1 ? D C   6 ? D C   -1  ? 1_555 64.1 ? 
# 
loop_
_struct_site.id 
_struct_site.pdbx_evidence_code 
_struct_site.pdbx_auth_asym_id 
_struct_site.pdbx_auth_comp_id 
_struct_site.pdbx_auth_seq_id 
_struct_site.pdbx_auth_ins_code 
_struct_site.pdbx_num_residues 
_struct_site.details 
AC1 Software B MG 201 ? 2 'BINDING SITE FOR RESIDUE MG B 201' 
AC2 Software D K  202 ? 1 'BINDING SITE FOR RESIDUE K D 202'  
AC3 Software B MG 203 ? 2 'BINDING SITE FOR RESIDUE MG B 203' 
AC4 Software A MG 204 ? 4 'BINDING SITE FOR RESIDUE MG A 204' 
AC5 Software C MG 205 ? 1 'BINDING SITE FOR RESIDUE MG C 205' 
AC6 Software A MG 306 ? 3 'BINDING SITE FOR RESIDUE MG A 306' 
AC7 Software B MG 308 ? 2 'BINDING SITE FOR RESIDUE MG B 308' 
AC8 Software B MG 312 ? 3 'BINDING SITE FOR RESIDUE MG B 312' 
AC9 Software C MG 316 ? 1 'BINDING SITE FOR RESIDUE MG C 316' 
BC1 Software D K  319 ? 3 'BINDING SITE FOR RESIDUE K D 319'  
BC2 Software C MG 322 ? 4 'BINDING SITE FOR RESIDUE MG C 322' 
# 
loop_
_struct_site_gen.id 
_struct_site_gen.site_id 
_struct_site_gen.pdbx_num_res 
_struct_site_gen.label_comp_id 
_struct_site_gen.label_asym_id 
_struct_site_gen.label_seq_id 
_struct_site_gen.pdbx_auth_ins_code 
_struct_site_gen.auth_comp_id 
_struct_site_gen.auth_asym_id 
_struct_site_gen.auth_seq_id 
_struct_site_gen.label_atom_id 
_struct_site_gen.label_alt_id 
_struct_site_gen.symmetry 
_struct_site_gen.details 
1  AC1 2 A   B 9  ? A   B 3   . ? 1_555 ? 
2  AC1 2 HOH Q .  ? HOH B 315 . ? 1_555 ? 
3  AC2 1 A   D 9  ? A   D 3   . ? 1_555 ? 
4  AC3 2 A   B 9  ? A   B 3   . ? 1_555 ? 
5  AC3 2 A   B 10 ? A   B 4   . ? 1_555 ? 
6  AC4 4 G   A 1  ? G   A 43  . ? 1_655 ? 
7  AC4 4 G   A 11 ? G   A 53  . ? 1_555 ? 
8  AC4 4 HOH P .  ? HOH A 309 . ? 1_555 ? 
9  AC4 4 HOH P .  ? HOH A 310 . ? 1_555 ? 
10 AC5 1 G   C 11 ? G   C 53  . ? 1_555 ? 
11 AC6 3 A   A 6  ? A   A 48  . ? 1_555 ? 
12 AC6 3 A   D 10 ? A   D 4   . ? 1_555 ? 
13 AC6 3 C   D 11 ? C   D 5   . ? 1_555 ? 
14 AC7 2 C   A 9  ? C   A 51  . ? 1_555 ? 
15 AC7 2 U   B 5  ? U   B -2  . ? 1_555 ? 
16 AC8 3 G   A 5  ? G   A 47  . ? 1_555 ? 
17 AC8 3 A   A 6  ? A   A 48  . ? 1_555 ? 
18 AC8 3 G   B 7  ? G   B 1   . ? 1_555 ? 
19 AC9 1 U   C 4  ? U   C 46  . ? 1_555 ? 
20 BC1 3 G   A 11 ? G   A 53  . ? 3_655 ? 
21 BC1 3 C   D 6  ? C   D -1  . ? 1_555 ? 
22 BC1 3 U   D 5  ? U   D -2  . ? 1_555 ? 
23 BC2 4 U   C 4  ? U   C 46  . ? 1_555 ? 
24 BC2 4 G   C 5  ? G   C 47  . ? 1_555 ? 
25 BC2 4 G   D 7  ? G   D 1   . ? 1_555 ? 
26 BC2 4 G   D 8  ? G   D 2   . ? 1_555 ? 
# 
loop_
_chem_comp_atom.comp_id 
_chem_comp_atom.atom_id 
_chem_comp_atom.type_symbol 
_chem_comp_atom.pdbx_aromatic_flag 
_chem_comp_atom.pdbx_stereo_config 
_chem_comp_atom.pdbx_ordinal 
A   OP3    O  N N 1   
A   P      P  N N 2   
A   OP1    O  N N 3   
A   OP2    O  N N 4   
A   "O5'"  O  N N 5   
A   "C5'"  C  N N 6   
A   "C4'"  C  N R 7   
A   "O4'"  O  N N 8   
A   "C3'"  C  N S 9   
A   "O3'"  O  N N 10  
A   "C2'"  C  N R 11  
A   "O2'"  O  N N 12  
A   "C1'"  C  N R 13  
A   N9     N  Y N 14  
A   C8     C  Y N 15  
A   N7     N  Y N 16  
A   C5     C  Y N 17  
A   C6     C  Y N 18  
A   N6     N  N N 19  
A   N1     N  Y N 20  
A   C2     C  Y N 21  
A   N3     N  Y N 22  
A   C4     C  Y N 23  
A   HOP3   H  N N 24  
A   HOP2   H  N N 25  
A   "H5'"  H  N N 26  
A   "H5''" H  N N 27  
A   "H4'"  H  N N 28  
A   "H3'"  H  N N 29  
A   "HO3'" H  N N 30  
A   "H2'"  H  N N 31  
A   "HO2'" H  N N 32  
A   "H1'"  H  N N 33  
A   H8     H  N N 34  
A   H61    H  N N 35  
A   H62    H  N N 36  
A   H2     H  N N 37  
C   OP3    O  N N 38  
C   P      P  N N 39  
C   OP1    O  N N 40  
C   OP2    O  N N 41  
C   "O5'"  O  N N 42  
C   "C5'"  C  N N 43  
C   "C4'"  C  N R 44  
C   "O4'"  O  N N 45  
C   "C3'"  C  N S 46  
C   "O3'"  O  N N 47  
C   "C2'"  C  N R 48  
C   "O2'"  O  N N 49  
C   "C1'"  C  N R 50  
C   N1     N  N N 51  
C   C2     C  N N 52  
C   O2     O  N N 53  
C   N3     N  N N 54  
C   C4     C  N N 55  
C   N4     N  N N 56  
C   C5     C  N N 57  
C   C6     C  N N 58  
C   HOP3   H  N N 59  
C   HOP2   H  N N 60  
C   "H5'"  H  N N 61  
C   "H5''" H  N N 62  
C   "H4'"  H  N N 63  
C   "H3'"  H  N N 64  
C   "HO3'" H  N N 65  
C   "H2'"  H  N N 66  
C   "HO2'" H  N N 67  
C   "H1'"  H  N N 68  
C   H41    H  N N 69  
C   H42    H  N N 70  
C   H5     H  N N 71  
C   H6     H  N N 72  
G   OP3    O  N N 73  
G   P      P  N N 74  
G   OP1    O  N N 75  
G   OP2    O  N N 76  
G   "O5'"  O  N N 77  
G   "C5'"  C  N N 78  
G   "C4'"  C  N R 79  
G   "O4'"  O  N N 80  
G   "C3'"  C  N S 81  
G   "O3'"  O  N N 82  
G   "C2'"  C  N R 83  
G   "O2'"  O  N N 84  
G   "C1'"  C  N R 85  
G   N9     N  Y N 86  
G   C8     C  Y N 87  
G   N7     N  Y N 88  
G   C5     C  Y N 89  
G   C6     C  N N 90  
G   O6     O  N N 91  
G   N1     N  N N 92  
G   C2     C  N N 93  
G   N2     N  N N 94  
G   N3     N  N N 95  
G   C4     C  Y N 96  
G   HOP3   H  N N 97  
G   HOP2   H  N N 98  
G   "H5'"  H  N N 99  
G   "H5''" H  N N 100 
G   "H4'"  H  N N 101 
G   "H3'"  H  N N 102 
G   "HO3'" H  N N 103 
G   "H2'"  H  N N 104 
G   "HO2'" H  N N 105 
G   "H1'"  H  N N 106 
G   H8     H  N N 107 
G   H1     H  N N 108 
G   H21    H  N N 109 
G   H22    H  N N 110 
HOH O      O  N N 111 
HOH H1     H  N N 112 
HOH H2     H  N N 113 
K   K      K  N N 114 
MG  MG     MG N N 115 
U   OP3    O  N N 116 
U   P      P  N N 117 
U   OP1    O  N N 118 
U   OP2    O  N N 119 
U   "O5'"  O  N N 120 
U   "C5'"  C  N N 121 
U   "C4'"  C  N R 122 
U   "O4'"  O  N N 123 
U   "C3'"  C  N S 124 
U   "O3'"  O  N N 125 
U   "C2'"  C  N R 126 
U   "O2'"  O  N N 127 
U   "C1'"  C  N R 128 
U   N1     N  N N 129 
U   C2     C  N N 130 
U   O2     O  N N 131 
U   N3     N  N N 132 
U   C4     C  N N 133 
U   O4     O  N N 134 
U   C5     C  N N 135 
U   C6     C  N N 136 
U   HOP3   H  N N 137 
U   HOP2   H  N N 138 
U   "H5'"  H  N N 139 
U   "H5''" H  N N 140 
U   "H4'"  H  N N 141 
U   "H3'"  H  N N 142 
U   "HO3'" H  N N 143 
U   "H2'"  H  N N 144 
U   "HO2'" H  N N 145 
U   "H1'"  H  N N 146 
U   H3     H  N N 147 
U   H5     H  N N 148 
U   H6     H  N N 149 
# 
loop_
_chem_comp_bond.comp_id 
_chem_comp_bond.atom_id_1 
_chem_comp_bond.atom_id_2 
_chem_comp_bond.value_order 
_chem_comp_bond.pdbx_aromatic_flag 
_chem_comp_bond.pdbx_stereo_config 
_chem_comp_bond.pdbx_ordinal 
A   OP3   P      sing N N 1   
A   OP3   HOP3   sing N N 2   
A   P     OP1    doub N N 3   
A   P     OP2    sing N N 4   
A   P     "O5'"  sing N N 5   
A   OP2   HOP2   sing N N 6   
A   "O5'" "C5'"  sing N N 7   
A   "C5'" "C4'"  sing N N 8   
A   "C5'" "H5'"  sing N N 9   
A   "C5'" "H5''" sing N N 10  
A   "C4'" "O4'"  sing N N 11  
A   "C4'" "C3'"  sing N N 12  
A   "C4'" "H4'"  sing N N 13  
A   "O4'" "C1'"  sing N N 14  
A   "C3'" "O3'"  sing N N 15  
A   "C3'" "C2'"  sing N N 16  
A   "C3'" "H3'"  sing N N 17  
A   "O3'" "HO3'" sing N N 18  
A   "C2'" "O2'"  sing N N 19  
A   "C2'" "C1'"  sing N N 20  
A   "C2'" "H2'"  sing N N 21  
A   "O2'" "HO2'" sing N N 22  
A   "C1'" N9     sing N N 23  
A   "C1'" "H1'"  sing N N 24  
A   N9    C8     sing Y N 25  
A   N9    C4     sing Y N 26  
A   C8    N7     doub Y N 27  
A   C8    H8     sing N N 28  
A   N7    C5     sing Y N 29  
A   C5    C6     sing Y N 30  
A   C5    C4     doub Y N 31  
A   C6    N6     sing N N 32  
A   C6    N1     doub Y N 33  
A   N6    H61    sing N N 34  
A   N6    H62    sing N N 35  
A   N1    C2     sing Y N 36  
A   C2    N3     doub Y N 37  
A   C2    H2     sing N N 38  
A   N3    C4     sing Y N 39  
C   OP3   P      sing N N 40  
C   OP3   HOP3   sing N N 41  
C   P     OP1    doub N N 42  
C   P     OP2    sing N N 43  
C   P     "O5'"  sing N N 44  
C   OP2   HOP2   sing N N 45  
C   "O5'" "C5'"  sing N N 46  
C   "C5'" "C4'"  sing N N 47  
C   "C5'" "H5'"  sing N N 48  
C   "C5'" "H5''" sing N N 49  
C   "C4'" "O4'"  sing N N 50  
C   "C4'" "C3'"  sing N N 51  
C   "C4'" "H4'"  sing N N 52  
C   "O4'" "C1'"  sing N N 53  
C   "C3'" "O3'"  sing N N 54  
C   "C3'" "C2'"  sing N N 55  
C   "C3'" "H3'"  sing N N 56  
C   "O3'" "HO3'" sing N N 57  
C   "C2'" "O2'"  sing N N 58  
C   "C2'" "C1'"  sing N N 59  
C   "C2'" "H2'"  sing N N 60  
C   "O2'" "HO2'" sing N N 61  
C   "C1'" N1     sing N N 62  
C   "C1'" "H1'"  sing N N 63  
C   N1    C2     sing N N 64  
C   N1    C6     sing N N 65  
C   C2    O2     doub N N 66  
C   C2    N3     sing N N 67  
C   N3    C4     doub N N 68  
C   C4    N4     sing N N 69  
C   C4    C5     sing N N 70  
C   N4    H41    sing N N 71  
C   N4    H42    sing N N 72  
C   C5    C6     doub N N 73  
C   C5    H5     sing N N 74  
C   C6    H6     sing N N 75  
G   OP3   P      sing N N 76  
G   OP3   HOP3   sing N N 77  
G   P     OP1    doub N N 78  
G   P     OP2    sing N N 79  
G   P     "O5'"  sing N N 80  
G   OP2   HOP2   sing N N 81  
G   "O5'" "C5'"  sing N N 82  
G   "C5'" "C4'"  sing N N 83  
G   "C5'" "H5'"  sing N N 84  
G   "C5'" "H5''" sing N N 85  
G   "C4'" "O4'"  sing N N 86  
G   "C4'" "C3'"  sing N N 87  
G   "C4'" "H4'"  sing N N 88  
G   "O4'" "C1'"  sing N N 89  
G   "C3'" "O3'"  sing N N 90  
G   "C3'" "C2'"  sing N N 91  
G   "C3'" "H3'"  sing N N 92  
G   "O3'" "HO3'" sing N N 93  
G   "C2'" "O2'"  sing N N 94  
G   "C2'" "C1'"  sing N N 95  
G   "C2'" "H2'"  sing N N 96  
G   "O2'" "HO2'" sing N N 97  
G   "C1'" N9     sing N N 98  
G   "C1'" "H1'"  sing N N 99  
G   N9    C8     sing Y N 100 
G   N9    C4     sing Y N 101 
G   C8    N7     doub Y N 102 
G   C8    H8     sing N N 103 
G   N7    C5     sing Y N 104 
G   C5    C6     sing N N 105 
G   C5    C4     doub Y N 106 
G   C6    O6     doub N N 107 
G   C6    N1     sing N N 108 
G   N1    C2     sing N N 109 
G   N1    H1     sing N N 110 
G   C2    N2     sing N N 111 
G   C2    N3     doub N N 112 
G   N2    H21    sing N N 113 
G   N2    H22    sing N N 114 
G   N3    C4     sing N N 115 
HOH O     H1     sing N N 116 
HOH O     H2     sing N N 117 
U   OP3   P      sing N N 118 
U   OP3   HOP3   sing N N 119 
U   P     OP1    doub N N 120 
U   P     OP2    sing N N 121 
U   P     "O5'"  sing N N 122 
U   OP2   HOP2   sing N N 123 
U   "O5'" "C5'"  sing N N 124 
U   "C5'" "C4'"  sing N N 125 
U   "C5'" "H5'"  sing N N 126 
U   "C5'" "H5''" sing N N 127 
U   "C4'" "O4'"  sing N N 128 
U   "C4'" "C3'"  sing N N 129 
U   "C4'" "H4'"  sing N N 130 
U   "O4'" "C1'"  sing N N 131 
U   "C3'" "O3'"  sing N N 132 
U   "C3'" "C2'"  sing N N 133 
U   "C3'" "H3'"  sing N N 134 
U   "O3'" "HO3'" sing N N 135 
U   "C2'" "O2'"  sing N N 136 
U   "C2'" "C1'"  sing N N 137 
U   "C2'" "H2'"  sing N N 138 
U   "O2'" "HO2'" sing N N 139 
U   "C1'" N1     sing N N 140 
U   "C1'" "H1'"  sing N N 141 
U   N1    C2     sing N N 142 
U   N1    C6     sing N N 143 
U   C2    O2     doub N N 144 
U   C2    N3     sing N N 145 
U   N3    C4     sing N N 146 
U   N3    H3     sing N N 147 
U   C4    O4     doub N N 148 
U   C4    C5     sing N N 149 
U   C5    C6     doub N N 150 
U   C5    H5     sing N N 151 
U   C6    H6     sing N N 152 
# 
loop_
_ndb_struct_conf_na.entry_id 
_ndb_struct_conf_na.feature 
3FTM 'double helix'         
3FTM 'a-form double helix'  
3FTM 'bulge loop'           
3FTM 'mismatched base pair' 
# 
loop_
_ndb_struct_na_base_pair.model_number 
_ndb_struct_na_base_pair.i_label_asym_id 
_ndb_struct_na_base_pair.i_label_comp_id 
_ndb_struct_na_base_pair.i_label_seq_id 
_ndb_struct_na_base_pair.i_symmetry 
_ndb_struct_na_base_pair.j_label_asym_id 
_ndb_struct_na_base_pair.j_label_comp_id 
_ndb_struct_na_base_pair.j_label_seq_id 
_ndb_struct_na_base_pair.j_symmetry 
_ndb_struct_na_base_pair.shear 
_ndb_struct_na_base_pair.stretch 
_ndb_struct_na_base_pair.stagger 
_ndb_struct_na_base_pair.buckle 
_ndb_struct_na_base_pair.propeller 
_ndb_struct_na_base_pair.opening 
_ndb_struct_na_base_pair.pair_number 
_ndb_struct_na_base_pair.pair_name 
_ndb_struct_na_base_pair.i_auth_asym_id 
_ndb_struct_na_base_pair.i_auth_seq_id 
_ndb_struct_na_base_pair.i_PDB_ins_code 
_ndb_struct_na_base_pair.j_auth_asym_id 
_ndb_struct_na_base_pair.j_auth_seq_id 
_ndb_struct_na_base_pair.j_PDB_ins_code 
_ndb_struct_na_base_pair.hbond_type_28 
_ndb_struct_na_base_pair.hbond_type_12 
1 A U 2  1_555 B A 12 1_555 -0.089 0.116  0.076  -3.077  -15.579 11.232  1  A_U44:A6_B  A 44 ? B 6  ? 20 1 
1 A G 3  1_555 B C 11 1_555 -0.255 0.042  0.463  -0.988  -9.348  6.108   2  A_G45:C5_B  A 45 ? B 5  ? 19 1 
1 A U 4  1_555 B A 10 1_555 0.286  -0.267 0.241  8.217   -6.780  0.741   3  A_U46:A4_B  A 46 ? B 4  ? 20 1 
1 A A 6  1_555 B G 7  1_555 -6.921 -5.076 0.170  -18.548 16.420  -1.145  4  A_A48:G1_B  A 48 ? B 1  ? ?  ? 
1 A G 7  1_555 B C 6  1_555 -0.297 0.042  0.078  4.388   -2.646  4.598   5  A_G49:C-1_B A 49 ? B -1 ? 19 1 
1 A G 8  1_555 B U 5  1_555 -2.212 -0.522 0.052  4.328   -14.041 4.707   6  A_G50:U-2_B A 50 ? B -2 ? 28 1 
1 A C 9  1_555 B G 4  1_555 -0.379 -0.024 -0.054 3.778   -15.448 5.052   7  A_C51:G-3_B A 51 ? B -3 ? 19 1 
1 A U 10 1_555 B A 3  1_555 0.145  -0.496 0.213  -3.923  -11.089 3.617   8  A_U52:A-4_B A 52 ? B -4 ? 20 1 
1 A G 11 1_555 B C 2  1_555 0.597  -0.114 -0.108 -3.260  -7.807  -1.166  9  A_G53:C-5_B A 53 ? B -5 ? 19 1 
1 C U 2  1_555 D A 12 1_555 0.212  -0.022 0.090  -4.010  -5.187  11.258  10 C_U44:A6_D  C 44 ? D 6  ? 20 1 
1 C G 3  1_555 D C 11 1_555 -0.409 -0.235 -0.082 -9.758  -11.923 1.595   11 C_G45:C5_D  C 45 ? D 5  ? 19 1 
1 C U 4  1_555 D A 10 1_555 -0.147 0.108  0.731  -3.710  2.329   5.823   12 C_U46:A4_D  C 46 ? D 4  ? 20 1 
1 C G 5  1_555 D G 8  1_555 7.653  -4.997 -0.669 10.505  -5.372  -44.645 13 C_G47:G2_D  C 47 ? D 2  ? ?  ? 
1 C A 6  1_555 D G 7  1_555 -6.920 -5.280 0.318  -18.128 11.149  -3.596  14 C_A48:G1_D  C 48 ? D 1  ? ?  ? 
1 C G 7  1_555 D C 6  1_555 -0.858 -0.134 -0.126 1.273   -0.165  9.605   15 C_G49:C-1_D C 49 ? D -1 ? 19 1 
1 C G 8  1_555 D U 5  1_555 -2.347 -0.490 0.187  3.969   -14.174 9.561   16 C_G50:U-2_D C 50 ? D -2 ? 28 1 
1 C C 9  1_555 D G 4  1_555 -0.611 -0.207 0.025  -0.126  -10.913 0.067   17 C_C51:G-3_D C 51 ? D -3 ? 19 1 
1 C U 10 1_555 D A 3  1_555 0.142  -0.455 0.295  -6.473  -11.473 1.489   18 C_U52:A-4_D C 52 ? D -4 ? 20 1 
1 C G 11 1_555 D C 2  1_555 0.253  -0.060 0.087  2.182   -7.403  0.030   19 C_G53:C-5_D C 53 ? D -5 ? 19 1 
# 
loop_
_ndb_struct_na_base_pair_step.model_number 
_ndb_struct_na_base_pair_step.i_label_asym_id_1 
_ndb_struct_na_base_pair_step.i_label_comp_id_1 
_ndb_struct_na_base_pair_step.i_label_seq_id_1 
_ndb_struct_na_base_pair_step.i_symmetry_1 
_ndb_struct_na_base_pair_step.j_label_asym_id_1 
_ndb_struct_na_base_pair_step.j_label_comp_id_1 
_ndb_struct_na_base_pair_step.j_label_seq_id_1 
_ndb_struct_na_base_pair_step.j_symmetry_1 
_ndb_struct_na_base_pair_step.i_label_asym_id_2 
_ndb_struct_na_base_pair_step.i_label_comp_id_2 
_ndb_struct_na_base_pair_step.i_label_seq_id_2 
_ndb_struct_na_base_pair_step.i_symmetry_2 
_ndb_struct_na_base_pair_step.j_label_asym_id_2 
_ndb_struct_na_base_pair_step.j_label_comp_id_2 
_ndb_struct_na_base_pair_step.j_label_seq_id_2 
_ndb_struct_na_base_pair_step.j_symmetry_2 
_ndb_struct_na_base_pair_step.shift 
_ndb_struct_na_base_pair_step.slide 
_ndb_struct_na_base_pair_step.rise 
_ndb_struct_na_base_pair_step.tilt 
_ndb_struct_na_base_pair_step.roll 
_ndb_struct_na_base_pair_step.twist 
_ndb_struct_na_base_pair_step.x_displacement 
_ndb_struct_na_base_pair_step.y_displacement 
_ndb_struct_na_base_pair_step.helical_rise 
_ndb_struct_na_base_pair_step.inclination 
_ndb_struct_na_base_pair_step.tip 
_ndb_struct_na_base_pair_step.helical_twist 
_ndb_struct_na_base_pair_step.step_number 
_ndb_struct_na_base_pair_step.step_name 
_ndb_struct_na_base_pair_step.i_auth_asym_id_1 
_ndb_struct_na_base_pair_step.i_auth_seq_id_1 
_ndb_struct_na_base_pair_step.i_PDB_ins_code_1 
_ndb_struct_na_base_pair_step.j_auth_asym_id_1 
_ndb_struct_na_base_pair_step.j_auth_seq_id_1 
_ndb_struct_na_base_pair_step.j_PDB_ins_code_1 
_ndb_struct_na_base_pair_step.i_auth_asym_id_2 
_ndb_struct_na_base_pair_step.i_auth_seq_id_2 
_ndb_struct_na_base_pair_step.i_PDB_ins_code_2 
_ndb_struct_na_base_pair_step.j_auth_asym_id_2 
_ndb_struct_na_base_pair_step.j_auth_seq_id_2 
_ndb_struct_na_base_pair_step.j_PDB_ins_code_2 
1 A U 2  1_555 B A 12 1_555 A G 3  1_555 B C 11 1_555 -0.537 -1.444 3.083 -3.903 6.786  31.594  -3.655 0.340  2.767 12.230 7.033  
32.525  1  AA_U44G45:C5A6_BB   A 44 ? B 6  ? A 45 ? B 5  ? 
1 A G 3  1_555 B C 11 1_555 A U 4  1_555 B A 10 1_555 -0.128 -1.101 3.120 2.770  6.014  31.759  -2.948 0.679  2.848 10.842 -4.993 
32.425  2  AA_G45U46:A4C5_BB   A 45 ? B 5  ? A 46 ? B 4  ? 
1 A A 6  1_555 B G 7  1_555 A G 7  1_555 B C 6  1_555 0.372  -1.872 2.655 -2.345 8.201  51.881  -2.527 -0.539 2.337 9.302  2.660  
52.529  3  AA_A48G49:C-1G1_BB  A 48 ? B 1  ? A 49 ? B -1 ? 
1 A G 7  1_555 B C 6  1_555 A G 8  1_555 B U 5  1_555 0.184  -2.042 3.091 -3.940 7.386  25.497  -6.036 -1.268 2.362 16.189 8.635  
26.814  4  AA_G49G50:U-2C-1_BB A 49 ? B -1 ? A 50 ? B -2 ? 
1 A G 8  1_555 B U 5  1_555 A C 9  1_555 B G 4  1_555 -0.723 -1.772 3.242 -2.784 4.563  36.221  -3.428 0.781  3.050 7.290  4.448  
36.600  5  AA_G50C51:G-3U-2_BB A 50 ? B -2 ? A 51 ? B -3 ? 
1 A C 9  1_555 B G 4  1_555 A U 10 1_555 B A 3  1_555 0.195  -1.165 3.365 0.125  12.659 37.724  -3.153 -0.273 2.845 18.938 -0.186 
39.718  6  AA_C51U52:A-4G-3_BB A 51 ? B -3 ? A 52 ? B -4 ? 
1 A U 10 1_555 B A 3  1_555 A G 11 1_555 B C 2  1_555 -0.203 -1.452 3.157 3.385  8.716  31.003  -3.998 0.905  2.626 15.860 -6.160 
32.349  7  AA_U52G53:C-5A-4_BB A 52 ? B -4 ? A 53 ? B -5 ? 
1 C U 2  1_555 D A 12 1_555 C G 3  1_555 D C 11 1_555 -1.189 -1.920 3.388 3.657  10.151 29.821  -5.246 2.801  2.459 18.960 -6.831 
31.671  8  CC_U44G45:C5A6_DD   C 44 ? D 6  ? C 45 ? D 5  ? 
1 C G 3  1_555 D C 11 1_555 C U 4  1_555 D A 10 1_555 0.801  -1.092 3.165 -4.070 13.934 28.159  -4.273 -2.134 2.254 26.524 7.747  
31.613  9  CC_G45U46:A4C5_DD   C 45 ? D 5  ? C 46 ? D 4  ? 
1 C U 4  1_555 D A 10 1_555 C G 5  1_555 D G 8  1_555 -0.422 -1.712 4.998 -1.812 17.877 82.325  -1.915 0.251  4.628 13.438 1.362  
83.920  10 CC_U46G47:G2A4_DD   C 46 ? D 4  ? C 47 ? D 2  ? 
1 C G 5  1_555 D G 8  1_555 C A 6  1_555 D G 7  1_555 3.261  -0.795 3.880 4.512  -0.590 -17.253 2.929  13.311 2.909 1.923  14.710 
-17.838 11 CC_G47A48:G1G2_DD   C 47 ? D 2  ? C 48 ? D 1  ? 
1 C A 6  1_555 D G 7  1_555 C G 7  1_555 D C 6  1_555 0.678  -1.837 2.756 -2.465 9.611  48.042  -2.786 -0.964 2.334 11.660 2.991  
48.997  12 CC_A48G49:C-1G1_DD  C 48 ? D 1  ? C 49 ? D -1 ? 
1 C G 7  1_555 D C 6  1_555 C G 8  1_555 D U 5  1_555 0.426  -1.970 2.928 -7.235 9.734  31.220  -4.704 -1.691 2.090 17.291 12.851 
33.439  13 CC_G49G50:U-2C-1_DD C 49 ? D -1 ? C 50 ? D -2 ? 
1 C G 8  1_555 D U 5  1_555 C C 9  1_555 D G 4  1_555 -0.984 -1.876 3.272 -2.441 3.003  36.191  -3.417 1.241  3.169 4.818  3.915  
36.390  14 CC_G50C51:G-3U-2_DD C 50 ? D -2 ? C 51 ? D -3 ? 
1 C C 9  1_555 D G 4  1_555 C U 10 1_555 D A 3  1_555 0.077  -1.344 3.340 0.896  10.381 36.698  -3.333 -0.008 2.870 16.093 -1.389 
38.100  15 CC_C51U52:A-4G-3_DD C 51 ? D -3 ? C 52 ? D -4 ? 
1 C U 10 1_555 D A 3  1_555 C G 11 1_555 D C 2  1_555 0.502  -1.591 2.939 3.986  7.415  29.582  -4.240 -0.282 2.520 14.166 -7.614 
30.731  16 CC_U52G53:C-5A-4_DD C 52 ? D -4 ? C 53 ? D -5 ? 
# 
_atom_sites.entry_id                    3FTM 
_atom_sites.fract_transf_matrix[1][1]   0.00290651 
_atom_sites.fract_transf_matrix[1][2]   0.03066226 
_atom_sites.fract_transf_matrix[1][3]   0.00748430 
_atom_sites.fract_transf_matrix[2][1]   -0.01387286 
_atom_sites.fract_transf_matrix[2][2]   0.00799211 
_atom_sites.fract_transf_matrix[2][3]   -0.02735519 
_atom_sites.fract_transf_matrix[3][1]   -0.00522890 
_atom_sites.fract_transf_matrix[3][2]   -0.00014152 
_atom_sites.fract_transf_matrix[3][3]   0.00261043 
_atom_sites.fract_transf_vector[1]      0.307206 
_atom_sites.fract_transf_vector[2]      1.039878 
_atom_sites.fract_transf_vector[3]      0.332816 
# 
loop_
_atom_type.symbol 
C  
K  
MG 
N  
O  
P  
# 
loop_
_atom_site.group_PDB 
_atom_site.id 
_atom_site.type_symbol 
_atom_site.label_atom_id 
_atom_site.label_alt_id 
_atom_site.label_comp_id 
_atom_site.label_asym_id 
_atom_site.label_entity_id 
_atom_site.label_seq_id 
_atom_site.pdbx_PDB_ins_code 
_atom_site.Cartn_x 
_atom_site.Cartn_y 
_atom_site.Cartn_z 
_atom_site.occupancy 
_atom_site.B_iso_or_equiv 
_atom_site.pdbx_formal_charge 
_atom_site.auth_seq_id 
_atom_site.auth_comp_id 
_atom_site.auth_asym_id 
_atom_site.auth_atom_id 
_atom_site.pdbx_PDB_model_num 
ATOM   1   O  "O5'" . G   A 1 1  ? 14.815  -9.542  -9.312  1.00 52.78 ? 43  G   A "O5'" 1 
ATOM   2   C  "C5'" . G   A 1 1  ? 15.909  -9.050  -10.096 1.00 50.35 ? 43  G   A "C5'" 1 
ATOM   3   C  "C4'" . G   A 1 1  ? 15.588  -9.017  -11.571 1.00 49.08 ? 43  G   A "C4'" 1 
ATOM   4   O  "O4'" . G   A 1 1  ? 15.143  -10.335 -11.982 1.00 48.75 ? 43  G   A "O4'" 1 
ATOM   5   C  "C3'" . G   A 1 1  ? 14.454  -8.089  -11.972 1.00 48.99 ? 43  G   A "C3'" 1 
ATOM   6   O  "O3'" . G   A 1 1  ? 14.933  -6.764  -12.175 1.00 51.90 ? 43  G   A "O3'" 1 
ATOM   7   C  "C2'" . G   A 1 1  ? 13.940  -8.747  -13.245 1.00 47.24 ? 43  G   A "C2'" 1 
ATOM   8   O  "O2'" . G   A 1 1  ? 14.752  -8.517  -14.384 1.00 47.51 ? 43  G   A "O2'" 1 
ATOM   9   C  "C1'" . G   A 1 1  ? 14.034  -10.219 -12.854 1.00 45.14 ? 43  G   A "C1'" 1 
ATOM   10  N  N9    . G   A 1 1  ? 12.856  -10.685 -12.132 1.00 40.94 ? 43  G   A N9    1 
ATOM   11  C  C8    . G   A 1 1  ? 12.783  -11.066 -10.810 1.00 38.96 ? 43  G   A C8    1 
ATOM   12  N  N7    . G   A 1 1  ? 11.581  -11.412 -10.445 1.00 37.53 ? 43  G   A N7    1 
ATOM   13  C  C5    . G   A 1 1  ? 10.816  -11.253 -11.595 1.00 37.31 ? 43  G   A C5    1 
ATOM   14  C  C6    . G   A 1 1  ? 9.435   -11.468 -11.814 1.00 36.53 ? 43  G   A C6    1 
ATOM   15  O  O6    . G   A 1 1  ? 8.580   -11.862 -11.006 1.00 37.45 ? 43  G   A O6    1 
ATOM   16  N  N1    . G   A 1 1  ? 9.075   -11.182 -13.129 1.00 33.30 ? 43  G   A N1    1 
ATOM   17  C  C2    . G   A 1 1  ? 9.938   -10.755 -14.107 1.00 35.10 ? 43  G   A C2    1 
ATOM   18  N  N2    . G   A 1 1  ? 9.410   -10.537 -15.320 1.00 33.94 ? 43  G   A N2    1 
ATOM   19  N  N3    . G   A 1 1  ? 11.227  -10.556 -13.914 1.00 36.59 ? 43  G   A N3    1 
ATOM   20  C  C4    . G   A 1 1  ? 11.593  -10.817 -12.643 1.00 38.05 ? 43  G   A C4    1 
ATOM   21  P  P     . U   A 1 2  ? 13.943  -5.517  -11.953 1.00 53.00 ? 44  U   A P     1 
ATOM   22  O  OP1   . U   A 1 2  ? 14.753  -4.277  -11.822 1.00 52.31 ? 44  U   A OP1   1 
ATOM   23  O  OP2   . U   A 1 2  ? 12.999  -5.905  -10.867 1.00 53.14 ? 44  U   A OP2   1 
ATOM   24  O  "O5'" . U   A 1 2  ? 13.131  -5.443  -13.319 1.00 50.71 ? 44  U   A "O5'" 1 
ATOM   25  C  "C5'" . U   A 1 2  ? 13.810  -5.533  -14.562 1.00 50.71 ? 44  U   A "C5'" 1 
ATOM   26  C  "C4'" . U   A 1 2  ? 12.817  -5.627  -15.687 1.00 51.43 ? 44  U   A "C4'" 1 
ATOM   27  O  "O4'" . U   A 1 2  ? 12.069  -6.868  -15.581 1.00 50.66 ? 44  U   A "O4'" 1 
ATOM   28  C  "C3'" . U   A 1 2  ? 11.744  -4.559  -15.678 1.00 51.26 ? 44  U   A "C3'" 1 
ATOM   29  O  "O3'" . U   A 1 2  ? 12.227  -3.348  -16.241 1.00 52.39 ? 44  U   A "O3'" 1 
ATOM   30  C  "C2'" . U   A 1 2  ? 10.639  -5.205  -16.508 1.00 50.81 ? 44  U   A "C2'" 1 
ATOM   31  O  "O2'" . U   A 1 2  ? 10.855  -5.106  -17.906 1.00 49.48 ? 44  U   A "O2'" 1 
ATOM   32  C  "C1'" . U   A 1 2  ? 10.745  -6.666  -16.057 1.00 49.05 ? 44  U   A "C1'" 1 
ATOM   33  N  N1    . U   A 1 2  ? 9.802   -7.060  -14.996 1.00 46.77 ? 44  U   A N1    1 
ATOM   34  C  C2    . U   A 1 2  ? 8.475   -7.284  -15.349 1.00 46.07 ? 44  U   A C2    1 
ATOM   35  O  O2    . U   A 1 2  ? 8.045   -7.119  -16.485 1.00 46.36 ? 44  U   A O2    1 
ATOM   36  N  N3    . U   A 1 2  ? 7.667   -7.704  -14.320 1.00 45.30 ? 44  U   A N3    1 
ATOM   37  C  C4    . U   A 1 2  ? 8.037   -7.911  -13.000 1.00 47.14 ? 44  U   A C4    1 
ATOM   38  O  O4    . U   A 1 2  ? 7.199   -8.317  -12.190 1.00 47.95 ? 44  U   A O4    1 
ATOM   39  C  C5    . U   A 1 2  ? 9.409   -7.633  -12.713 1.00 45.77 ? 44  U   A C5    1 
ATOM   40  C  C6    . U   A 1 2  ? 10.222  -7.226  -13.693 1.00 46.42 ? 44  U   A C6    1 
ATOM   41  P  P     . G   A 1 3  ? 11.562  -1.955  -15.804 1.00 52.58 ? 45  G   A P     1 
ATOM   42  O  OP1   . G   A 1 3  ? 12.333  -0.840  -16.414 1.00 51.57 ? 45  G   A OP1   1 
ATOM   43  O  OP2   . G   A 1 3  ? 11.353  -1.993  -14.328 1.00 52.39 ? 45  G   A OP2   1 
ATOM   44  O  "O5'" . G   A 1 3  ? 10.134  -2.007  -16.498 1.00 52.62 ? 45  G   A "O5'" 1 
ATOM   45  C  "C5'" . G   A 1 3  ? 10.010  -1.877  -17.907 1.00 51.71 ? 45  G   A "C5'" 1 
ATOM   46  C  "C4'" . G   A 1 3  ? 8.560   -1.905  -18.299 1.00 51.56 ? 45  G   A "C4'" 1 
ATOM   47  O  "O4'" . G   A 1 3  ? 8.003   -3.206  -17.976 1.00 50.83 ? 45  G   A "O4'" 1 
ATOM   48  C  "C3'" . G   A 1 3  ? 7.667   -0.950  -17.532 1.00 51.93 ? 45  G   A "C3'" 1 
ATOM   49  O  "O3'" . G   A 1 3  ? 7.769   0.373   -18.036 1.00 53.81 ? 45  G   A "O3'" 1 
ATOM   50  C  "C2'" . G   A 1 3  ? 6.293   -1.574  -17.740 1.00 51.13 ? 45  G   A "C2'" 1 
ATOM   51  O  "O2'" . G   A 1 3  ? 5.735   -1.301  -19.014 1.00 51.31 ? 45  G   A "O2'" 1 
ATOM   52  C  "C1'" . G   A 1 3  ? 6.633   -3.062  -17.629 1.00 49.23 ? 45  G   A "C1'" 1 
ATOM   53  N  N9    . G   A 1 3  ? 6.419   -3.624  -16.295 1.00 45.96 ? 45  G   A N9    1 
ATOM   54  C  C8    . G   A 1 3  ? 7.350   -3.791  -15.295 1.00 44.49 ? 45  G   A C8    1 
ATOM   55  N  N7    . G   A 1 3  ? 6.851   -4.341  -14.217 1.00 43.08 ? 45  G   A N7    1 
ATOM   56  C  C5    . G   A 1 3  ? 5.512   -4.546  -14.523 1.00 42.97 ? 45  G   A C5    1 
ATOM   57  C  C6    . G   A 1 3  ? 4.460   -5.111  -13.743 1.00 42.34 ? 45  G   A C6    1 
ATOM   58  O  O6    . G   A 1 3  ? 4.511   -5.565  -12.593 1.00 40.58 ? 45  G   A O6    1 
ATOM   59  N  N1    . G   A 1 3  ? 3.253   -5.119  -14.439 1.00 41.89 ? 45  G   A N1    1 
ATOM   60  C  C2    . G   A 1 3  ? 3.076   -4.653  -15.720 1.00 42.58 ? 45  G   A C2    1 
ATOM   61  N  N2    . G   A 1 3  ? 1.841   -4.752  -16.222 1.00 41.17 ? 45  G   A N2    1 
ATOM   62  N  N3    . G   A 1 3  ? 4.043   -4.130  -16.457 1.00 43.92 ? 45  G   A N3    1 
ATOM   63  C  C4    . G   A 1 3  ? 5.227   -4.106  -15.800 1.00 44.20 ? 45  G   A C4    1 
ATOM   64  P  P     . U   A 1 4  ? 7.401   1.614   -17.084 1.00 55.12 ? 46  U   A P     1 
ATOM   65  O  OP1   . U   A 1 4  ? 7.669   2.858   -17.855 1.00 55.60 ? 46  U   A OP1   1 
ATOM   66  O  OP2   . U   A 1 4  ? 8.051   1.409   -15.757 1.00 52.60 ? 46  U   A OP2   1 
ATOM   67  O  "O5'" . U   A 1 4  ? 5.824   1.488   -16.900 1.00 53.82 ? 46  U   A "O5'" 1 
ATOM   68  C  "C5'" . U   A 1 4  ? 4.950   1.547   -18.026 1.00 52.41 ? 46  U   A "C5'" 1 
ATOM   69  C  "C4'" . U   A 1 4  ? 3.516   1.323   -17.594 1.00 52.20 ? 46  U   A "C4'" 1 
ATOM   70  O  "O4'" . U   A 1 4  ? 3.328   -0.045  -17.146 1.00 50.54 ? 46  U   A "O4'" 1 
ATOM   71  C  "C3'" . U   A 1 4  ? 3.057   2.160   -16.417 1.00 52.06 ? 46  U   A "C3'" 1 
ATOM   72  O  "O3'" . U   A 1 4  ? 2.671   3.447   -16.873 1.00 53.82 ? 46  U   A "O3'" 1 
ATOM   73  C  "C2'" . U   A 1 4  ? 1.870   1.360   -15.897 1.00 50.44 ? 46  U   A "C2'" 1 
ATOM   74  O  "O2'" . U   A 1 4  ? 0.699   1.593   -16.647 1.00 52.52 ? 46  U   A "O2'" 1 
ATOM   75  C  "C1'" . U   A 1 4  ? 2.339   -0.079  -16.127 1.00 48.11 ? 46  U   A "C1'" 1 
ATOM   76  N  N1    . U   A 1 4  ? 2.904   -0.727  -14.932 1.00 44.85 ? 46  U   A N1    1 
ATOM   77  C  C2    . U   A 1 4  ? 2.055   -1.515  -14.166 1.00 44.53 ? 46  U   A C2    1 
ATOM   78  O  O2    . U   A 1 4  ? 0.876   -1.689  -14.436 1.00 46.27 ? 46  U   A O2    1 
ATOM   79  N  N3    . U   A 1 4  ? 2.635   -2.091  -13.064 1.00 41.98 ? 46  U   A N3    1 
ATOM   80  C  C4    . U   A 1 4  ? 3.939   -1.965  -12.651 1.00 40.90 ? 46  U   A C4    1 
ATOM   81  O  O4    . U   A 1 4  ? 4.303   -2.542  -11.627 1.00 38.75 ? 46  U   A O4    1 
ATOM   82  C  C5    . U   A 1 4  ? 4.755   -1.137  -13.492 1.00 40.93 ? 46  U   A C5    1 
ATOM   83  C  C6    . U   A 1 4  ? 4.225   -0.563  -14.574 1.00 42.26 ? 46  U   A C6    1 
ATOM   84  P  P     . G   A 1 5  ? 3.286   4.760   -16.178 1.00 55.19 ? 47  G   A P     1 
ATOM   85  O  OP1   . G   A 1 5  ? 2.599   5.913   -16.817 1.00 57.13 ? 47  G   A OP1   1 
ATOM   86  O  OP2   . G   A 1 5  ? 4.773   4.686   -16.189 1.00 54.90 ? 47  G   A OP2   1 
ATOM   87  O  "O5'" . G   A 1 5  ? 2.806   4.665   -14.663 1.00 54.50 ? 47  G   A "O5'" 1 
ATOM   88  C  "C5'" . G   A 1 5  ? 1.443   4.862   -14.329 1.00 52.61 ? 47  G   A "C5'" 1 
ATOM   89  C  "C4'" . G   A 1 5  ? 1.167   4.324   -12.956 1.00 52.20 ? 47  G   A "C4'" 1 
ATOM   90  O  "O4'" . G   A 1 5  ? 1.613   2.949   -12.916 1.00 51.24 ? 47  G   A "O4'" 1 
ATOM   91  C  "C3'" . G   A 1 5  ? 1.911   4.964   -11.796 1.00 53.31 ? 47  G   A "C3'" 1 
ATOM   92  O  "O3'" . G   A 1 5  ? 1.269   6.163   -11.362 1.00 55.24 ? 47  G   A "O3'" 1 
ATOM   93  C  "C2'" . G   A 1 5  ? 1.814   3.868   -10.746 1.00 53.51 ? 47  G   A "C2'" 1 
ATOM   94  O  "O2'" . G   A 1 5  ? 0.525   3.779   -10.165 1.00 55.79 ? 47  G   A "O2'" 1 
ATOM   95  C  "C1'" . G   A 1 5  ? 2.033   2.626   -11.603 1.00 51.83 ? 47  G   A "C1'" 1 
ATOM   96  N  N9    . G   A 1 5  ? 3.428   2.202   -11.645 1.00 50.18 ? 47  G   A N9    1 
ATOM   97  C  C8    . G   A 1 5  ? 4.367   2.517   -12.597 1.00 49.64 ? 47  G   A C8    1 
ATOM   98  N  N7    . G   A 1 5  ? 5.533   1.977   -12.362 1.00 49.84 ? 47  G   A N7    1 
ATOM   99  C  C5    . G   A 1 5  ? 5.352   1.263   -11.183 1.00 49.40 ? 47  G   A C5    1 
ATOM   100 C  C6    . G   A 1 5  ? 6.263   0.465   -10.440 1.00 48.96 ? 47  G   A C6    1 
ATOM   101 O  O6    . G   A 1 5  ? 7.451   0.218   -10.677 1.00 50.95 ? 47  G   A O6    1 
ATOM   102 N  N1    . G   A 1 5  ? 5.662   -0.075  -9.314  1.00 48.88 ? 47  G   A N1    1 
ATOM   103 C  C2    . G   A 1 5  ? 4.359   0.121   -8.941  1.00 48.19 ? 47  G   A C2    1 
ATOM   104 N  N2    . G   A 1 5  ? 3.975   -0.490  -7.808  1.00 47.68 ? 47  G   A N2    1 
ATOM   105 N  N3    . G   A 1 5  ? 3.499   0.858   -9.622  1.00 47.84 ? 47  G   A N3    1 
ATOM   106 C  C4    . G   A 1 5  ? 4.061   1.395   -10.726 1.00 49.00 ? 47  G   A C4    1 
ATOM   107 P  P     . A   A 1 6  ? 1.877   7.000   -10.123 1.00 56.84 ? 48  A   A P     1 
ATOM   108 O  OP1   . A   A 1 6  ? 1.433   8.414   -10.266 1.00 56.94 ? 48  A   A OP1   1 
ATOM   109 O  OP2   . A   A 1 6  ? 3.332   6.691   -9.993  1.00 55.13 ? 48  A   A OP2   1 
ATOM   110 O  "O5'" . A   A 1 6  ? 1.165   6.376   -8.840  1.00 54.41 ? 48  A   A "O5'" 1 
ATOM   111 C  "C5'" . A   A 1 6  ? -0.185  6.688   -8.510  1.00 49.86 ? 48  A   A "C5'" 1 
ATOM   112 C  "C4'" . A   A 1 6  ? -0.493  6.220   -7.105  1.00 48.36 ? 48  A   A "C4'" 1 
ATOM   113 O  "O4'" . A   A 1 6  ? -0.349  4.774   -7.032  1.00 46.96 ? 48  A   A "O4'" 1 
ATOM   114 C  "C3'" . A   A 1 6  ? 0.439   6.732   -6.019  1.00 48.96 ? 48  A   A "C3'" 1 
ATOM   115 O  "O3'" . A   A 1 6  ? 0.036   8.024   -5.575  1.00 50.70 ? 48  A   A "O3'" 1 
ATOM   116 C  "C2'" . A   A 1 6  ? 0.259   5.680   -4.933  1.00 47.59 ? 48  A   A "C2'" 1 
ATOM   117 O  "O2'" . A   A 1 6  ? -0.942  5.836   -4.215  1.00 50.91 ? 48  A   A "O2'" 1 
ATOM   118 C  "C1'" . A   A 1 6  ? 0.171   4.400   -5.763  1.00 45.29 ? 48  A   A "C1'" 1 
ATOM   119 N  N9    . A   A 1 6  ? 1.499   3.822   -5.948  1.00 43.13 ? 48  A   A N9    1 
ATOM   120 C  C8    . A   A 1 6  ? 2.312   3.898   -7.053  1.00 42.19 ? 48  A   A C8    1 
ATOM   121 N  N7    . A   A 1 6  ? 3.490   3.353   -6.878  1.00 41.92 ? 48  A   A N7    1 
ATOM   122 C  C5    . A   A 1 6  ? 3.443   2.863   -5.582  1.00 40.96 ? 48  A   A C5    1 
ATOM   123 C  C6    . A   A 1 6  ? 4.388   2.184   -4.795  1.00 41.36 ? 48  A   A C6    1 
ATOM   124 N  N6    . A   A 1 6  ? 5.612   1.862   -5.227  1.00 43.02 ? 48  A   A N6    1 
ATOM   125 N  N1    . A   A 1 6  ? 4.031   1.842   -3.535  1.00 39.52 ? 48  A   A N1    1 
ATOM   126 C  C2    . A   A 1 6  ? 2.809   2.165   -3.112  1.00 40.08 ? 48  A   A C2    1 
ATOM   127 N  N3    . A   A 1 6  ? 1.830   2.802   -3.758  1.00 41.26 ? 48  A   A N3    1 
ATOM   128 C  C4    . A   A 1 6  ? 2.217   3.129   -5.003  1.00 41.98 ? 48  A   A C4    1 
ATOM   129 P  P     . G   A 1 7  ? 1.143   9.101   -5.109  1.00 52.62 ? 49  G   A P     1 
ATOM   130 O  OP1   . G   A 1 7  ? 0.395   10.163  -4.390  1.00 52.63 ? 49  G   A OP1   1 
ATOM   131 O  OP2   . G   A 1 7  ? 1.999   9.469   -6.275  1.00 49.82 ? 49  G   A OP2   1 
ATOM   132 O  "O5'" . G   A 1 7  ? 2.031   8.331   -4.032  1.00 48.89 ? 49  G   A "O5'" 1 
ATOM   133 C  "C5'" . G   A 1 7  ? 1.536   8.132   -2.724  1.00 47.99 ? 49  G   A "C5'" 1 
ATOM   134 C  "C4'" . G   A 1 7  ? 2.375   7.127   -1.989  1.00 48.35 ? 49  G   A "C4'" 1 
ATOM   135 O  "O4'" . G   A 1 7  ? 2.624   6.004   -2.870  1.00 48.17 ? 49  G   A "O4'" 1 
ATOM   136 C  "C3'" . G   A 1 7  ? 3.770   7.552   -1.583  1.00 48.69 ? 49  G   A "C3'" 1 
ATOM   137 O  "O3'" . G   A 1 7  ? 3.757   8.293   -0.376  1.00 51.66 ? 49  G   A "O3'" 1 
ATOM   138 C  "C2'" . G   A 1 7  ? 4.420   6.199   -1.364  1.00 48.84 ? 49  G   A "C2'" 1 
ATOM   139 O  "O2'" . G   A 1 7  ? 3.964   5.573   -0.173  1.00 46.40 ? 49  G   A "O2'" 1 
ATOM   140 C  "C1'" . G   A 1 7  ? 3.899   5.448   -2.587  1.00 46.71 ? 49  G   A "C1'" 1 
ATOM   141 N  N9    . G   A 1 7  ? 4.750   5.644   -3.759  1.00 45.20 ? 49  G   A N9    1 
ATOM   142 C  C8    . G   A 1 7  ? 4.454   6.368   -4.890  1.00 45.13 ? 49  G   A C8    1 
ATOM   143 N  N7    . G   A 1 7  ? 5.416   6.358   -5.772  1.00 44.65 ? 49  G   A N7    1 
ATOM   144 C  C5    . G   A 1 7  ? 6.410   5.584   -5.189  1.00 43.83 ? 49  G   A C5    1 
ATOM   145 C  C6    . G   A 1 7  ? 7.690   5.218   -5.677  1.00 44.54 ? 49  G   A C6    1 
ATOM   146 O  O6    . G   A 1 7  ? 8.219   5.519   -6.766  1.00 44.94 ? 49  G   A O6    1 
ATOM   147 N  N1    . G   A 1 7  ? 8.375   4.419   -4.762  1.00 43.44 ? 49  G   A N1    1 
ATOM   148 C  C2    . G   A 1 7  ? 7.886   4.020   -3.540  1.00 43.05 ? 49  G   A C2    1 
ATOM   149 N  N2    . G   A 1 7  ? 8.687   3.239   -2.801  1.00 41.89 ? 49  G   A N2    1 
ATOM   150 N  N3    . G   A 1 7  ? 6.696   4.357   -3.075  1.00 43.90 ? 49  G   A N3    1 
ATOM   151 C  C4    . G   A 1 7  ? 6.016   5.135   -3.947  1.00 44.22 ? 49  G   A C4    1 
ATOM   152 P  P     . G   A 1 8  ? 4.894   9.400   -0.111  1.00 51.93 ? 50  G   A P     1 
ATOM   153 O  OP1   . G   A 1 8  ? 4.458   10.167  1.081   1.00 53.00 ? 50  G   A OP1   1 
ATOM   154 O  OP2   . G   A 1 8  ? 5.142   10.110  -1.401  1.00 50.90 ? 50  G   A OP2   1 
ATOM   155 O  "O5'" . G   A 1 8  ? 6.162   8.547   0.331   1.00 50.40 ? 50  G   A "O5'" 1 
ATOM   156 C  "C5'" . G   A 1 8  ? 6.098   7.766   1.519   1.00 50.93 ? 50  G   A "C5'" 1 
ATOM   157 C  "C4'" . G   A 1 8  ? 7.303   6.862   1.638   1.00 51.42 ? 50  G   A "C4'" 1 
ATOM   158 O  "O4'" . G   A 1 8  ? 7.406   6.027   0.449   1.00 50.55 ? 50  G   A "O4'" 1 
ATOM   159 C  "C3'" . G   A 1 8  ? 8.658   7.544   1.711   1.00 51.35 ? 50  G   A "C3'" 1 
ATOM   160 O  "O3'" . G   A 1 8  ? 8.942   8.033   3.019   1.00 51.38 ? 50  G   A "O3'" 1 
ATOM   161 C  "C2'" . G   A 1 8  ? 9.587   6.413   1.292   1.00 49.82 ? 50  G   A "C2'" 1 
ATOM   162 O  "O2'" . G   A 1 8  ? 9.780   5.470   2.330   1.00 48.94 ? 50  G   A "O2'" 1 
ATOM   163 C  "C1'" . G   A 1 8  ? 8.773   5.776   0.164   1.00 47.98 ? 50  G   A "C1'" 1 
ATOM   164 N  N9    . G   A 1 8  ? 9.077   6.313   -1.161  1.00 44.20 ? 50  G   A N9    1 
ATOM   165 C  C8    . G   A 1 8  ? 8.249   7.051   -1.982  1.00 42.93 ? 50  G   A C8    1 
ATOM   166 N  N7    . G   A 1 8  ? 8.799   7.347   -3.134  1.00 41.75 ? 50  G   A N7    1 
ATOM   167 C  C5    . G   A 1 8  ? 10.070  6.781   -3.064  1.00 41.48 ? 50  G   A C5    1 
ATOM   168 C  C6    . G   A 1 8  ? 11.133  6.768   -4.014  1.00 38.68 ? 50  G   A C6    1 
ATOM   169 O  O6    . G   A 1 8  ? 11.163  7.262   -5.142  1.00 36.51 ? 50  G   A O6    1 
ATOM   170 N  N1    . G   A 1 8  ? 12.245  6.092   -3.527  1.00 37.48 ? 50  G   A N1    1 
ATOM   171 C  C2    . G   A 1 8  ? 12.333  5.497   -2.292  1.00 40.04 ? 50  G   A C2    1 
ATOM   172 N  N2    . G   A 1 8  ? 13.497  4.894   -2.005  1.00 39.41 ? 50  G   A N2    1 
ATOM   173 N  N3    . G   A 1 8  ? 11.354  5.492   -1.400  1.00 40.92 ? 50  G   A N3    1 
ATOM   174 C  C4    . G   A 1 8  ? 10.260  6.148   -1.850  1.00 42.50 ? 50  G   A C4    1 
ATOM   175 P  P     . C   A 1 9  ? 9.669   9.461   3.184   1.00 51.94 ? 51  C   A P     1 
ATOM   176 O  OP1   . C   A 1 9  ? 9.577   9.864   4.613   1.00 50.23 ? 51  C   A OP1   1 
ATOM   177 O  OP2   . C   A 1 9  ? 9.158   10.374  2.118   1.00 49.11 ? 51  C   A OP2   1 
ATOM   178 O  "O5'" . C   A 1 9  ? 11.188  9.149   2.821   1.00 50.68 ? 51  C   A "O5'" 1 
ATOM   179 C  "C5'" . C   A 1 9  ? 11.934  8.199   3.575   1.00 48.77 ? 51  C   A "C5'" 1 
ATOM   180 C  "C4'" . C   A 1 9  ? 13.271  7.943   2.921   1.00 46.69 ? 51  C   A "C4'" 1 
ATOM   181 O  "O4'" . C   A 1 9  ? 13.075  7.308   1.632   1.00 46.17 ? 51  C   A "O4'" 1 
ATOM   182 C  "C3'" . C   A 1 9  ? 14.081  9.172   2.561   1.00 46.07 ? 51  C   A "C3'" 1 
ATOM   183 O  "O3'" . C   A 1 9  ? 14.742  9.712   3.689   1.00 46.49 ? 51  C   A "O3'" 1 
ATOM   184 C  "C2'" . C   A 1 9  ? 15.054  8.601   1.543   1.00 44.75 ? 51  C   A "C2'" 1 
ATOM   185 O  "O2'" . C   A 1 9  ? 16.076  7.840   2.152   1.00 43.23 ? 51  C   A "O2'" 1 
ATOM   186 C  "C1'" . C   A 1 9  ? 14.128  7.677   0.753   1.00 42.87 ? 51  C   A "C1'" 1 
ATOM   187 N  N1    . C   A 1 9  ? 13.548  8.313   -0.444  1.00 39.24 ? 51  C   A N1    1 
ATOM   188 C  C2    . C   A 1 9  ? 14.341  8.436   -1.593  1.00 38.37 ? 51  C   A C2    1 
ATOM   189 O  O2    . C   A 1 9  ? 15.501  8.015   -1.569  1.00 40.80 ? 51  C   A O2    1 
ATOM   190 N  N3    . C   A 1 9  ? 13.825  9.008   -2.700  1.00 37.86 ? 51  C   A N3    1 
ATOM   191 C  C4    . C   A 1 9  ? 12.570  9.451   -2.698  1.00 38.12 ? 51  C   A C4    1 
ATOM   192 N  N4    . C   A 1 9  ? 12.100  10.003  -3.825  1.00 36.45 ? 51  C   A N4    1 
ATOM   193 C  C5    . C   A 1 9  ? 11.736  9.347   -1.542  1.00 38.69 ? 51  C   A C5    1 
ATOM   194 C  C6    . C   A 1 9  ? 12.263  8.776   -0.447  1.00 38.20 ? 51  C   A C6    1 
ATOM   195 P  P     . U   A 1 10 ? 15.033  11.291  3.752   1.00 47.57 ? 52  U   A P     1 
ATOM   196 O  OP1   . U   A 1 10 ? 15.610  11.530  5.103   1.00 45.36 ? 52  U   A OP1   1 
ATOM   197 O  OP2   . U   A 1 10 ? 13.835  12.058  3.303   1.00 45.64 ? 52  U   A OP2   1 
ATOM   198 O  "O5'" . U   A 1 10 ? 16.132  11.532  2.623   1.00 46.76 ? 52  U   A "O5'" 1 
ATOM   199 C  "C5'" . U   A 1 10 ? 17.458  11.018  2.744   1.00 44.43 ? 52  U   A "C5'" 1 
ATOM   200 C  "C4'" . U   A 1 10 ? 18.278  11.454  1.558   1.00 43.83 ? 52  U   A "C4'" 1 
ATOM   201 O  "O4'" . U   A 1 10 ? 17.741  10.847  0.355   1.00 44.02 ? 52  U   A "O4'" 1 
ATOM   202 C  "C3'" . U   A 1 10 ? 18.210  12.938  1.247   1.00 44.59 ? 52  U   A "C3'" 1 
ATOM   203 O  "O3'" . U   A 1 10 ? 19.085  13.692  2.061   1.00 46.07 ? 52  U   A "O3'" 1 
ATOM   204 C  "C2'" . U   A 1 10 ? 18.606  12.986  -0.219  1.00 43.61 ? 52  U   A "C2'" 1 
ATOM   205 O  "O2'" . U   A 1 10 ? 20.000  12.887  -0.427  1.00 43.81 ? 52  U   A "O2'" 1 
ATOM   206 C  "C1'" . U   A 1 10 ? 17.913  11.732  -0.747  1.00 43.23 ? 52  U   A "C1'" 1 
ATOM   207 N  N1    . U   A 1 10 ? 16.599  12.015  -1.347  1.00 42.20 ? 52  U   A N1    1 
ATOM   208 C  C2    . U   A 1 10 ? 16.566  12.390  -2.688  1.00 42.54 ? 52  U   A C2    1 
ATOM   209 O  O2    . U   A 1 10 ? 17.569  12.512  -3.379  1.00 42.56 ? 52  U   A O2    1 
ATOM   210 N  N3    . U   A 1 10 ? 15.313  12.624  -3.188  1.00 42.03 ? 52  U   A N3    1 
ATOM   211 C  C4    . U   A 1 10 ? 14.115  12.534  -2.513  1.00 42.91 ? 52  U   A C4    1 
ATOM   212 O  O4    . U   A 1 10 ? 13.065  12.766  -3.114  1.00 43.45 ? 52  U   A O4    1 
ATOM   213 C  C5    . U   A 1 10 ? 14.231  12.151  -1.138  1.00 42.49 ? 52  U   A C5    1 
ATOM   214 C  C6    . U   A 1 10 ? 15.436  11.911  -0.616  1.00 42.30 ? 52  U   A C6    1 
ATOM   215 P  P     . G   A 1 11 ? 18.785  15.249  2.307   1.00 46.43 ? 53  G   A P     1 
ATOM   216 O  OP1   . G   A 1 11 ? 19.822  15.713  3.269   1.00 45.60 ? 53  G   A OP1   1 
ATOM   217 O  OP2   . G   A 1 11 ? 17.345  15.415  2.641   1.00 44.06 ? 53  G   A OP2   1 
ATOM   218 O  "O5'" . G   A 1 11 ? 19.043  15.907  0.879   1.00 41.79 ? 53  G   A "O5'" 1 
ATOM   219 C  "C5'" . G   A 1 11 ? 20.365  16.098  0.414   1.00 41.01 ? 53  G   A "C5'" 1 
ATOM   220 C  "C4'" . G   A 1 11 ? 20.353  16.603  -0.999  1.00 40.77 ? 53  G   A "C4'" 1 
ATOM   221 O  "O4'" . G   A 1 11 ? 19.585  15.680  -1.802  1.00 41.92 ? 53  G   A "O4'" 1 
ATOM   222 C  "C3'" . G   A 1 11 ? 19.664  17.931  -1.236  1.00 40.44 ? 53  G   A "C3'" 1 
ATOM   223 O  "O3'" . G   A 1 11 ? 20.502  19.026  -0.898  1.00 41.55 ? 53  G   A "O3'" 1 
ATOM   224 C  "C2'" . G   A 1 11 ? 19.348  17.860  -2.723  1.00 40.87 ? 53  G   A "C2'" 1 
ATOM   225 O  "O2'" . G   A 1 11 ? 20.445  18.195  -3.548  1.00 41.16 ? 53  G   A "O2'" 1 
ATOM   226 C  "C1'" . G   A 1 11 ? 18.995  16.377  -2.885  1.00 39.99 ? 53  G   A "C1'" 1 
ATOM   227 N  N9    . G   A 1 11 ? 17.554  16.142  -2.859  1.00 37.53 ? 53  G   A N9    1 
ATOM   228 C  C8    . G   A 1 11 ? 16.768  15.782  -1.781  1.00 36.45 ? 53  G   A C8    1 
ATOM   229 N  N7    . G   A 1 11 ? 15.500  15.697  -2.082  1.00 34.65 ? 53  G   A N7    1 
ATOM   230 C  C5    . G   A 1 11 ? 15.451  16.009  -3.437  1.00 33.62 ? 53  G   A C5    1 
ATOM   231 C  C6    . G   A 1 11 ? 14.350  16.089  -4.319  1.00 32.19 ? 53  G   A C6    1 
ATOM   232 O  O6    . G   A 1 11 ? 13.152  15.894  -4.071  1.00 32.41 ? 53  G   A O6    1 
ATOM   233 N  N1    . G   A 1 11 ? 14.752  16.440  -5.606  1.00 30.82 ? 53  G   A N1    1 
ATOM   234 C  C2    . G   A 1 11 ? 16.052  16.680  -5.993  1.00 31.83 ? 53  G   A C2    1 
ATOM   235 N  N2    . G   A 1 11 ? 16.254  17.013  -7.276  1.00 30.70 ? 53  G   A N2    1 
ATOM   236 N  N3    . G   A 1 11 ? 17.082  16.604  -5.181  1.00 32.04 ? 53  G   A N3    1 
ATOM   237 C  C4    . G   A 1 11 ? 16.713  16.270  -3.928  1.00 34.24 ? 53  G   A C4    1 
ATOM   238 O  "O5'" . C   B 2 1  ? 4.767   16.727  -9.956  1.00 53.42 ? -6  C   B "O5'" 1 
ATOM   239 C  "C5'" . C   B 2 1  ? 4.578   17.425  -11.184 1.00 53.16 ? -6  C   B "C5'" 1 
ATOM   240 C  "C4'" . C   B 2 1  ? 5.786   18.265  -11.514 1.00 54.27 ? -6  C   B "C4'" 1 
ATOM   241 O  "O4'" . C   B 2 1  ? 5.984   19.263  -10.476 1.00 53.77 ? -6  C   B "O4'" 1 
ATOM   242 C  "C3'" . C   B 2 1  ? 7.107   17.512  -11.562 1.00 54.95 ? -6  C   B "C3'" 1 
ATOM   243 O  "O3'" . C   B 2 1  ? 7.306   16.910  -12.837 1.00 58.11 ? -6  C   B "O3'" 1 
ATOM   244 C  "C2'" . C   B 2 1  ? 8.116   18.624  -11.308 1.00 53.40 ? -6  C   B "C2'" 1 
ATOM   245 O  "O2'" . C   B 2 1  ? 8.378   19.401  -12.461 1.00 53.24 ? -6  C   B "O2'" 1 
ATOM   246 C  "C1'" . C   B 2 1  ? 7.374   19.468  -10.272 1.00 51.19 ? -6  C   B "C1'" 1 
ATOM   247 N  N1    . C   B 2 1  ? 7.704   19.096  -8.886  1.00 47.59 ? -6  C   B N1    1 
ATOM   248 C  C2    . C   B 2 1  ? 8.957   19.455  -8.370  1.00 47.27 ? -6  C   B C2    1 
ATOM   249 O  O2    . C   B 2 1  ? 9.761   20.059  -9.108  1.00 45.86 ? -6  C   B O2    1 
ATOM   250 N  N3    . C   B 2 1  ? 9.260   19.135  -7.085  1.00 46.13 ? -6  C   B N3    1 
ATOM   251 C  C4    . C   B 2 1  ? 8.366   18.480  -6.331  1.00 45.66 ? -6  C   B C4    1 
ATOM   252 N  N4    . C   B 2 1  ? 8.698   18.185  -5.070  1.00 43.95 ? -6  C   B N4    1 
ATOM   253 C  C5    . C   B 2 1  ? 7.091   18.097  -6.838  1.00 45.28 ? -6  C   B C5    1 
ATOM   254 C  C6    . C   B 2 1  ? 6.806   18.420  -8.105  1.00 46.05 ? -6  C   B C6    1 
ATOM   255 P  P     . C   B 2 2  ? 8.197   15.576  -12.955 1.00 58.96 ? -5  C   B P     1 
ATOM   256 O  OP1   . C   B 2 2  ? 7.989   15.010  -14.319 1.00 58.16 ? -5  C   B OP1   1 
ATOM   257 O  OP2   . C   B 2 2  ? 7.895   14.749  -11.744 1.00 56.04 ? -5  C   B OP2   1 
ATOM   258 O  "O5'" . C   B 2 2  ? 9.697   16.106  -12.872 1.00 57.30 ? -5  C   B "O5'" 1 
ATOM   259 C  "C5'" . C   B 2 2  ? 10.232  16.958  -13.887 1.00 54.64 ? -5  C   B "C5'" 1 
ATOM   260 C  "C4'" . C   B 2 2  ? 11.663  17.322  -13.564 1.00 53.28 ? -5  C   B "C4'" 1 
ATOM   261 O  "O4'" . C   B 2 2  ? 11.699  18.096  -12.334 1.00 51.84 ? -5  C   B "O4'" 1 
ATOM   262 C  "C3'" . C   B 2 2  ? 12.594  16.156  -13.273 1.00 53.27 ? -5  C   B "C3'" 1 
ATOM   263 O  "O3'" . C   B 2 2  ? 13.079  15.569  -14.470 1.00 55.03 ? -5  C   B "O3'" 1 
ATOM   264 C  "C2'" . C   B 2 2  ? 13.703  16.824  -12.471 1.00 51.17 ? -5  C   B "C2'" 1 
ATOM   265 O  "O2'" . C   B 2 2  ? 14.613  17.534  -13.297 1.00 50.20 ? -5  C   B "O2'" 1 
ATOM   266 C  "C1'" . C   B 2 2  ? 12.896  17.806  -11.616 1.00 48.28 ? -5  C   B "C1'" 1 
ATOM   267 N  N1    . C   B 2 2  ? 12.536  17.318  -10.260 1.00 42.59 ? -5  C   B N1    1 
ATOM   268 C  C2    . C   B 2 2  ? 13.522  17.311  -9.254  1.00 40.43 ? -5  C   B C2    1 
ATOM   269 O  O2    . C   B 2 2  ? 14.668  17.707  -9.526  1.00 42.69 ? -5  C   B O2    1 
ATOM   270 N  N3    . C   B 2 2  ? 13.198  16.879  -8.012  1.00 37.38 ? -5  C   B N3    1 
ATOM   271 C  C4    . C   B 2 2  ? 11.956  16.468  -7.753  1.00 38.33 ? -5  C   B C4    1 
ATOM   272 N  N4    . C   B 2 2  ? 11.678  16.047  -6.512  1.00 35.49 ? -5  C   B N4    1 
ATOM   273 C  C5    . C   B 2 2  ? 10.935  16.468  -8.754  1.00 38.33 ? -5  C   B C5    1 
ATOM   274 C  C6    . C   B 2 2  ? 11.268  16.891  -9.980  1.00 39.72 ? -5  C   B C6    1 
ATOM   275 P  P     . A   B 2 3  ? 13.558  14.034  -14.459 1.00 57.35 ? -4  A   B P     1 
ATOM   276 O  OP1   . A   B 2 3  ? 14.058  13.736  -15.832 1.00 57.58 ? -4  A   B OP1   1 
ATOM   277 O  OP2   . A   B 2 3  ? 12.484  13.183  -13.864 1.00 54.79 ? -4  A   B OP2   1 
ATOM   278 O  "O5'" . A   B 2 3  ? 14.788  14.041  -13.443 1.00 54.08 ? -4  A   B "O5'" 1 
ATOM   279 C  "C5'" . A   B 2 3  ? 15.991  14.736  -13.756 1.00 50.34 ? -4  A   B "C5'" 1 
ATOM   280 C  "C4'" . A   B 2 3  ? 16.973  14.600  -12.622 1.00 47.74 ? -4  A   B "C4'" 1 
ATOM   281 O  "O4'" . A   B 2 3  ? 16.389  15.174  -11.429 1.00 45.66 ? -4  A   B "O4'" 1 
ATOM   282 C  "C3'" . A   B 2 3  ? 17.278  13.175  -12.205 1.00 47.47 ? -4  A   B "C3'" 1 
ATOM   283 O  "O3'" . A   B 2 3  ? 18.259  12.604  -13.052 1.00 50.50 ? -4  A   B "O3'" 1 
ATOM   284 C  "C2'" . A   B 2 3  ? 17.753  13.334  -10.761 1.00 45.16 ? -4  A   B "C2'" 1 
ATOM   285 O  "O2'" . A   B 2 3  ? 19.126  13.648  -10.587 1.00 44.21 ? -4  A   B "O2'" 1 
ATOM   286 C  "C1'" . A   B 2 3  ? 16.882  14.497  -10.287 1.00 40.94 ? -4  A   B "C1'" 1 
ATOM   287 N  N9    . A   B 2 3  ? 15.752  14.103  -9.451  1.00 34.03 ? -4  A   B N9    1 
ATOM   288 C  C8    . A   B 2 3  ? 14.422  13.989  -9.773  1.00 31.63 ? -4  A   B C8    1 
ATOM   289 N  N7    . A   B 2 3  ? 13.662  13.659  -8.756  1.00 29.17 ? -4  A   B N7    1 
ATOM   290 C  C5    . A   B 2 3  ? 14.555  13.538  -7.701  1.00 27.73 ? -4  A   B C5    1 
ATOM   291 C  C6    . A   B 2 3  ? 14.380  13.220  -6.342  1.00 27.07 ? -4  A   B C6    1 
ATOM   292 N  N6    . A   B 2 3  ? 13.198  12.964  -5.782  1.00 27.07 ? -4  A   B N6    1 
ATOM   293 N  N1    . A   B 2 3  ? 15.479  13.177  -5.566  1.00 25.60 ? -4  A   B N1    1 
ATOM   294 C  C2    . A   B 2 3  ? 16.661  13.447  -6.118  1.00 28.55 ? -4  A   B C2    1 
ATOM   295 N  N3    . A   B 2 3  ? 16.953  13.768  -7.377  1.00 27.30 ? -4  A   B N3    1 
ATOM   296 C  C4    . A   B 2 3  ? 15.842  13.795  -8.120  1.00 29.46 ? -4  A   B C4    1 
ATOM   297 P  P     . G   B 2 4  ? 18.210  11.032  -13.366 1.00 53.00 ? -3  G   B P     1 
ATOM   298 O  OP1   . G   B 2 4  ? 19.178  10.804  -14.479 1.00 51.53 ? -3  G   B OP1   1 
ATOM   299 O  OP2   . G   B 2 4  ? 16.783  10.627  -13.526 1.00 51.56 ? -3  G   B OP2   1 
ATOM   300 O  "O5'" . G   B 2 4  ? 18.769  10.362  -12.031 1.00 51.07 ? -3  G   B "O5'" 1 
ATOM   301 C  "C5'" . G   B 2 4  ? 20.125  10.551  -11.647 1.00 48.68 ? -3  G   B "C5'" 1 
ATOM   302 C  "C4'" . G   B 2 4  ? 20.354  10.015  -10.264 1.00 46.89 ? -3  G   B "C4'" 1 
ATOM   303 O  "O4'" . G   B 2 4  ? 19.731  10.882  -9.282  1.00 46.70 ? -3  G   B "O4'" 1 
ATOM   304 C  "C3'" . G   B 2 4  ? 19.734  8.664   -9.984  1.00 47.00 ? -3  G   B "C3'" 1 
ATOM   305 O  "O3'" . G   B 2 4  ? 20.497  7.616   -10.553 1.00 49.54 ? -3  G   B "O3'" 1 
ATOM   306 C  "C2'" . G   B 2 4  ? 19.702  8.658   -8.459  1.00 46.08 ? -3  G   B "C2'" 1 
ATOM   307 O  "O2'" . G   B 2 4  ? 20.951  8.377   -7.844  1.00 45.98 ? -3  G   B "O2'" 1 
ATOM   308 C  "C1'" . G   B 2 4  ? 19.283  10.104  -8.176  1.00 44.35 ? -3  G   B "C1'" 1 
ATOM   309 N  N9    . G   B 2 4  ? 17.830  10.224  -8.083  1.00 40.80 ? -3  G   B N9    1 
ATOM   310 C  C8    . G   B 2 4  ? 16.958  10.548  -9.095  1.00 39.86 ? -3  G   B C8    1 
ATOM   311 N  N7    . G   B 2 4  ? 15.709  10.534  -8.718  1.00 39.16 ? -3  G   B N7    1 
ATOM   312 C  C5    . G   B 2 4  ? 15.757  10.186  -7.379  1.00 36.74 ? -3  G   B C5    1 
ATOM   313 C  C6    . G   B 2 4  ? 14.719  10.004  -6.455  1.00 36.35 ? -3  G   B C6    1 
ATOM   314 O  O6    . G   B 2 4  ? 13.503  10.122  -6.638  1.00 39.74 ? -3  G   B O6    1 
ATOM   315 N  N1    . G   B 2 4  ? 15.204  9.649   -5.201  1.00 34.48 ? -3  G   B N1    1 
ATOM   316 C  C2    . G   B 2 4  ? 16.526  9.490   -4.882  1.00 34.04 ? -3  G   B C2    1 
ATOM   317 N  N2    . G   B 2 4  ? 16.797  9.138   -3.618  1.00 30.60 ? -3  G   B N2    1 
ATOM   318 N  N3    . G   B 2 4  ? 17.512  9.658   -5.743  1.00 35.25 ? -3  G   B N3    1 
ATOM   319 C  C4    . G   B 2 4  ? 17.058  10.002  -6.966  1.00 37.71 ? -3  G   B C4    1 
ATOM   320 P  P     . U   B 2 5  ? 19.881  6.132   -10.628 1.00 51.56 ? -2  U   B P     1 
ATOM   321 O  OP1   . U   B 2 5  ? 20.887  5.280   -11.310 1.00 51.16 ? -2  U   B OP1   1 
ATOM   322 O  OP2   . U   B 2 5  ? 18.493  6.213   -11.169 1.00 51.21 ? -2  U   B OP2   1 
ATOM   323 O  "O5'" . U   B 2 5  ? 19.810  5.703   -9.096  1.00 49.02 ? -2  U   B "O5'" 1 
ATOM   324 C  "C5'" . U   B 2 5  ? 18.871  4.752   -8.646  1.00 47.54 ? -2  U   B "C5'" 1 
ATOM   325 C  "C4'" . U   B 2 5  ? 18.686  4.867   -7.156  1.00 47.44 ? -2  U   B "C4'" 1 
ATOM   326 O  "O4'" . U   B 2 5  ? 18.157  6.178   -6.830  1.00 48.59 ? -2  U   B "O4'" 1 
ATOM   327 C  "C3'" . U   B 2 5  ? 17.671  3.878   -6.620  1.00 47.41 ? -2  U   B "C3'" 1 
ATOM   328 O  "O3'" . U   B 2 5  ? 18.360  2.691   -6.257  1.00 49.45 ? -2  U   B "O3'" 1 
ATOM   329 C  "C2'" . U   B 2 5  ? 17.081  4.610   -5.425  1.00 46.26 ? -2  U   B "C2'" 1 
ATOM   330 O  "O2'" . U   B 2 5  ? 17.902  4.519   -4.281  1.00 45.09 ? -2  U   B "O2'" 1 
ATOM   331 C  "C1'" . U   B 2 5  ? 17.058  6.051   -5.941  1.00 45.77 ? -2  U   B "C1'" 1 
ATOM   332 N  N1    . U   B 2 5  ? 15.835  6.450   -6.669  1.00 44.14 ? -2  U   B N1    1 
ATOM   333 C  C2    . U   B 2 5  ? 14.633  6.536   -5.964  1.00 42.49 ? -2  U   B C2    1 
ATOM   334 O  O2    . U   B 2 5  ? 14.533  6.285   -4.767  1.00 42.12 ? -2  U   B O2    1 
ATOM   335 N  N3    . U   B 2 5  ? 13.550  6.930   -6.719  1.00 40.29 ? -2  U   B N3    1 
ATOM   336 C  C4    . U   B 2 5  ? 13.535  7.238   -8.066  1.00 40.65 ? -2  U   B C4    1 
ATOM   337 O  O4    . U   B 2 5  ? 12.480  7.583   -8.603  1.00 39.71 ? -2  U   B O4    1 
ATOM   338 C  C5    . U   B 2 5  ? 14.802  7.124   -8.715  1.00 41.94 ? -2  U   B C5    1 
ATOM   339 C  C6    . U   B 2 5  ? 15.879  6.743   -8.019  1.00 43.10 ? -2  U   B C6    1 
ATOM   340 P  P     . C   B 2 6  ? 17.645  1.269   -6.433  1.00 49.25 ? -1  C   B P     1 
ATOM   341 O  OP1   . C   B 2 6  ? 18.688  0.230   -6.244  1.00 48.08 ? -1  C   B OP1   1 
ATOM   342 O  OP2   . C   B 2 6  ? 16.865  1.320   -7.706  1.00 46.75 ? -1  C   B OP2   1 
ATOM   343 O  "O5'" . C   B 2 6  ? 16.645  1.197   -5.195  1.00 46.98 ? -1  C   B "O5'" 1 
ATOM   344 C  "C5'" . C   B 2 6  ? 17.122  1.394   -3.866  1.00 45.27 ? -1  C   B "C5'" 1 
ATOM   345 C  "C4'" . C   B 2 6  ? 15.987  1.285   -2.870  1.00 43.99 ? -1  C   B "C4'" 1 
ATOM   346 O  "O4'" . C   B 2 6  ? 14.992  2.304   -3.174  1.00 43.13 ? -1  C   B "O4'" 1 
ATOM   347 C  "C3'" . C   B 2 6  ? 15.265  -0.051  -3.029  1.00 43.94 ? -1  C   B "C3'" 1 
ATOM   348 O  "O3'" . C   B 2 6  ? 15.147  -0.844  -1.850  1.00 44.18 ? -1  C   B "O3'" 1 
ATOM   349 C  "C2'" . C   B 2 6  ? 14.031  0.220   -3.886  1.00 42.70 ? -1  C   B "C2'" 1 
ATOM   350 O  "O2'" . C   B 2 6  ? 12.851  -0.447  -3.501  1.00 46.59 ? -1  C   B "O2'" 1 
ATOM   351 C  "C1'" . C   B 2 6  ? 13.792  1.696   -3.601  1.00 39.90 ? -1  C   B "C1'" 1 
ATOM   352 N  N1    . C   B 2 6  ? 13.153  2.468   -4.670  1.00 34.64 ? -1  C   B N1    1 
ATOM   353 C  C2    . C   B 2 6  ? 11.831  2.885   -4.469  1.00 33.21 ? -1  C   B C2    1 
ATOM   354 O  O2    . C   B 2 6  ? 11.276  2.614   -3.384  1.00 30.80 ? -1  C   B O2    1 
ATOM   355 N  N3    . C   B 2 6  ? 11.192  3.566   -5.453  1.00 31.47 ? -1  C   B N3    1 
ATOM   356 C  C4    . C   B 2 6  ? 11.828  3.828   -6.598  1.00 31.90 ? -1  C   B C4    1 
ATOM   357 N  N4    . C   B 2 6  ? 11.165  4.489   -7.548  1.00 30.64 ? -1  C   B N4    1 
ATOM   358 C  C5    . C   B 2 6  ? 13.179  3.422   -6.822  1.00 32.56 ? -1  C   B C5    1 
ATOM   359 C  C6    . C   B 2 6  ? 13.798  2.755   -5.836  1.00 33.32 ? -1  C   B C6    1 
ATOM   360 P  P     . G   B 2 7  ? 12.070  -1.365  -4.567  1.00 46.86 ? 1   G   B P     1 
ATOM   361 O  OP1   . G   B 2 7  ? 12.172  -0.742  -5.915  1.00 45.75 ? 1   G   B OP1   1 
ATOM   362 O  OP2   . G   B 2 7  ? 12.527  -2.762  -4.363  1.00 47.67 ? 1   G   B OP2   1 
ATOM   363 O  "O5'" . G   B 2 7  ? 10.546  -1.256  -4.121  1.00 47.33 ? 1   G   B "O5'" 1 
ATOM   364 C  "C5'" . G   B 2 7  ? 9.903   0.012   -4.085  1.00 45.66 ? 1   G   B "C5'" 1 
ATOM   365 C  "C4'" . G   B 2 7  ? 8.496   -0.073  -4.634  1.00 45.27 ? 1   G   B "C4'" 1 
ATOM   366 O  "O4'" . G   B 2 7  ? 8.309   1.014   -5.567  1.00 43.82 ? 1   G   B "O4'" 1 
ATOM   367 C  "C3'" . G   B 2 7  ? 8.189   -1.352  -5.415  1.00 45.75 ? 1   G   B "C3'" 1 
ATOM   368 O  "O3'" . G   B 2 7  ? 6.909   -1.844  -4.997  1.00 46.73 ? 1   G   B "O3'" 1 
ATOM   369 C  "C2'" . G   B 2 7  ? 8.408   -0.998  -6.886  1.00 44.86 ? 1   G   B "C2'" 1 
ATOM   370 O  "O2'" . G   B 2 7  ? 7.467   -1.543  -7.783  1.00 45.99 ? 1   G   B "O2'" 1 
ATOM   371 C  "C1'" . G   B 2 7  ? 8.179   0.507   -6.865  1.00 43.98 ? 1   G   B "C1'" 1 
ATOM   372 N  N9    . G   B 2 7  ? 8.917   1.338   -7.797  1.00 43.27 ? 1   G   B N9    1 
ATOM   373 C  C8    . G   B 2 7  ? 10.230  1.250   -8.185  1.00 43.53 ? 1   G   B C8    1 
ATOM   374 N  N7    . G   B 2 7  ? 10.542  2.116   -9.112  1.00 43.60 ? 1   G   B N7    1 
ATOM   375 C  C5    . G   B 2 7  ? 9.366   2.822   -9.327  1.00 43.39 ? 1   G   B C5    1 
ATOM   376 C  C6    . G   B 2 7  ? 9.073   3.882   -10.220 1.00 44.06 ? 1   G   B C6    1 
ATOM   377 O  O6    . G   B 2 7  ? 9.823   4.437   -11.048 1.00 45.75 ? 1   G   B O6    1 
ATOM   378 N  N1    . G   B 2 7  ? 7.750   4.294   -10.097 1.00 43.20 ? 1   G   B N1    1 
ATOM   379 C  C2    . G   B 2 7  ? 6.832   3.761   -9.236  1.00 42.26 ? 1   G   B C2    1 
ATOM   380 N  N2    . G   B 2 7  ? 5.601   4.287   -9.267  1.00 43.90 ? 1   G   B N2    1 
ATOM   381 N  N3    . G   B 2 7  ? 7.093   2.782   -8.407  1.00 42.44 ? 1   G   B N3    1 
ATOM   382 C  C4    . G   B 2 7  ? 8.366   2.361   -8.507  1.00 43.02 ? 1   G   B C4    1 
ATOM   383 P  P     . G   B 2 8  ? 6.264   -3.178  -5.635  1.00 46.72 ? 2   G   B P     1 
ATOM   384 O  OP1   . G   B 2 8  ? 7.252   -4.288  -5.591  1.00 47.69 ? 2   G   B OP1   1 
ATOM   385 O  OP2   . G   B 2 8  ? 5.567   -2.858  -6.918  1.00 45.28 ? 2   G   B OP2   1 
ATOM   386 O  "O5'" . G   B 2 8  ? 5.142   -3.497  -4.557  1.00 43.74 ? 2   G   B "O5'" 1 
ATOM   387 C  "C5'" . G   B 2 8  ? 5.459   -3.451  -3.174  1.00 40.91 ? 2   G   B "C5'" 1 
ATOM   388 C  "C4'" . G   B 2 8  ? 4.230   -3.140  -2.360  1.00 39.45 ? 2   G   B "C4'" 1 
ATOM   389 O  "O4'" . G   B 2 8  ? 3.860   -1.746  -2.498  1.00 39.55 ? 2   G   B "O4'" 1 
ATOM   390 C  "C3'" . G   B 2 8  ? 2.987   -3.908  -2.749  1.00 38.08 ? 2   G   B "C3'" 1 
ATOM   391 O  "O3'" . G   B 2 8  ? 3.019   -5.198  -2.173  1.00 38.02 ? 2   G   B "O3'" 1 
ATOM   392 C  "C2'" . G   B 2 8  ? 1.883   -3.033  -2.170  1.00 39.37 ? 2   G   B "C2'" 1 
ATOM   393 O  "O2'" . G   B 2 8  ? 1.681   -3.243  -0.785  1.00 39.36 ? 2   G   B "O2'" 1 
ATOM   394 C  "C1'" . G   B 2 8  ? 2.447   -1.629  -2.428  1.00 39.05 ? 2   G   B "C1'" 1 
ATOM   395 N  N9    . G   B 2 8  ? 1.980   -1.039  -3.682  1.00 37.58 ? 2   G   B N9    1 
ATOM   396 C  C8    . G   B 2 8  ? 2.731   -0.767  -4.802  1.00 35.76 ? 2   G   B C8    1 
ATOM   397 N  N7    . G   B 2 8  ? 2.038   -0.224  -5.764  1.00 35.32 ? 2   G   B N7    1 
ATOM   398 C  C5    . G   B 2 8  ? 0.751   -0.136  -5.254  1.00 36.87 ? 2   G   B C5    1 
ATOM   399 C  C6    . G   B 2 8  ? -0.434  0.375   -5.843  1.00 37.50 ? 2   G   B C6    1 
ATOM   400 O  O6    . G   B 2 8  ? -0.583  0.871   -6.976  1.00 38.57 ? 2   G   B O6    1 
ATOM   401 N  N1    . G   B 2 8  ? -1.519  0.270   -4.972  1.00 37.19 ? 2   G   B N1    1 
ATOM   402 C  C2    . G   B 2 8  ? -1.465  -0.260  -3.703  1.00 36.92 ? 2   G   B C2    1 
ATOM   403 N  N2    . G   B 2 8  ? -2.615  -0.276  -3.017  1.00 36.37 ? 2   G   B N2    1 
ATOM   404 N  N3    . G   B 2 8  ? -0.366  -0.737  -3.146  1.00 35.23 ? 2   G   B N3    1 
ATOM   405 C  C4    . G   B 2 8  ? 0.697   -0.642  -3.971  1.00 36.23 ? 2   G   B C4    1 
ATOM   406 P  P     . A   B 2 9  ? 2.642   -6.470  -3.064  1.00 38.92 ? 3   A   B P     1 
ATOM   407 O  OP1   . A   B 2 9  ? 2.814   -7.658  -2.190  1.00 38.02 ? 3   A   B OP1   1 
ATOM   408 O  OP2   . A   B 2 9  ? 3.358   -6.398  -4.364  1.00 38.66 ? 3   A   B OP2   1 
ATOM   409 O  "O5'" . A   B 2 9  ? 1.098   -6.251  -3.389  1.00 41.18 ? 3   A   B "O5'" 1 
ATOM   410 C  "C5'" . A   B 2 9  ? 0.094   -6.486  -2.397  1.00 40.71 ? 3   A   B "C5'" 1 
ATOM   411 C  "C4'" . A   B 2 9  ? -1.241  -5.976  -2.881  1.00 39.88 ? 3   A   B "C4'" 1 
ATOM   412 O  "O4'" . A   B 2 9  ? -1.184  -4.528  -3.004  1.00 40.06 ? 3   A   B "O4'" 1 
ATOM   413 C  "C3'" . A   B 2 9  ? -1.636  -6.448  -4.268  1.00 39.29 ? 3   A   B "C3'" 1 
ATOM   414 O  "O3'" . A   B 2 9  ? -2.231  -7.732  -4.226  1.00 41.16 ? 3   A   B "O3'" 1 
ATOM   415 C  "C2'" . A   B 2 9  ? -2.605  -5.362  -4.699  1.00 38.22 ? 3   A   B "C2'" 1 
ATOM   416 O  "O2'" . A   B 2 9  ? -3.882  -5.510  -4.120  1.00 39.66 ? 3   A   B "O2'" 1 
ATOM   417 C  "C1'" . A   B 2 9  ? -1.910  -4.113  -4.150  1.00 37.52 ? 3   A   B "C1'" 1 
ATOM   418 N  N9    . A   B 2 9  ? -0.954  -3.596  -5.126  1.00 35.99 ? 3   A   B N9    1 
ATOM   419 C  C8    . A   B 2 9  ? 0.412   -3.741  -5.142  1.00 34.79 ? 3   A   B C8    1 
ATOM   420 N  N7    . A   B 2 9  ? 0.982   -3.249  -6.217  1.00 34.46 ? 3   A   B N7    1 
ATOM   421 C  C5    . A   B 2 9  ? -0.076  -2.726  -6.944  1.00 33.43 ? 3   A   B C5    1 
ATOM   422 C  C6    . A   B 2 9  ? -0.138  -2.071  -8.181  1.00 33.40 ? 3   A   B C6    1 
ATOM   423 N  N6    . A   B 2 9  ? 0.928   -1.821  -8.936  1.00 33.53 ? 3   A   B N6    1 
ATOM   424 N  N1    . A   B 2 9  ? -1.352  -1.671  -8.624  1.00 34.21 ? 3   A   B N1    1 
ATOM   425 C  C2    . A   B 2 9  ? -2.419  -1.918  -7.860  1.00 34.92 ? 3   A   B C2    1 
ATOM   426 N  N3    . A   B 2 9  ? -2.489  -2.525  -6.677  1.00 33.79 ? 3   A   B N3    1 
ATOM   427 C  C4    . A   B 2 9  ? -1.270  -2.910  -6.272  1.00 34.34 ? 3   A   B C4    1 
ATOM   428 P  P     . A   B 2 10 ? -2.015  -8.747  -5.452  1.00 44.49 ? 4   A   B P     1 
ATOM   429 O  OP1   . A   B 2 10 ? -2.849  -9.937  -5.170  1.00 47.24 ? 4   A   B OP1   1 
ATOM   430 O  OP2   . A   B 2 10 ? -0.560  -8.922  -5.695  1.00 44.98 ? 4   A   B OP2   1 
ATOM   431 O  "O5'" . A   B 2 10 ? -2.653  -7.992  -6.703  1.00 43.66 ? 4   A   B "O5'" 1 
ATOM   432 C  "C5'" . A   B 2 10 ? -4.067  -7.825  -6.810  1.00 42.07 ? 4   A   B "C5'" 1 
ATOM   433 C  "C4'" . A   B 2 10 ? -4.420  -7.133  -8.104  1.00 40.97 ? 4   A   B "C4'" 1 
ATOM   434 O  "O4'" . A   B 2 10 ? -3.840  -5.805  -8.115  1.00 40.65 ? 4   A   B "O4'" 1 
ATOM   435 C  "C3'" . A   B 2 10 ? -3.895  -7.798  -9.364  1.00 40.80 ? 4   A   B "C3'" 1 
ATOM   436 O  "O3'" . A   B 2 10 ? -4.823  -8.781  -9.791  1.00 42.91 ? 4   A   B "O3'" 1 
ATOM   437 C  "C2'" . A   B 2 10 ? -3.824  -6.632  -10.342 1.00 40.86 ? 4   A   B "C2'" 1 
ATOM   438 O  "O2'" . A   B 2 10 ? -5.056  -6.315  -10.953 1.00 41.10 ? 4   A   B "O2'" 1 
ATOM   439 C  "C1'" . A   B 2 10 ? -3.389  -5.492  -9.420  1.00 40.21 ? 4   A   B "C1'" 1 
ATOM   440 N  N9    . A   B 2 10 ? -1.937  -5.350  -9.378  1.00 38.78 ? 4   A   B N9    1 
ATOM   441 C  C8    . A   B 2 10 ? -1.059  -5.833  -8.436  1.00 38.41 ? 4   A   B C8    1 
ATOM   442 N  N7    . A   B 2 10 ? 0.194   -5.563  -8.697  1.00 38.29 ? 4   A   B N7    1 
ATOM   443 C  C5    . A   B 2 10 ? 0.139   -4.853  -9.888  1.00 38.19 ? 4   A   B C5    1 
ATOM   444 C  C6    . A   B 2 10 ? 1.138   -4.286  -10.695 1.00 38.31 ? 4   A   B C6    1 
ATOM   445 N  N6    . A   B 2 10 ? 2.438   -4.353  -10.412 1.00 38.74 ? 4   A   B N6    1 
ATOM   446 N  N1    . A   B 2 10 ? 0.748   -3.640  -11.819 1.00 38.60 ? 4   A   B N1    1 
ATOM   447 C  C2    . A   B 2 10 ? -0.560  -3.580  -12.102 1.00 37.84 ? 4   A   B C2    1 
ATOM   448 N  N3    . A   B 2 10 ? -1.593  -4.078  -11.421 1.00 37.94 ? 4   A   B N3    1 
ATOM   449 C  C4    . A   B 2 10 ? -1.168  -4.708  -10.314 1.00 37.53 ? 4   A   B C4    1 
ATOM   450 P  P     . C   B 2 11 ? -4.323  -10.065 -10.617 1.00 43.43 ? 5   C   B P     1 
ATOM   451 O  OP1   . C   B 2 11 ? -5.502  -10.960 -10.694 1.00 44.96 ? 5   C   B OP1   1 
ATOM   452 O  OP2   . C   B 2 11 ? -3.052  -10.584 -10.043 1.00 43.55 ? 5   C   B OP2   1 
ATOM   453 O  "O5'" . C   B 2 11 ? -4.031  -9.493  -12.073 1.00 42.46 ? 5   C   B "O5'" 1 
ATOM   454 C  "C5'" . C   B 2 11 ? -5.092  -9.032  -12.894 1.00 43.42 ? 5   C   B "C5'" 1 
ATOM   455 C  "C4'" . C   B 2 11 ? -4.548  -8.215  -14.034 1.00 45.82 ? 5   C   B "C4'" 1 
ATOM   456 O  "O4'" . C   B 2 11 ? -3.836  -7.064  -13.494 1.00 47.24 ? 5   C   B "O4'" 1 
ATOM   457 C  "C3'" . C   B 2 11 ? -3.505  -8.903  -14.895 1.00 47.99 ? 5   C   B "C3'" 1 
ATOM   458 O  "O3'" . C   B 2 11 ? -4.086  -9.747  -15.876 1.00 52.86 ? 5   C   B "O3'" 1 
ATOM   459 C  "C2'" . C   B 2 11 ? -2.793  -7.716  -15.520 1.00 47.15 ? 5   C   B "C2'" 1 
ATOM   460 O  "O2'" . C   B 2 11 ? -3.549  -7.129  -16.560 1.00 47.69 ? 5   C   B "O2'" 1 
ATOM   461 C  "C1'" . C   B 2 11 ? -2.712  -6.768  -14.321 1.00 45.84 ? 5   C   B "C1'" 1 
ATOM   462 N  N1    . C   B 2 11 ? -1.468  -6.963  -13.536 1.00 42.49 ? 5   C   B N1    1 
ATOM   463 C  C2    . C   B 2 11 ? -0.269  -6.430  -14.028 1.00 39.41 ? 5   C   B C2    1 
ATOM   464 O  O2    . C   B 2 11 ? -0.287  -5.797  -15.090 1.00 38.40 ? 5   C   B O2    1 
ATOM   465 N  N3    . C   B 2 11 ? 0.875   -6.619  -13.333 1.00 38.41 ? 5   C   B N3    1 
ATOM   466 C  C4    . C   B 2 11 ? 0.854   -7.303  -12.188 1.00 38.56 ? 5   C   B C4    1 
ATOM   467 N  N4    . C   B 2 11 ? 2.001   -7.458  -11.530 1.00 36.84 ? 5   C   B N4    1 
ATOM   468 C  C5    . C   B 2 11 ? -0.350  -7.855  -11.664 1.00 39.83 ? 5   C   B C5    1 
ATOM   469 C  C6    . C   B 2 11 ? -1.476  -7.661  -12.360 1.00 40.50 ? 5   C   B C6    1 
ATOM   470 P  P     . A   B 2 12 ? -3.251  -11.011 -16.431 1.00 55.72 ? 6   A   B P     1 
ATOM   471 O  OP1   . A   B 2 12 ? -4.172  -11.816 -17.280 1.00 55.35 ? 6   A   B OP1   1 
ATOM   472 O  OP2   . A   B 2 12 ? -2.583  -11.656 -15.258 1.00 54.32 ? 6   A   B OP2   1 
ATOM   473 O  "O5'" . A   B 2 12 ? -2.130  -10.353 -17.366 1.00 53.04 ? 6   A   B "O5'" 1 
ATOM   474 C  "C5'" . A   B 2 12 ? -2.491  -9.555  -18.499 1.00 52.05 ? 6   A   B "C5'" 1 
ATOM   475 C  "C4'" . A   B 2 12 ? -1.288  -8.802  -19.032 1.00 51.64 ? 6   A   B "C4'" 1 
ATOM   476 O  "O4'" . A   B 2 12 ? -0.718  -7.999  -17.968 1.00 52.65 ? 6   A   B "O4'" 1 
ATOM   477 C  "C3'" . A   B 2 12 ? -0.124  -9.649  -19.515 1.00 51.34 ? 6   A   B "C3'" 1 
ATOM   478 O  "O3'" . A   B 2 12 ? -0.336  -10.149 -20.838 1.00 52.22 ? 6   A   B "O3'" 1 
ATOM   479 C  "C2'" . A   B 2 12 ? 1.054   -8.691  -19.383 1.00 51.06 ? 6   A   B "C2'" 1 
ATOM   480 O  "O2'" . A   B 2 12 ? 1.099   -7.732  -20.417 1.00 49.51 ? 6   A   B "O2'" 1 
ATOM   481 C  "C1'" . A   B 2 12 ? 0.698   -7.963  -18.091 1.00 51.10 ? 6   A   B "C1'" 1 
ATOM   482 N  N9    . A   B 2 12 ? 1.288   -8.508  -16.860 1.00 50.41 ? 6   A   B N9    1 
ATOM   483 C  C8    . A   B 2 12 ? 0.672   -9.283  -15.901 1.00 50.47 ? 6   A   B C8    1 
ATOM   484 N  N7    . A   B 2 12 ? 1.429   -9.545  -14.864 1.00 49.20 ? 6   A   B N7    1 
ATOM   485 C  C5    . A   B 2 12 ? 2.632   -8.921  -15.164 1.00 48.63 ? 6   A   B C5    1 
ATOM   486 C  C6    . A   B 2 12 ? 3.847   -8.820  -14.457 1.00 48.45 ? 6   A   B C6    1 
ATOM   487 N  N6    . A   B 2 12 ? 4.049   -9.358  -13.247 1.00 45.69 ? 6   A   B N6    1 
ATOM   488 N  N1    . A   B 2 12 ? 4.856   -8.135  -15.041 1.00 48.39 ? 6   A   B N1    1 
ATOM   489 C  C2    . A   B 2 12 ? 4.647   -7.592  -16.251 1.00 48.81 ? 6   A   B C2    1 
ATOM   490 N  N3    . A   B 2 12 ? 3.552   -7.613  -17.009 1.00 48.98 ? 6   A   B N3    1 
ATOM   491 C  C4    . A   B 2 12 ? 2.568   -8.299  -16.401 1.00 49.10 ? 6   A   B C4    1 
ATOM   492 O  "O5'" . G   C 1 1  ? -19.838 -4.372  0.357   1.00 44.33 ? 43  G   C "O5'" 1 
ATOM   493 C  "C5'" . G   C 1 1  ? -20.434 -5.658  0.152   1.00 45.69 ? 43  G   C "C5'" 1 
ATOM   494 C  "C4'" . G   C 1 1  ? -19.743 -6.453  -0.936  1.00 46.18 ? 43  G   C "C4'" 1 
ATOM   495 O  "O4'" . G   C 1 1  ? -20.079 -5.901  -2.236  1.00 46.07 ? 43  G   C "O4'" 1 
ATOM   496 C  "C3'" . G   C 1 1  ? -18.224 -6.436  -0.886  1.00 45.93 ? 43  G   C "C3'" 1 
ATOM   497 O  "O3'" . G   C 1 1  ? -17.736 -7.428  0.003   1.00 49.59 ? 43  G   C "O3'" 1 
ATOM   498 C  "C2'" . G   C 1 1  ? -17.850 -6.689  -2.341  1.00 44.32 ? 43  G   C "C2'" 1 
ATOM   499 O  "O2'" . G   C 1 1  ? -17.918 -8.051  -2.735  1.00 41.86 ? 43  G   C "O2'" 1 
ATOM   500 C  "C1'" . G   C 1 1  ? -18.917 -5.856  -3.053  1.00 43.29 ? 43  G   C "C1'" 1 
ATOM   501 N  N9    . G   C 1 1  ? -18.528 -4.455  -3.179  1.00 39.75 ? 43  G   C N9    1 
ATOM   502 C  C8    . G   C 1 1  ? -19.100 -3.372  -2.546  1.00 38.27 ? 43  G   C C8    1 
ATOM   503 N  N7    . G   C 1 1  ? -18.519 -2.241  -2.839  1.00 36.20 ? 43  G   C N7    1 
ATOM   504 C  C5    . G   C 1 1  ? -17.507 -2.596  -3.723  1.00 35.52 ? 43  G   C C5    1 
ATOM   505 C  C6    . G   C 1 1  ? -16.546 -1.798  -4.383  1.00 33.91 ? 43  G   C C6    1 
ATOM   506 O  O6    . G   C 1 1  ? -16.393 -0.580  -4.319  1.00 34.58 ? 43  G   C O6    1 
ATOM   507 N  N1    . G   C 1 1  ? -15.708 -2.563  -5.189  1.00 33.43 ? 43  G   C N1    1 
ATOM   508 C  C2    . G   C 1 1  ? -15.789 -3.928  -5.341  1.00 33.40 ? 43  G   C C2    1 
ATOM   509 N  N2    . G   C 1 1  ? -14.896 -4.493  -6.158  1.00 30.11 ? 43  G   C N2    1 
ATOM   510 N  N3    . G   C 1 1  ? -16.685 -4.685  -4.733  1.00 34.95 ? 43  G   C N3    1 
ATOM   511 C  C4    . G   C 1 1  ? -17.505 -3.959  -3.945  1.00 36.72 ? 43  G   C C4    1 
ATOM   512 P  P     . U   C 1 2  ? -16.460 -7.107  0.935   1.00 52.56 ? 44  U   C P     1 
ATOM   513 O  OP1   . U   C 1 2  ? -16.456 -8.183  1.971   1.00 52.49 ? 44  U   C OP1   1 
ATOM   514 O  OP2   . U   C 1 2  ? -16.467 -5.667  1.361   1.00 50.01 ? 44  U   C OP2   1 
ATOM   515 O  "O5'" . U   C 1 2  ? -15.218 -7.310  -0.049  1.00 49.66 ? 44  U   C "O5'" 1 
ATOM   516 C  "C5'" . U   C 1 2  ? -15.085 -8.515  -0.804  1.00 46.65 ? 44  U   C "C5'" 1 
ATOM   517 C  "C4'" . U   C 1 2  ? -14.019 -8.377  -1.874  1.00 43.65 ? 44  U   C "C4'" 1 
ATOM   518 O  "O4'" . U   C 1 2  ? -14.384 -7.362  -2.850  1.00 43.06 ? 44  U   C "O4'" 1 
ATOM   519 C  "C3'" . U   C 1 2  ? -12.645 -7.931  -1.432  1.00 42.20 ? 44  U   C "C3'" 1 
ATOM   520 O  "O3'" . U   C 1 2  ? -11.940 -8.990  -0.812  1.00 42.18 ? 44  U   C "O3'" 1 
ATOM   521 C  "C2'" . U   C 1 2  ? -12.025 -7.524  -2.762  1.00 41.92 ? 44  U   C "C2'" 1 
ATOM   522 O  "O2'" . U   C 1 2  ? -11.654 -8.627  -3.579  1.00 40.05 ? 44  U   C "O2'" 1 
ATOM   523 C  "C1'" . U   C 1 2  ? -13.204 -6.804  -3.415  1.00 40.64 ? 44  U   C "C1'" 1 
ATOM   524 N  N1    . U   C 1 2  ? -13.208 -5.343  -3.206  1.00 38.02 ? 44  U   C N1    1 
ATOM   525 C  C2    . U   C 1 2  ? -12.236 -4.589  -3.854  1.00 37.80 ? 44  U   C C2    1 
ATOM   526 O  O2    . U   C 1 2  ? -11.364 -5.083  -4.560  1.00 38.38 ? 44  U   C O2    1 
ATOM   527 N  N3    . U   C 1 2  ? -12.323 -3.231  -3.648  1.00 36.21 ? 44  U   C N3    1 
ATOM   528 C  C4    . U   C 1 2  ? -13.253 -2.565  -2.879  1.00 36.75 ? 44  U   C C4    1 
ATOM   529 O  O4    . U   C 1 2  ? -13.217 -1.334  -2.810  1.00 37.11 ? 44  U   C O4    1 
ATOM   530 C  C5    . U   C 1 2  ? -14.205 -3.410  -2.232  1.00 36.20 ? 44  U   C C5    1 
ATOM   531 C  C6    . U   C 1 2  ? -14.151 -4.735  -2.410  1.00 37.26 ? 44  U   C C6    1 
ATOM   532 P  P     . G   C 1 3  ? -10.807 -8.653  0.273   1.00 43.79 ? 45  G   C P     1 
ATOM   533 O  OP1   . G   C 1 3  ? -10.497 -9.923  0.970   1.00 43.98 ? 45  G   C OP1   1 
ATOM   534 O  OP2   . G   C 1 3  ? -11.234 -7.468  1.062   1.00 40.75 ? 45  G   C OP2   1 
ATOM   535 O  "O5'" . G   C 1 3  ? -9.546  -8.241  -0.615  1.00 42.55 ? 45  G   C "O5'" 1 
ATOM   536 C  "C5'" . G   C 1 3  ? -8.927  -9.196  -1.471  1.00 43.88 ? 45  G   C "C5'" 1 
ATOM   537 C  "C4'" . G   C 1 3  ? -7.680  -8.621  -2.104  1.00 45.56 ? 45  G   C "C4'" 1 
ATOM   538 O  "O4'" . G   C 1 3  ? -8.027  -7.610  -3.085  1.00 45.30 ? 45  G   C "O4'" 1 
ATOM   539 C  "C3'" . G   C 1 3  ? -6.712  -7.912  -1.174  1.00 46.59 ? 45  G   C "C3'" 1 
ATOM   540 O  "O3'" . G   C 1 3  ? -5.901  -8.842  -0.465  1.00 49.15 ? 45  G   C "O3'" 1 
ATOM   541 C  "C2'" . G   C 1 3  ? -5.913  -7.056  -2.148  1.00 45.52 ? 45  G   C "C2'" 1 
ATOM   542 O  "O2'" . G   C 1 3  ? -4.922  -7.800  -2.839  1.00 45.24 ? 45  G   C "O2'" 1 
ATOM   543 C  "C1'" . G   C 1 3  ? -7.013  -6.612  -3.120  1.00 44.05 ? 45  G   C "C1'" 1 
ATOM   544 N  N9    . G   C 1 3  ? -7.621  -5.340  -2.745  1.00 41.38 ? 45  G   C N9    1 
ATOM   545 C  C8    . G   C 1 3  ? -8.739  -5.161  -1.965  1.00 40.06 ? 45  G   C C8    1 
ATOM   546 N  N7    . G   C 1 3  ? -9.041  -3.905  -1.778  1.00 40.34 ? 45  G   C N7    1 
ATOM   547 C  C5    . G   C 1 3  ? -8.067  -3.205  -2.482  1.00 39.04 ? 45  G   C C5    1 
ATOM   548 C  C6    . G   C 1 3  ? -7.874  -1.797  -2.644  1.00 37.93 ? 45  G   C C6    1 
ATOM   549 O  O6    . G   C 1 3  ? -8.554  -0.865  -2.186  1.00 36.41 ? 45  G   C O6    1 
ATOM   550 N  N1    . G   C 1 3  ? -6.759  -1.524  -3.436  1.00 36.53 ? 45  G   C N1    1 
ATOM   551 C  C2    . G   C 1 3  ? -5.945  -2.477  -4.008  1.00 36.60 ? 45  G   C C2    1 
ATOM   552 N  N2    . G   C 1 3  ? -4.934  -2.017  -4.752  1.00 36.00 ? 45  G   C N2    1 
ATOM   553 N  N3    . G   C 1 3  ? -6.112  -3.787  -3.863  1.00 36.81 ? 45  G   C N3    1 
ATOM   554 C  C4    . G   C 1 3  ? -7.184  -4.077  -3.091  1.00 39.60 ? 45  G   C C4    1 
ATOM   555 P  P     . U   C 1 4  ? -5.599  -8.595  1.095   1.00 51.11 ? 46  U   C P     1 
ATOM   556 O  OP1   . U   C 1 4  ? -4.985  -9.819  1.669   1.00 51.38 ? 46  U   C OP1   1 
ATOM   557 O  OP2   . U   C 1 4  ? -6.839  -8.057  1.685   1.00 50.72 ? 46  U   C OP2   1 
ATOM   558 O  "O5'" . U   C 1 4  ? -4.529  -7.418  1.093   1.00 50.42 ? 46  U   C "O5'" 1 
ATOM   559 C  "C5'" . U   C 1 4  ? -3.297  -7.565  0.392   1.00 49.43 ? 46  U   C "C5'" 1 
ATOM   560 C  "C4'" . U   C 1 4  ? -2.614  -6.232  0.254   1.00 48.38 ? 46  U   C "C4'" 1 
ATOM   561 O  "O4'" . U   C 1 4  ? -3.384  -5.366  -0.619  1.00 46.45 ? 46  U   C "O4'" 1 
ATOM   562 C  "C3'" . U   C 1 4  ? -2.489  -5.428  1.534   1.00 48.58 ? 46  U   C "C3'" 1 
ATOM   563 O  "O3'" . U   C 1 4  ? -1.384  -5.888  2.296   1.00 50.30 ? 46  U   C "O3'" 1 
ATOM   564 C  "C2'" . U   C 1 4  ? -2.255  -4.025  0.994   1.00 47.19 ? 46  U   C "C2'" 1 
ATOM   565 O  "O2'" . U   C 1 4  ? -0.914  -3.823  0.605   1.00 48.08 ? 46  U   C "O2'" 1 
ATOM   566 C  "C1'" . U   C 1 4  ? -3.161  -4.015  -0.244  1.00 46.23 ? 46  U   C "C1'" 1 
ATOM   567 N  N1    . U   C 1 4  ? -4.453  -3.355  0.007   1.00 43.66 ? 46  U   C N1    1 
ATOM   568 C  C2    . U   C 1 4  ? -4.503  -1.975  -0.109  1.00 42.89 ? 46  U   C C2    1 
ATOM   569 O  O2    . U   C 1 4  ? -3.554  -1.304  -0.467  1.00 44.20 ? 46  U   C O2    1 
ATOM   570 N  N3    . U   C 1 4  ? -5.705  -1.407  0.207   1.00 42.18 ? 46  U   C N3    1 
ATOM   571 C  C4    . U   C 1 4  ? -6.844  -2.058  0.610   1.00 43.36 ? 46  U   C C4    1 
ATOM   572 O  O4    . U   C 1 4  ? -7.850  -1.402  0.890   1.00 43.70 ? 46  U   C O4    1 
ATOM   573 C  C5    . U   C 1 4  ? -6.724  -3.480  0.675   1.00 43.05 ? 46  U   C C5    1 
ATOM   574 C  C6    . U   C 1 4  ? -5.563  -4.064  0.375   1.00 43.17 ? 46  U   C C6    1 
ATOM   575 P  P     . G   C 1 5  ? -1.569  -6.193  3.863   1.00 51.63 ? 47  G   C P     1 
ATOM   576 O  OP1   . G   C 1 5  ? -0.311  -6.816  4.345   1.00 54.15 ? 47  G   C OP1   1 
ATOM   577 O  OP2   . G   C 1 5  ? -2.853  -6.902  4.060   1.00 53.59 ? 47  G   C OP2   1 
ATOM   578 O  "O5'" . G   C 1 5  ? -1.713  -4.755  4.525   1.00 49.87 ? 47  G   C "O5'" 1 
ATOM   579 C  "C5'" . G   C 1 5  ? -0.673  -3.797  4.400   1.00 48.72 ? 47  G   C "C5'" 1 
ATOM   580 C  "C4'" . G   C 1 5  ? -1.213  -2.409  4.614   1.00 47.68 ? 47  G   C "C4'" 1 
ATOM   581 O  "O4'" . G   C 1 5  ? -2.290  -2.188  3.674   1.00 47.53 ? 47  G   C "O4'" 1 
ATOM   582 C  "C3'" . G   C 1 5  ? -1.838  -2.133  5.970   1.00 47.47 ? 47  G   C "C3'" 1 
ATOM   583 O  "O3'" . G   C 1 5  ? -0.845  -1.768  6.921   1.00 49.50 ? 47  G   C "O3'" 1 
ATOM   584 C  "C2'" . G   C 1 5  ? -2.774  -0.975  5.659   1.00 47.99 ? 47  G   C "C2'" 1 
ATOM   585 O  "O2'" . G   C 1 5  ? -2.130  0.282   5.615   1.00 46.59 ? 47  G   C "O2'" 1 
ATOM   586 C  "C1'" . G   C 1 5  ? -3.270  -1.359  4.265   1.00 48.31 ? 47  G   C "C1'" 1 
ATOM   587 N  N9    . G   C 1 5  ? -4.541  -2.078  4.277   1.00 49.57 ? 47  G   C N9    1 
ATOM   588 C  C8    . G   C 1 5  ? -4.745  -3.435  4.181   1.00 50.37 ? 47  G   C C8    1 
ATOM   589 N  N7    . G   C 1 5  ? -6.009  -3.765  4.191   1.00 49.60 ? 47  G   C N7    1 
ATOM   590 C  C5    . G   C 1 5  ? -6.677  -2.554  4.304   1.00 49.25 ? 47  G   C C5    1 
ATOM   591 C  C6    . G   C 1 5  ? -8.058  -2.273  4.350   1.00 48.87 ? 47  G   C C6    1 
ATOM   592 O  O6    . G   C 1 5  ? -9.004  -3.062  4.298   1.00 50.10 ? 47  G   C O6    1 
ATOM   593 N  N1    . G   C 1 5  ? -8.297  -0.908  4.469   1.00 49.60 ? 47  G   C N1    1 
ATOM   594 C  C2    . G   C 1 5  ? -7.331  0.064   4.539   1.00 50.69 ? 47  G   C C2    1 
ATOM   595 N  N2    . G   C 1 5  ? -7.762  1.328   4.660   1.00 50.93 ? 47  G   C N2    1 
ATOM   596 N  N3    . G   C 1 5  ? -6.039  -0.183  4.492   1.00 51.45 ? 47  G   C N3    1 
ATOM   597 C  C4    . G   C 1 5  ? -5.785  -1.505  4.372   1.00 50.31 ? 47  G   C C4    1 
ATOM   598 P  P     . A   C 1 6  ? -1.199  -1.736  8.494   1.00 51.36 ? 48  A   C P     1 
ATOM   599 O  OP1   . A   C 1 6  ? 0.019   -2.159  9.231   1.00 52.87 ? 48  A   C OP1   1 
ATOM   600 O  OP2   . A   C 1 6  ? -2.475  -2.466  8.722   1.00 51.93 ? 48  A   C OP2   1 
ATOM   601 O  "O5'" . A   C 1 6  ? -1.460  -0.192  8.801   1.00 49.97 ? 48  A   C "O5'" 1 
ATOM   602 C  "C5'" . A   C 1 6  ? -0.429  0.775   8.628   1.00 48.60 ? 48  A   C "C5'" 1 
ATOM   603 C  "C4'" . A   C 1 6  ? -0.956  2.167   8.894   1.00 48.94 ? 48  A   C "C4'" 1 
ATOM   604 O  "O4'" . A   C 1 6  ? -1.943  2.521   7.888   1.00 48.55 ? 48  A   C "O4'" 1 
ATOM   605 C  "C3'" . A   C 1 6  ? -1.688  2.371   10.206  1.00 50.87 ? 48  A   C "C3'" 1 
ATOM   606 O  "O3'" . A   C 1 6  ? -0.782  2.553   11.295  1.00 54.20 ? 48  A   C "O3'" 1 
ATOM   607 C  "C2'" . A   C 1 6  ? -2.515  3.613   9.901   1.00 49.47 ? 48  A   C "C2'" 1 
ATOM   608 O  "O2'" . A   C 1 6  ? -1.749  4.798   9.901   1.00 50.70 ? 48  A   C "O2'" 1 
ATOM   609 C  "C1'" . A   C 1 6  ? -2.963  3.324   8.470   1.00 47.48 ? 48  A   C "C1'" 1 
ATOM   610 N  N9    . A   C 1 6  ? -4.224  2.577   8.416   1.00 46.97 ? 48  A   C N9    1 
ATOM   611 C  C8    . A   C 1 6  ? -4.396  1.251   8.076   1.00 46.40 ? 48  A   C C8    1 
ATOM   612 N  N7    . A   C 1 6  ? -5.635  0.839   8.157   1.00 45.26 ? 48  A   C N7    1 
ATOM   613 C  C5    . A   C 1 6  ? -6.333  1.965   8.569   1.00 44.91 ? 48  A   C C5    1 
ATOM   614 C  C6    . A   C 1 6  ? -7.688  2.177   8.841   1.00 44.36 ? 48  A   C C6    1 
ATOM   615 N  N6    . A   C 1 6  ? -8.608  1.215   8.741   1.00 44.77 ? 48  A   C N6    1 
ATOM   616 N  N1    . A   C 1 6  ? -8.072  3.418   9.224   1.00 42.84 ? 48  A   C N1    1 
ATOM   617 C  C2    . A   C 1 6  ? -7.136  4.370   9.326   1.00 42.69 ? 48  A   C C2    1 
ATOM   618 N  N3    . A   C 1 6  ? -5.825  4.293   9.102   1.00 44.18 ? 48  A   C N3    1 
ATOM   619 C  C4    . A   C 1 6  ? -5.482  3.048   8.721   1.00 45.59 ? 48  A   C C4    1 
ATOM   620 P  P     . G   C 1 7  ? -0.967  1.681   12.642  1.00 56.88 ? 49  G   C P     1 
ATOM   621 O  OP1   . G   C 1 7  ? 0.010   2.192   13.635  1.00 58.29 ? 49  G   C OP1   1 
ATOM   622 O  OP2   . G   C 1 7  ? -0.957  0.233   12.282  1.00 56.30 ? 49  G   C OP2   1 
ATOM   623 O  "O5'" . G   C 1 7  ? -2.435  2.056   13.146  1.00 55.81 ? 49  G   C "O5'" 1 
ATOM   624 C  "C5'" . G   C 1 7  ? -2.779  3.407   13.454  1.00 53.67 ? 49  G   C "C5'" 1 
ATOM   625 C  "C4'" . G   C 1 7  ? -4.284  3.582   13.519  1.00 52.06 ? 49  G   C "C4'" 1 
ATOM   626 O  "O4'" . G   C 1 7  ? -4.866  3.192   12.243  1.00 51.85 ? 49  G   C "O4'" 1 
ATOM   627 C  "C3'" . G   C 1 7  ? -5.061  2.733   14.512  1.00 51.65 ? 49  G   C "C3'" 1 
ATOM   628 O  "O3'" . G   C 1 7  ? -4.995  3.231   15.842  1.00 52.34 ? 49  G   C "O3'" 1 
ATOM   629 C  "C2'" . G   C 1 7  ? -6.471  2.837   13.946  1.00 51.93 ? 49  G   C "C2'" 1 
ATOM   630 O  "O2'" . G   C 1 7  ? -7.128  4.063   14.226  1.00 52.15 ? 49  G   C "O2'" 1 
ATOM   631 C  "C1'" . G   C 1 7  ? -6.189  2.715   12.448  1.00 50.32 ? 49  G   C "C1'" 1 
ATOM   632 N  N9    . G   C 1 7  ? -6.272  1.322   12.012  1.00 48.20 ? 49  G   C N9    1 
ATOM   633 C  C8    . G   C 1 7  ? -5.244  0.475   11.678  1.00 47.50 ? 49  G   C C8    1 
ATOM   634 N  N7    . G   C 1 7  ? -5.651  -0.727  11.364  1.00 47.10 ? 49  G   C N7    1 
ATOM   635 C  C5    . G   C 1 7  ? -7.031  -0.665  11.494  1.00 46.75 ? 49  G   C C5    1 
ATOM   636 C  C6    . G   C 1 7  ? -8.025  -1.662  11.293  1.00 46.94 ? 49  G   C C6    1 
ATOM   637 O  O6    . G   C 1 7  ? -7.881  -2.844  10.947  1.00 47.48 ? 49  G   C O6    1 
ATOM   638 N  N1    . G   C 1 7  ? -9.301  -1.166  11.537  1.00 46.55 ? 49  G   C N1    1 
ATOM   639 C  C2    . G   C 1 7  ? -9.587  0.116   11.924  1.00 46.26 ? 49  G   C C2    1 
ATOM   640 N  N2    . G   C 1 7  ? -10.876 0.410   12.108  1.00 46.64 ? 49  G   C N2    1 
ATOM   641 N  N3    . G   C 1 7  ? -8.676  1.047   12.117  1.00 47.78 ? 49  G   C N3    1 
ATOM   642 C  C4    . G   C 1 7  ? -7.428  0.592   11.884  1.00 47.56 ? 49  G   C C4    1 
ATOM   643 P  P     . G   C 1 8  ? -5.445  2.289   17.073  1.00 52.18 ? 50  G   C P     1 
ATOM   644 O  OP1   . G   C 1 8  ? -5.231  3.079   18.315  1.00 52.06 ? 50  G   C OP1   1 
ATOM   645 O  OP2   . G   C 1 8  ? -4.809  0.956   16.929  1.00 49.33 ? 50  G   C OP2   1 
ATOM   646 O  "O5'" . G   C 1 8  ? -7.013  2.100   16.865  1.00 52.09 ? 50  G   C "O5'" 1 
ATOM   647 C  "C5'" . G   C 1 8  ? -7.906  3.208   16.992  1.00 51.70 ? 50  G   C "C5'" 1 
ATOM   648 C  "C4'" . G   C 1 8  ? -9.342  2.733   16.994  1.00 51.16 ? 50  G   C "C4'" 1 
ATOM   649 O  "O4'" . G   C 1 8  ? -9.685  2.192   15.688  1.00 50.61 ? 50  G   C "O4'" 1 
ATOM   650 C  "C3'" . G   C 1 8  ? -9.672  1.599   17.954  1.00 50.51 ? 50  G   C "C3'" 1 
ATOM   651 O  "O3'" . G   C 1 8  ? -9.902  2.062   19.274  1.00 50.95 ? 50  G   C "O3'" 1 
ATOM   652 C  "C2'" . G   C 1 8  ? -10.934 1.023   17.331  1.00 49.55 ? 50  G   C "C2'" 1 
ATOM   653 O  "O2'" . G   C 1 8  ? -12.078 1.805   17.603  1.00 49.23 ? 50  G   C "O2'" 1 
ATOM   654 C  "C1'" . G   C 1 8  ? -10.588 1.102   15.845  1.00 48.35 ? 50  G   C "C1'" 1 
ATOM   655 N  N9    . G   C 1 8  ? -9.932  -0.114  15.372  1.00 45.59 ? 50  G   C N9    1 
ATOM   656 C  C8    . G   C 1 8  ? -8.601  -0.282  15.080  1.00 44.86 ? 50  G   C C8    1 
ATOM   657 N  N7    . G   C 1 8  ? -8.312  -1.491  14.684  1.00 44.83 ? 50  G   C N7    1 
ATOM   658 C  C5    . G   C 1 8  ? -9.526  -2.161  14.712  1.00 44.41 ? 50  G   C C5    1 
ATOM   659 C  C6    . G   C 1 8  ? -9.847  -3.510  14.378  1.00 44.09 ? 50  G   C C6    1 
ATOM   660 O  O6    . G   C 1 8  ? -9.097  -4.414  13.973  1.00 43.50 ? 50  G   C O6    1 
ATOM   661 N  N1    . G   C 1 8  ? -11.197 -3.763  14.549  1.00 44.19 ? 50  G   C N1    1 
ATOM   662 C  C2    . G   C 1 8  ? -12.125 -2.849  14.980  1.00 45.31 ? 50  G   C C2    1 
ATOM   663 N  N2    . G   C 1 8  ? -13.391 -3.297  15.075  1.00 47.59 ? 50  G   C N2    1 
ATOM   664 N  N3    . G   C 1 8  ? -11.843 -1.596  15.293  1.00 44.31 ? 50  G   C N3    1 
ATOM   665 C  C4    . G   C 1 8  ? -10.535 -1.323  15.135  1.00 44.37 ? 50  G   C C4    1 
ATOM   666 P  P     . C   C 1 9  ? -9.728  1.047   20.511  1.00 52.61 ? 51  C   C P     1 
ATOM   667 O  OP1   . C   C 1 9  ? -10.061 1.798   21.755  1.00 51.40 ? 51  C   C OP1   1 
ATOM   668 O  OP2   . C   C 1 9  ? -8.409  0.363   20.392  1.00 50.83 ? 51  C   C OP2   1 
ATOM   669 O  "O5'" . C   C 1 9  ? -10.869 -0.032  20.270  1.00 50.39 ? 51  C   C "O5'" 1 
ATOM   670 C  "C5'" . C   C 1 9  ? -12.237 0.341   20.365  1.00 48.75 ? 51  C   C "C5'" 1 
ATOM   671 C  "C4'" . C   C 1 9  ? -13.116 -0.870  20.225  1.00 46.76 ? 51  C   C "C4'" 1 
ATOM   672 O  "O4'" . C   C 1 9  ? -12.986 -1.409  18.885  1.00 45.77 ? 51  C   C "O4'" 1 
ATOM   673 C  "C3'" . C   C 1 9  ? -12.750 -2.046  21.107  1.00 46.63 ? 51  C   C "C3'" 1 
ATOM   674 O  "O3'" . C   C 1 9  ? -13.276 -1.891  22.406  1.00 48.07 ? 51  C   C "O3'" 1 
ATOM   675 C  "C2'" . C   C 1 9  ? -13.434 -3.187  20.382  1.00 46.61 ? 51  C   C "C2'" 1 
ATOM   676 O  "O2'" . C   C 1 9  ? -14.830 -3.191  20.611  1.00 49.41 ? 51  C   C "O2'" 1 
ATOM   677 C  "C1'" . C   C 1 9  ? -13.154 -2.814  18.928  1.00 44.34 ? 51  C   C "C1'" 1 
ATOM   678 N  N1    . C   C 1 9  ? -11.942 -3.466  18.400  1.00 41.27 ? 51  C   C N1    1 
ATOM   679 C  C2    . C   C 1 9  ? -12.029 -4.804  18.021  1.00 41.39 ? 51  C   C C2    1 
ATOM   680 O  O2    . C   C 1 9  ? -13.116 -5.390  18.146  1.00 44.37 ? 51  C   C O2    1 
ATOM   681 N  N3    . C   C 1 9  ? -10.940 -5.428  17.527  1.00 40.23 ? 51  C   C N3    1 
ATOM   682 C  C4    . C   C 1 9  ? -9.793  -4.763  17.406  1.00 40.08 ? 51  C   C C4    1 
ATOM   683 N  N4    . C   C 1 9  ? -8.745  -5.420  16.906  1.00 37.46 ? 51  C   C N4    1 
ATOM   684 C  C5    . C   C 1 9  ? -9.670  -3.396  17.788  1.00 38.31 ? 51  C   C C5    1 
ATOM   685 C  C6    . C   C 1 9  ? -10.759 -2.792  18.277  1.00 39.93 ? 51  C   C C6    1 
ATOM   686 P  P     . U   C 1 10 ? -12.589 -2.661  23.636  1.00 50.09 ? 52  U   C P     1 
ATOM   687 O  OP1   . U   C 1 10 ? -13.413 -2.310  24.824  1.00 49.92 ? 52  U   C OP1   1 
ATOM   688 O  OP2   . U   C 1 10 ? -11.137 -2.337  23.630  1.00 50.27 ? 52  U   C OP2   1 
ATOM   689 O  "O5'" . U   C 1 10 ? -12.781 -4.207  23.290  1.00 45.54 ? 52  U   C "O5'" 1 
ATOM   690 C  "C5'" . U   C 1 10 ? -14.078 -4.786  23.321  1.00 43.52 ? 52  U   C "C5'" 1 
ATOM   691 C  "C4'" . U   C 1 10 ? -14.008 -6.276  23.107  1.00 42.57 ? 52  U   C "C4'" 1 
ATOM   692 O  "O4'" . U   C 1 10 ? -13.655 -6.580  21.735  1.00 42.58 ? 52  U   C "O4'" 1 
ATOM   693 C  "C3'" . U   C 1 10 ? -12.968 -7.015  23.916  1.00 42.17 ? 52  U   C "C3'" 1 
ATOM   694 O  "O3'" . U   C 1 10 ? -13.398 -7.228  25.243  1.00 44.92 ? 52  U   C "O3'" 1 
ATOM   695 C  "C2'" . U   C 1 10 ? -12.821 -8.307  23.127  1.00 41.93 ? 52  U   C "C2'" 1 
ATOM   696 O  "O2'" . U   C 1 10 ? -13.839 -9.272  23.349  1.00 40.38 ? 52  U   C "O2'" 1 
ATOM   697 C  "C1'" . U   C 1 10 ? -12.889 -7.775  21.697  1.00 40.74 ? 52  U   C "C1'" 1 
ATOM   698 N  N1    . U   C 1 10 ? -11.552 -7.457  21.177  1.00 38.75 ? 52  U   C N1    1 
ATOM   699 C  C2    . U   C 1 10 ? -10.827 -8.482  20.587  1.00 39.56 ? 52  U   C C2    1 
ATOM   700 O  O2    . U   C 1 10 ? -11.241 -9.635  20.496  1.00 38.79 ? 52  U   C O2    1 
ATOM   701 N  N3    . U   C 1 10 ? -9.595  -8.113  20.113  1.00 38.84 ? 52  U   C N3    1 
ATOM   702 C  C4    . U   C 1 10 ? -9.019  -6.859  20.175  1.00 39.26 ? 52  U   C C4    1 
ATOM   703 O  O4    . U   C 1 10 ? -7.897  -6.687  19.695  1.00 39.10 ? 52  U   C O4    1 
ATOM   704 C  C5    . U   C 1 10 ? -9.823  -5.860  20.808  1.00 37.63 ? 52  U   C C5    1 
ATOM   705 C  C6    . U   C 1 10 ? -11.031 -6.183  21.274  1.00 38.01 ? 52  U   C C6    1 
ATOM   706 P  P     . G   C 1 11 ? -12.304 -7.418  26.401  1.00 47.57 ? 53  G   C P     1 
ATOM   707 O  OP1   . G   C 1 11 ? -13.030 -7.578  27.682  1.00 48.77 ? 53  G   C OP1   1 
ATOM   708 O  OP2   . G   C 1 11 ? -11.318 -6.313  26.253  1.00 49.09 ? 53  G   C OP2   1 
ATOM   709 O  "O5'" . G   C 1 11 ? -11.594 -8.797  26.033  1.00 42.88 ? 53  G   C "O5'" 1 
ATOM   710 C  "C5'" . G   C 1 11 ? -12.344 -9.999  25.948  1.00 41.38 ? 53  G   C "C5'" 1 
ATOM   711 C  "C4'" . G   C 1 11 ? -11.488 -11.105 25.394  1.00 42.16 ? 53  G   C "C4'" 1 
ATOM   712 O  "O4'" . G   C 1 11 ? -11.051 -10.743 24.060  1.00 42.06 ? 53  G   C "O4'" 1 
ATOM   713 C  "C3'" . G   C 1 11 ? -10.186 -11.372 26.130  1.00 42.25 ? 53  G   C "C3'" 1 
ATOM   714 O  "O3'" . G   C 1 11 ? -10.374 -12.114 27.330  1.00 42.61 ? 53  G   C "O3'" 1 
ATOM   715 C  "C2'" . G   C 1 11 ? -9.357  -12.088 25.071  1.00 42.31 ? 53  G   C "C2'" 1 
ATOM   716 O  "O2'" . G   C 1 11 ? -9.657  -13.472 24.972  1.00 41.99 ? 53  G   C "O2'" 1 
ATOM   717 C  "C1'" . G   C 1 11 ? -9.796  -11.351 23.795  1.00 41.37 ? 53  G   C "C1'" 1 
ATOM   718 N  N9    . G   C 1 11 ? -8.862  -10.330 23.304  1.00 38.96 ? 53  G   C N9    1 
ATOM   719 C  C8    . G   C 1 11 ? -8.840  -8.982  23.602  1.00 37.15 ? 53  G   C C8    1 
ATOM   720 N  N7    . G   C 1 11 ? -7.881  -8.336  22.992  1.00 34.52 ? 53  G   C N7    1 
ATOM   721 C  C5    . G   C 1 11 ? -7.226  -9.315  22.247  1.00 35.20 ? 53  G   C C5    1 
ATOM   722 C  C6    . G   C 1 11 ? -6.091  -9.221  21.375  1.00 34.68 ? 53  G   C C6    1 
ATOM   723 O  O6    . G   C 1 11 ? -5.415  -8.212  21.083  1.00 31.40 ? 53  G   C O6    1 
ATOM   724 N  N1    . G   C 1 11 ? -5.764  -10.469 20.827  1.00 32.70 ? 53  G   C N1    1 
ATOM   725 C  C2    . G   C 1 11 ? -6.426  -11.651 21.092  1.00 32.93 ? 53  G   C C2    1 
ATOM   726 N  N2    . G   C 1 11 ? -5.960  -12.757 20.490  1.00 30.30 ? 53  G   C N2    1 
ATOM   727 N  N3    . G   C 1 11 ? -7.471  -11.744 21.895  1.00 33.70 ? 53  G   C N3    1 
ATOM   728 C  C4    . G   C 1 11 ? -7.817  -10.550 22.432  1.00 35.39 ? 53  G   C C4    1 
ATOM   729 O  "O5'" . C   D 2 1  ? 3.171   -6.936  15.999  1.00 48.12 ? -6  C   D "O5'" 1 
ATOM   730 C  "C5'" . C   D 2 1  ? 4.054   -7.922  15.470  1.00 46.59 ? -6  C   D "C5'" 1 
ATOM   731 C  "C4'" . C   D 2 1  ? 3.793   -9.260  16.113  1.00 46.59 ? -6  C   D "C4'" 1 
ATOM   732 O  "O4'" . C   D 2 1  ? 3.798   -9.103  17.556  1.00 45.23 ? -6  C   D "O4'" 1 
ATOM   733 C  "C3'" . C   D 2 1  ? 2.433   -9.865  15.828  1.00 46.15 ? -6  C   D "C3'" 1 
ATOM   734 O  "O3'" . C   D 2 1  ? 2.428   -10.565 14.594  1.00 48.19 ? -6  C   D "O3'" 1 
ATOM   735 C  "C2'" . C   D 2 1  ? 2.255   -10.813 17.002  1.00 45.06 ? -6  C   D "C2'" 1 
ATOM   736 O  "O2'" . C   D 2 1  ? 2.973   -12.019 16.846  1.00 43.73 ? -6  C   D "O2'" 1 
ATOM   737 C  "C1'" . C   D 2 1  ? 2.864   -9.994  18.136  1.00 43.18 ? -6  C   D "C1'" 1 
ATOM   738 N  N1    . C   D 2 1  ? 1.875   -9.211  18.894  1.00 42.17 ? -6  C   D N1    1 
ATOM   739 C  C2    . C   D 2 1  ? 0.981   -9.890  19.745  1.00 42.78 ? -6  C   D C2    1 
ATOM   740 O  O2    . C   D 2 1  ? 1.035   -11.133 19.812  1.00 43.32 ? -6  C   D O2    1 
ATOM   741 N  N3    . C   D 2 1  ? 0.086   -9.177  20.467  1.00 40.47 ? -6  C   D N3    1 
ATOM   742 C  C4    . C   D 2 1  ? 0.056   -7.846  20.361  1.00 40.77 ? -6  C   D C4    1 
ATOM   743 N  N4    . C   D 2 1  ? -0.841  -7.188  21.086  1.00 40.15 ? -6  C   D N4    1 
ATOM   744 C  C5    . C   D 2 1  ? 0.945   -7.132  19.501  1.00 40.12 ? -6  C   D C5    1 
ATOM   745 C  C6    . C   D 2 1  ? 1.826   -7.848  18.790  1.00 40.26 ? -6  C   D C6    1 
ATOM   746 P  P     . C   D 2 2  ? 1.059   -10.687 13.765  1.00 49.21 ? -5  C   D P     1 
ATOM   747 O  OP1   . C   D 2 2  ? 1.378   -11.173 12.395  1.00 49.18 ? -5  C   D OP1   1 
ATOM   748 O  OP2   . C   D 2 2  ? 0.327   -9.395  13.949  1.00 48.18 ? -5  C   D OP2   1 
ATOM   749 O  "O5'" . C   D 2 2  ? 0.244   -11.823 14.522  1.00 47.05 ? -5  C   D "O5'" 1 
ATOM   750 C  "C5'" . C   D 2 2  ? 0.738   -13.153 14.599  1.00 44.90 ? -5  C   D "C5'" 1 
ATOM   751 C  "C4'" . C   D 2 2  ? -0.157  -13.978 15.489  1.00 45.08 ? -5  C   D "C4'" 1 
ATOM   752 O  "O4'" . C   D 2 2  ? -0.155  -13.416 16.831  1.00 43.69 ? -5  C   D "O4'" 1 
ATOM   753 C  "C3'" . C   D 2 2  ? -1.628  -13.978 15.107  1.00 44.56 ? -5  C   D "C3'" 1 
ATOM   754 O  "O3'" . C   D 2 2  ? -1.888  -14.940 14.098  1.00 46.25 ? -5  C   D "O3'" 1 
ATOM   755 C  "C2'" . C   D 2 2  ? -2.304  -14.340 16.423  1.00 42.70 ? -5  C   D "C2'" 1 
ATOM   756 O  "O2'" . C   D 2 2  ? -2.254  -15.729 16.712  1.00 42.46 ? -5  C   D "O2'" 1 
ATOM   757 C  "C1'" . C   D 2 2  ? -1.438  -13.567 17.416  1.00 39.31 ? -5  C   D "C1'" 1 
ATOM   758 N  N1    . C   D 2 2  ? -1.953  -12.234 17.785  1.00 35.84 ? -5  C   D N1    1 
ATOM   759 C  C2    . C   D 2 2  ? -3.077  -12.157 18.626  1.00 34.36 ? -5  C   D C2    1 
ATOM   760 O  O2    . C   D 2 2  ? -3.637  -13.210 18.971  1.00 35.49 ? -5  C   D O2    1 
ATOM   761 N  N3    . C   D 2 2  ? -3.520  -10.941 19.039  1.00 30.60 ? -5  C   D N3    1 
ATOM   762 C  C4    . C   D 2 2  ? -2.896  -9.833  18.632  1.00 29.96 ? -5  C   D C4    1 
ATOM   763 N  N4    . C   D 2 2  ? -3.357  -8.657  19.077  1.00 26.05 ? -5  C   D N4    1 
ATOM   764 C  C5    . C   D 2 2  ? -1.769  -9.879  17.750  1.00 30.13 ? -5  C   D C5    1 
ATOM   765 C  C6    . C   D 2 2  ? -1.339  -11.088 17.353  1.00 32.44 ? -5  C   D C6    1 
ATOM   766 P  P     . A   D 2 3  ? -3.118  -14.717 13.094  1.00 47.22 ? -4  A   D P     1 
ATOM   767 O  OP1   . A   D 2 3  ? -3.103  -15.858 12.132  1.00 46.76 ? -4  A   D OP1   1 
ATOM   768 O  OP2   . A   D 2 3  ? -3.031  -13.314 12.584  1.00 44.29 ? -4  A   D OP2   1 
ATOM   769 O  "O5'" . A   D 2 3  ? -4.389  -14.865 14.048  1.00 45.20 ? -4  A   D "O5'" 1 
ATOM   770 C  "C5'" . A   D 2 3  ? -4.671  -16.109 14.691  1.00 42.77 ? -4  A   D "C5'" 1 
ATOM   771 C  "C4'" . A   D 2 3  ? -5.949  -16.018 15.487  1.00 41.01 ? -4  A   D "C4'" 1 
ATOM   772 O  "O4'" . A   D 2 3  ? -5.754  -15.169 16.641  1.00 38.57 ? -4  A   D "O4'" 1 
ATOM   773 C  "C3'" . A   D 2 3  ? -7.113  -15.358 14.776  1.00 41.89 ? -4  A   D "C3'" 1 
ATOM   774 O  "O3'" . A   D 2 3  ? -7.756  -16.247 13.888  1.00 45.05 ? -4  A   D "O3'" 1 
ATOM   775 C  "C2'" . A   D 2 3  ? -8.010  -14.957 15.934  1.00 39.50 ? -4  A   D "C2'" 1 
ATOM   776 O  "O2'" . A   D 2 3  ? -8.765  -16.032 16.450  1.00 40.78 ? -4  A   D "O2'" 1 
ATOM   777 C  "C1'" . A   D 2 3  ? -6.975  -14.521 16.965  1.00 36.25 ? -4  A   D "C1'" 1 
ATOM   778 N  N9    . A   D 2 3  ? -6.748  -13.077 16.990  1.00 31.07 ? -4  A   D N9    1 
ATOM   779 C  C8    . A   D 2 3  ? -5.771  -12.351 16.356  1.00 28.12 ? -4  A   D C8    1 
ATOM   780 N  N7    . A   D 2 3  ? -5.807  -11.071 16.633  1.00 26.08 ? -4  A   D N7    1 
ATOM   781 C  C5    . A   D 2 3  ? -6.885  -10.945 17.495  1.00 23.06 ? -4  A   D C5    1 
ATOM   782 C  C6    . A   D 2 3  ? -7.443  -9.837  18.150  1.00 22.64 ? -4  A   D C6    1 
ATOM   783 N  N6    . A   D 2 3  ? -6.962  -8.599  18.049  1.00 18.68 ? -4  A   D N6    1 
ATOM   784 N  N1    . A   D 2 3  ? -8.529  -10.046 18.926  1.00 21.75 ? -4  A   D N1    1 
ATOM   785 C  C2    . A   D 2 3  ? -9.008  -11.289 19.030  1.00 24.88 ? -4  A   D C2    1 
ATOM   786 N  N3    . A   D 2 3  ? -8.562  -12.417 18.468  1.00 25.62 ? -4  A   D N3    1 
ATOM   787 C  C4    . A   D 2 3  ? -7.485  -12.168 17.706  1.00 26.29 ? -4  A   D C4    1 
ATOM   788 P  P     . G   D 2 4  ? -8.570  -15.651 12.642  1.00 47.63 ? -3  G   D P     1 
ATOM   789 O  OP1   . G   D 2 4  ? -9.034  -16.828 11.852  1.00 47.15 ? -3  G   D OP1   1 
ATOM   790 O  OP2   . G   D 2 4  ? -7.759  -14.588 11.975  1.00 45.63 ? -3  G   D OP2   1 
ATOM   791 O  "O5'" . G   D 2 4  ? -9.816  -14.940 13.335  1.00 45.04 ? -3  G   D "O5'" 1 
ATOM   792 C  "C5'" . G   D 2 4  ? -10.849 -15.718 13.937  1.00 43.18 ? -3  G   D "C5'" 1 
ATOM   793 C  "C4'" . G   D 2 4  ? -11.858 -14.822 14.614  1.00 41.75 ? -3  G   D "C4'" 1 
ATOM   794 O  "O4'" . G   D 2 4  ? -11.213 -14.134 15.717  1.00 40.78 ? -3  G   D "O4'" 1 
ATOM   795 C  "C3'" . G   D 2 4  ? -12.434 -13.691 13.775  1.00 41.82 ? -3  G   D "C3'" 1 
ATOM   796 O  "O3'" . G   D 2 4  ? -13.488 -14.131 12.922  1.00 44.37 ? -3  G   D "O3'" 1 
ATOM   797 C  "C2'" . G   D 2 4  ? -12.908 -12.721 14.847  1.00 39.01 ? -3  G   D "C2'" 1 
ATOM   798 O  "O2'" . G   D 2 4  ? -14.130 -13.102 15.439  1.00 39.22 ? -3  G   D "O2'" 1 
ATOM   799 C  "C1'" . G   D 2 4  ? -11.786 -12.849 15.877  1.00 36.59 ? -3  G   D "C1'" 1 
ATOM   800 N  N9    . G   D 2 4  ? -10.744 -11.851 15.677  1.00 31.89 ? -3  G   D N9    1 
ATOM   801 C  C8    . G   D 2 4  ? -9.535  -12.007 15.034  1.00 30.13 ? -3  G   D C8    1 
ATOM   802 N  N7    . G   D 2 4  ? -8.832  -10.910 15.002  1.00 29.23 ? -3  G   D N7    1 
ATOM   803 C  C5    . G   D 2 4  ? -9.625  -9.977  15.665  1.00 29.12 ? -3  G   D C5    1 
ATOM   804 C  C6    . G   D 2 4  ? -9.396  -8.600  15.945  1.00 29.70 ? -3  G   D C6    1 
ATOM   805 O  O6    . G   D 2 4  ? -8.419  -7.910  15.646  1.00 31.97 ? -3  G   D O6    1 
ATOM   806 N  N1    . G   D 2 4  ? -10.457 -8.036  16.651  1.00 27.56 ? -3  G   D N1    1 
ATOM   807 C  C2    . G   D 2 4  ? -11.589 -8.712  17.034  1.00 27.26 ? -3  G   D C2    1 
ATOM   808 N  N2    . G   D 2 4  ? -12.489 -8.011  17.715  1.00 26.17 ? -3  G   D N2    1 
ATOM   809 N  N3    . G   D 2 4  ? -11.816 -9.983  16.771  1.00 26.13 ? -3  G   D N3    1 
ATOM   810 C  C4    . G   D 2 4  ? -10.800 -10.550 16.091  1.00 28.56 ? -3  G   D C4    1 
ATOM   811 P  P     . U   D 2 5  ? -14.024 -13.156 11.754  1.00 44.94 ? -2  U   D P     1 
ATOM   812 O  OP1   . U   D 2 5  ? -15.162 -13.843 11.092  1.00 46.22 ? -2  U   D OP1   1 
ATOM   813 O  OP2   . U   D 2 5  ? -12.860 -12.717 10.947  1.00 44.95 ? -2  U   D OP2   1 
ATOM   814 O  "O5'" . U   D 2 5  ? -14.588 -11.911 12.566  1.00 41.63 ? -2  U   D "O5'" 1 
ATOM   815 C  "C5'" . U   D 2 5  ? -14.932 -10.696 11.938  1.00 40.20 ? -2  U   D "C5'" 1 
ATOM   816 C  "C4'" . U   D 2 5  ? -15.176 -9.655  12.991  1.00 41.40 ? -2  U   D "C4'" 1 
ATOM   817 O  "O4'" . U   D 2 5  ? -14.088 -9.709  13.948  1.00 42.79 ? -2  U   D "O4'" 1 
ATOM   818 C  "C3'" . U   D 2 5  ? -15.215 -8.232  12.483  1.00 42.93 ? -2  U   D "C3'" 1 
ATOM   819 O  "O3'" . U   D 2 5  ? -16.546 -7.881  12.138  1.00 47.71 ? -2  U   D "O3'" 1 
ATOM   820 C  "C2'" . U   D 2 5  ? -14.670 -7.431  13.663  1.00 42.42 ? -2  U   D "C2'" 1 
ATOM   821 O  "O2'" . U   D 2 5  ? -15.628 -7.092  14.641  1.00 42.10 ? -2  U   D "O2'" 1 
ATOM   822 C  "C1'" . U   D 2 5  ? -13.633 -8.401  14.241  1.00 41.33 ? -2  U   D "C1'" 1 
ATOM   823 N  N1    . U   D 2 5  ? -12.278 -8.261  13.672  1.00 39.89 ? -2  U   D N1    1 
ATOM   824 C  C2    . U   D 2 5  ? -11.618 -7.046  13.825  1.00 38.90 ? -2  U   D C2    1 
ATOM   825 O  O2    . U   D 2 5  ? -12.100 -6.094  14.418  1.00 38.64 ? -2  U   D O2    1 
ATOM   826 N  N3    . U   D 2 5  ? -10.373 -6.992  13.253  1.00 37.41 ? -2  U   D N3    1 
ATOM   827 C  C4    . U   D 2 5  ? -9.731  -8.004  12.563  1.00 38.06 ? -2  U   D C4    1 
ATOM   828 O  O4    . U   D 2 5  ? -8.606  -7.801  12.101  1.00 40.67 ? -2  U   D O4    1 
ATOM   829 C  C5    . U   D 2 5  ? -10.468 -9.221  12.460  1.00 36.91 ? -2  U   D C5    1 
ATOM   830 C  C6    . U   D 2 5  ? -11.680 -9.308  13.001  1.00 38.13 ? -2  U   D C6    1 
ATOM   831 P  P     . C   D 2 6  ? -16.813 -6.660  11.124  1.00 51.54 ? -1  C   D P     1 
ATOM   832 O  OP1   . C   D 2 6  ? -18.273 -6.567  10.872  1.00 51.63 ? -1  C   D OP1   1 
ATOM   833 O  OP2   . C   D 2 6  ? -15.870 -6.805  9.977   1.00 51.64 ? -1  C   D OP2   1 
ATOM   834 O  "O5'" . C   D 2 6  ? -16.347 -5.376  11.929  1.00 52.55 ? -1  C   D "O5'" 1 
ATOM   835 C  "C5'" . C   D 2 6  ? -17.217 -4.695  12.816  1.00 53.63 ? -1  C   D "C5'" 1 
ATOM   836 C  "C4'" . C   D 2 6  ? -16.949 -3.219  12.720  1.00 54.44 ? -1  C   D "C4'" 1 
ATOM   837 O  "O4'" . C   D 2 6  ? -15.517 -3.025  12.922  1.00 53.80 ? -1  C   D "O4'" 1 
ATOM   838 C  "C3'" . C   D 2 6  ? -17.235 -2.733  11.303  1.00 55.36 ? -1  C   D "C3'" 1 
ATOM   839 O  "O3'" . C   D 2 6  ? -18.188 -1.688  11.134  1.00 56.95 ? -1  C   D "O3'" 1 
ATOM   840 C  "C2'" . C   D 2 6  ? -15.900 -2.689  10.568  1.00 55.06 ? -1  C   D "C2'" 1 
ATOM   841 O  "O2'" . C   D 2 6  ? -15.728 -1.546  9.758   1.00 55.76 ? -1  C   D "O2'" 1 
ATOM   842 C  "C1'" . C   D 2 6  ? -14.899 -2.599  11.721  1.00 52.63 ? -1  C   D "C1'" 1 
ATOM   843 N  N1    . C   D 2 6  ? -13.654 -3.353  11.481  1.00 49.16 ? -1  C   D N1    1 
ATOM   844 C  C2    . C   D 2 6  ? -12.436 -2.668  11.566  1.00 47.93 ? -1  C   D C2    1 
ATOM   845 O  O2    . C   D 2 6  ? -12.444 -1.481  11.918  1.00 46.27 ? -1  C   D O2    1 
ATOM   846 N  N3    . C   D 2 6  ? -11.284 -3.315  11.265  1.00 46.46 ? -1  C   D N3    1 
ATOM   847 C  C4    . C   D 2 6  ? -11.322 -4.601  10.899  1.00 48.22 ? -1  C   D C4    1 
ATOM   848 N  N4    . C   D 2 6  ? -10.166 -5.203  10.591  1.00 49.10 ? -1  C   D N4    1 
ATOM   849 C  C5    . C   D 2 6  ? -12.544 -5.330  10.831  1.00 48.26 ? -1  C   D C5    1 
ATOM   850 C  C6    . C   D 2 6  ? -13.675 -4.676  11.134  1.00 48.67 ? -1  C   D C6    1 
ATOM   851 P  P     . G   D 2 7  ? -15.229 -1.720  8.242   1.00 56.46 ? 1   G   D P     1 
ATOM   852 O  OP1   . G   D 2 7  ? -15.250 -3.178  7.895   1.00 55.70 ? 1   G   D OP1   1 
ATOM   853 O  OP2   . G   D 2 7  ? -15.992 -0.752  7.402   1.00 56.52 ? 1   G   D OP2   1 
ATOM   854 O  "O5'" . G   D 2 7  ? -13.697 -1.275  8.298   1.00 55.91 ? 1   G   D "O5'" 1 
ATOM   855 C  "C5'" . G   D 2 7  ? -13.295 -0.046  8.919   1.00 53.43 ? 1   G   D "C5'" 1 
ATOM   856 C  "C4'" . G   D 2 7  ? -11.980 0.431   8.336   1.00 51.55 ? 1   G   D "C4'" 1 
ATOM   857 O  "O4'" . G   D 2 7  ? -10.956 -0.573  8.567   1.00 50.95 ? 1   G   D "O4'" 1 
ATOM   858 C  "C3'" . G   D 2 7  ? -12.098 0.567   6.818   1.00 51.50 ? 1   G   D "C3'" 1 
ATOM   859 O  "O3'" . G   D 2 7  ? -11.548 1.793   6.349   1.00 51.64 ? 1   G   D "O3'" 1 
ATOM   860 C  "C2'" . G   D 2 7  ? -11.535 -0.726  6.239   1.00 50.64 ? 1   G   D "C2'" 1 
ATOM   861 O  "O2'" . G   D 2 7  ? -10.824 -0.568  5.038   1.00 50.56 ? 1   G   D "O2'" 1 
ATOM   862 C  "C1'" . G   D 2 7  ? -10.562 -1.136  7.341   1.00 51.26 ? 1   G   D "C1'" 1 
ATOM   863 N  N9    . G   D 2 7  ? -10.226 -2.542  7.501   1.00 51.17 ? 1   G   D N9    1 
ATOM   864 C  C8    . G   D 2 7  ? -11.058 -3.635  7.499   1.00 52.47 ? 1   G   D C8    1 
ATOM   865 N  N7    . G   D 2 7  ? -10.412 -4.765  7.586   1.00 52.58 ? 1   G   D N7    1 
ATOM   866 C  C5    . G   D 2 7  ? -9.080  -4.388  7.672   1.00 52.65 ? 1   G   D C5    1 
ATOM   867 C  C6    . G   D 2 7  ? -7.909  -5.174  7.789   1.00 53.62 ? 1   G   D C6    1 
ATOM   868 O  O6    . G   D 2 7  ? -7.813  -6.408  7.841   1.00 55.58 ? 1   G   D O6    1 
ATOM   869 N  N1    . G   D 2 7  ? -6.766  -4.378  7.845   1.00 52.85 ? 1   G   D N1    1 
ATOM   870 C  C2    . G   D 2 7  ? -6.757  -3.003  7.797   1.00 52.23 ? 1   G   D C2    1 
ATOM   871 N  N2    . G   D 2 7  ? -5.561  -2.405  7.866   1.00 52.65 ? 1   G   D N2    1 
ATOM   872 N  N3    . G   D 2 7  ? -7.842  -2.266  7.690   1.00 51.17 ? 1   G   D N3    1 
ATOM   873 C  C4    . G   D 2 7  ? -8.956  -3.019  7.633   1.00 51.41 ? 1   G   D C4    1 
ATOM   874 P  P     . G   D 2 8  ? -11.855 2.312   4.860   1.00 53.21 ? 2   G   D P     1 
ATOM   875 O  OP1   . G   D 2 8  ? -13.313 2.167   4.592   1.00 52.36 ? 2   G   D OP1   1 
ATOM   876 O  OP2   . G   D 2 8  ? -10.873 1.724   3.904   1.00 53.59 ? 2   G   D OP2   1 
ATOM   877 O  "O5'" . G   D 2 8  ? -11.528 3.859   4.993   1.00 50.21 ? 2   G   D "O5'" 1 
ATOM   878 C  "C5'" . G   D 2 8  ? -12.334 4.671   5.821   1.00 50.16 ? 2   G   D "C5'" 1 
ATOM   879 C  "C4'" . G   D 2 8  ? -11.594 5.914   6.195   1.00 51.09 ? 2   G   D "C4'" 1 
ATOM   880 O  "O4'" . G   D 2 8  ? -10.493 5.576   7.071   1.00 51.15 ? 2   G   D "O4'" 1 
ATOM   881 C  "C3'" . G   D 2 8  ? -10.941 6.627   5.031   1.00 51.67 ? 2   G   D "C3'" 1 
ATOM   882 O  "O3'" . G   D 2 8  ? -11.898 7.415   4.338   1.00 51.12 ? 2   G   D "O3'" 1 
ATOM   883 C  "C2'" . G   D 2 8  ? -9.863  7.436   5.735   1.00 52.78 ? 2   G   D "C2'" 1 
ATOM   884 O  "O2'" . G   D 2 8  ? -10.376 8.606   6.345   1.00 54.59 ? 2   G   D "O2'" 1 
ATOM   885 C  "C1'" . G   D 2 8  ? -9.403  6.441   6.809   1.00 51.87 ? 2   G   D "C1'" 1 
ATOM   886 N  N9    . G   D 2 8  ? -8.264  5.621   6.403   1.00 51.35 ? 2   G   D N9    1 
ATOM   887 C  C8    . G   D 2 8  ? -8.254  4.269   6.136   1.00 50.47 ? 2   G   D C8    1 
ATOM   888 N  N7    . G   D 2 8  ? -7.073  3.820   5.806   1.00 48.74 ? 2   G   D N7    1 
ATOM   889 C  C5    . G   D 2 8  ? -6.258  4.940   5.854   1.00 49.90 ? 2   G   D C5    1 
ATOM   890 C  C6    . G   D 2 8  ? -4.880  5.074   5.598   1.00 50.68 ? 2   G   D C6    1 
ATOM   891 O  O6    . G   D 2 8  ? -4.070  4.194   5.262   1.00 52.24 ? 2   G   D O6    1 
ATOM   892 N  N1    . G   D 2 8  ? -4.455  6.390   5.766   1.00 50.39 ? 2   G   D N1    1 
ATOM   893 C  C2    . G   D 2 8  ? -5.260  7.440   6.134   1.00 50.13 ? 2   G   D C2    1 
ATOM   894 N  N2    . G   D 2 8  ? -4.666  8.633   6.249   1.00 51.21 ? 2   G   D N2    1 
ATOM   895 N  N3    . G   D 2 8  ? -6.550  7.329   6.374   1.00 50.20 ? 2   G   D N3    1 
ATOM   896 C  C4    . G   D 2 8  ? -6.979  6.060   6.218   1.00 50.48 ? 2   G   D C4    1 
ATOM   897 P  P     . A   D 2 9  ? -12.044 7.258   2.745   1.00 53.65 ? 3   A   D P     1 
ATOM   898 O  OP1   . A   D 2 9  ? -13.191 8.100   2.316   1.00 53.98 ? 3   A   D OP1   1 
ATOM   899 O  OP2   . A   D 2 9  ? -12.033 5.816   2.391   1.00 51.84 ? 3   A   D OP2   1 
ATOM   900 O  "O5'" . A   D 2 9  ? -10.696 7.914   2.208   1.00 54.19 ? 3   A   D "O5'" 1 
ATOM   901 C  "C5'" . A   D 2 9  ? -10.363 9.258   2.563   1.00 53.57 ? 3   A   D "C5'" 1 
ATOM   902 C  "C4'" . A   D 2 9  ? -8.912  9.539   2.269   1.00 52.71 ? 3   A   D "C4'" 1 
ATOM   903 O  "O4'" . A   D 2 9  ? -8.072  8.841   3.226   1.00 52.64 ? 3   A   D "O4'" 1 
ATOM   904 C  "C3'" . A   D 2 9  ? -8.425  9.035   0.925   1.00 53.04 ? 3   A   D "C3'" 1 
ATOM   905 O  "O3'" . A   D 2 9  ? -8.780  9.881   -0.155  1.00 52.57 ? 3   A   D "O3'" 1 
ATOM   906 C  "C2'" . A   D 2 9  ? -6.926  8.930   1.155   1.00 52.92 ? 3   A   D "C2'" 1 
ATOM   907 O  "O2'" . A   D 2 9  ? -6.245  10.166  1.113   1.00 54.15 ? 3   A   D "O2'" 1 
ATOM   908 C  "C1'" . A   D 2 9  ? -6.900  8.366   2.574   1.00 52.66 ? 3   A   D "C1'" 1 
ATOM   909 N  N9    . A   D 2 9  ? -6.947  6.904   2.525   1.00 51.99 ? 3   A   D N9    1 
ATOM   910 C  C8    . A   D 2 9  ? -8.034  6.063   2.593   1.00 51.32 ? 3   A   D C8    1 
ATOM   911 N  N7    . A   D 2 9  ? -7.728  4.794   2.476   1.00 51.22 ? 3   A   D N7    1 
ATOM   912 C  C5    . A   D 2 9  ? -6.346  4.797   2.329   1.00 50.93 ? 3   A   D C5    1 
ATOM   913 C  C6    . A   D 2 9  ? -5.405  3.764   2.157   1.00 51.32 ? 3   A   D C6    1 
ATOM   914 N  N6    . A   D 2 9  ? -5.719  2.467   2.108   1.00 51.11 ? 3   A   D N6    1 
ATOM   915 N  N1    . A   D 2 9  ? -4.107  4.115   2.037   1.00 51.70 ? 3   A   D N1    1 
ATOM   916 C  C2    . A   D 2 9  ? -3.786  5.412   2.088   1.00 51.50 ? 3   A   D C2    1 
ATOM   917 N  N3    . A   D 2 9  ? -4.573  6.471   2.246   1.00 50.61 ? 3   A   D N3    1 
ATOM   918 C  C4    . A   D 2 9  ? -5.854  6.089   2.362   1.00 51.14 ? 3   A   D C4    1 
ATOM   919 P  P     . A   D 2 10 ? -9.114  9.225   -1.581  1.00 53.74 ? 4   A   D P     1 
ATOM   920 O  OP1   . A   D 2 10 ? -9.445  10.310  -2.541  1.00 53.89 ? 4   A   D OP1   1 
ATOM   921 O  OP2   . A   D 2 10 ? -10.091 8.134   -1.340  1.00 54.24 ? 4   A   D OP2   1 
ATOM   922 O  "O5'" . A   D 2 10 ? -7.740  8.541   -2.019  1.00 53.09 ? 4   A   D "O5'" 1 
ATOM   923 C  "C5'" . A   D 2 10 ? -6.573  9.325   -2.283  1.00 50.91 ? 4   A   D "C5'" 1 
ATOM   924 C  "C4'" . A   D 2 10 ? -5.409  8.430   -2.652  1.00 49.69 ? 4   A   D "C4'" 1 
ATOM   925 O  "O4'" . A   D 2 10 ? -5.048  7.611   -1.507  1.00 50.36 ? 4   A   D "O4'" 1 
ATOM   926 C  "C3'" . A   D 2 10 ? -5.677  7.441   -3.779  1.00 48.64 ? 4   A   D "C3'" 1 
ATOM   927 O  "O3'" . A   D 2 10 ? -5.403  8.030   -5.042  1.00 46.55 ? 4   A   D "O3'" 1 
ATOM   928 C  "C2'" . A   D 2 10 ? -4.708  6.311   -3.460  1.00 48.99 ? 4   A   D "C2'" 1 
ATOM   929 O  "O2'" . A   D 2 10 ? -3.390  6.568   -3.899  1.00 49.19 ? 4   A   D "O2'" 1 
ATOM   930 C  "C1'" . A   D 2 10 ? -4.767  6.288   -1.932  1.00 49.07 ? 4   A   D "C1'" 1 
ATOM   931 N  N9    . A   D 2 10 ? -5.832  5.422   -1.429  1.00 48.55 ? 4   A   D N9    1 
ATOM   932 C  C8    . A   D 2 10 ? -7.108  5.778   -1.052  1.00 47.79 ? 4   A   D C8    1 
ATOM   933 N  N7    . A   D 2 10 ? -7.842  4.771   -0.652  1.00 47.46 ? 4   A   D N7    1 
ATOM   934 C  C5    . A   D 2 10 ? -6.995  3.676   -0.772  1.00 48.10 ? 4   A   D C5    1 
ATOM   935 C  C6    . A   D 2 10 ? -7.172  2.310   -0.499  1.00 47.82 ? 4   A   D C6    1 
ATOM   936 N  N6    . A   D 2 10 ? -8.308  1.795   -0.032  1.00 48.78 ? 4   A   D N6    1 
ATOM   937 N  N1    . A   D 2 10 ? -6.128  1.483   -0.723  1.00 48.33 ? 4   A   D N1    1 
ATOM   938 C  C2    . A   D 2 10 ? -4.986  2.005   -1.187  1.00 48.06 ? 4   A   D C2    1 
ATOM   939 N  N3    . A   D 2 10 ? -4.695  3.269   -1.480  1.00 47.46 ? 4   A   D N3    1 
ATOM   940 C  C4    . A   D 2 10 ? -5.754  4.064   -1.247  1.00 48.09 ? 4   A   D C4    1 
ATOM   941 P  P     . C   D 2 11 ? -6.314  7.662   -6.307  1.00 45.25 ? 5   C   D P     1 
ATOM   942 O  OP1   . C   D 2 11 ? -6.155  8.755   -7.296  1.00 45.73 ? 5   C   D OP1   1 
ATOM   943 O  OP2   . C   D 2 11 ? -7.668  7.296   -5.820  1.00 47.06 ? 5   C   D OP2   1 
ATOM   944 O  "O5'" . C   D 2 11 ? -5.670  6.336   -6.897  1.00 42.80 ? 5   C   D "O5'" 1 
ATOM   945 C  "C5'" . C   D 2 11 ? -4.328  6.324   -7.340  1.00 40.74 ? 5   C   D "C5'" 1 
ATOM   946 C  "C4'" . C   D 2 11 ? -3.793  4.914   -7.355  1.00 40.33 ? 5   C   D "C4'" 1 
ATOM   947 O  "O4'" . C   D 2 11 ? -3.682  4.408   -5.997  1.00 39.06 ? 5   C   D "O4'" 1 
ATOM   948 C  "C3'" . C   D 2 11 ? -4.658  3.882   -8.049  1.00 39.42 ? 5   C   D "C3'" 1 
ATOM   949 O  "O3'" . C   D 2 11 ? -4.512  3.936   -9.455  1.00 40.73 ? 5   C   D "O3'" 1 
ATOM   950 C  "C2'" . C   D 2 11 ? -4.129  2.589   -7.449  1.00 39.02 ? 5   C   D "C2'" 1 
ATOM   951 O  "O2'" . C   D 2 11 ? -2.900  2.152   -7.996  1.00 36.10 ? 5   C   D "O2'" 1 
ATOM   952 C  "C1'" . C   D 2 11 ? -3.931  3.011   -5.993  1.00 38.91 ? 5   C   D "C1'" 1 
ATOM   953 N  N1    . C   D 2 11 ? -5.143  2.750   -5.205  1.00 39.23 ? 5   C   D N1    1 
ATOM   954 C  C2    . C   D 2 11 ? -5.345  1.468   -4.697  1.00 41.62 ? 5   C   D C2    1 
ATOM   955 O  O2    . C   D 2 11 ? -4.475  0.600   -4.896  1.00 42.08 ? 5   C   D O2    1 
ATOM   956 N  N3    . C   D 2 11 ? -6.476  1.203   -4.003  1.00 42.42 ? 5   C   D N3    1 
ATOM   957 C  C4    . C   D 2 11 ? -7.374  2.167   -3.806  1.00 42.69 ? 5   C   D C4    1 
ATOM   958 N  N4    . C   D 2 11 ? -8.477  1.867   -3.124  1.00 44.68 ? 5   C   D N4    1 
ATOM   959 C  C5    . C   D 2 11 ? -7.184  3.485   -4.301  1.00 41.73 ? 5   C   D C5    1 
ATOM   960 C  C6    . C   D 2 11 ? -6.067  3.730   -4.986  1.00 39.50 ? 5   C   D C6    1 
ATOM   961 P  P     . A   D 2 12 ? -5.771  3.603   -10.393 1.00 43.13 ? 6   A   D P     1 
ATOM   962 O  OP1   . A   D 2 12 ? -5.377  3.900   -11.796 1.00 42.73 ? 6   A   D OP1   1 
ATOM   963 O  OP2   . A   D 2 12 ? -6.941  4.300   -9.795  1.00 43.45 ? 6   A   D OP2   1 
ATOM   964 O  "O5'" . A   D 2 12 ? -5.987  2.028   -10.251 1.00 39.04 ? 6   A   D "O5'" 1 
ATOM   965 C  "C5'" . A   D 2 12 ? -4.991  1.119   -10.699 1.00 36.90 ? 6   A   D "C5'" 1 
ATOM   966 C  "C4'" . A   D 2 12 ? -5.238  -0.263  -10.137 1.00 36.66 ? 6   A   D "C4'" 1 
ATOM   967 O  "O4'" . A   D 2 12 ? -5.379  -0.187  -8.698  1.00 34.85 ? 6   A   D "O4'" 1 
ATOM   968 C  "C3'" . A   D 2 12 ? -6.507  -0.956  -10.588 1.00 36.47 ? 6   A   D "C3'" 1 
ATOM   969 O  "O3'" . A   D 2 12 ? -6.314  -1.602  -11.846 1.00 37.63 ? 6   A   D "O3'" 1 
ATOM   970 C  "C2'" . A   D 2 12 ? -6.733  -1.975  -9.483  1.00 35.99 ? 6   A   D "C2'" 1 
ATOM   971 O  "O2'" . A   D 2 12 ? -5.952  -3.131  -9.677  1.00 37.68 ? 6   A   D "O2'" 1 
ATOM   972 C  "C1'" . A   D 2 12 ? -6.247  -1.210  -8.252  1.00 35.29 ? 6   A   D "C1'" 1 
ATOM   973 N  N9    . A   D 2 12 ? -7.319  -0.589  -7.474  1.00 35.74 ? 6   A   D N9    1 
ATOM   974 C  C8    . A   D 2 12 ? -7.582  0.753   -7.332  1.00 35.94 ? 6   A   D C8    1 
ATOM   975 N  N7    . A   D 2 12 ? -8.600  1.013   -6.552  1.00 35.70 ? 6   A   D N7    1 
ATOM   976 C  C5    . A   D 2 12 ? -9.045  -0.237  -6.155  1.00 34.72 ? 6   A   D C5    1 
ATOM   977 C  C6    . A   D 2 12 ? -10.105 -0.640  -5.325  1.00 34.84 ? 6   A   D C6    1 
ATOM   978 N  N6    . A   D 2 12 ? -10.939 0.221   -4.728  1.00 32.37 ? 6   A   D N6    1 
ATOM   979 N  N1    . A   D 2 12 ? -10.285 -1.970  -5.132  1.00 33.58 ? 6   A   D N1    1 
ATOM   980 C  C2    . A   D 2 12 ? -9.449  -2.824  -5.745  1.00 33.91 ? 6   A   D C2    1 
ATOM   981 N  N3    . A   D 2 12 ? -8.415  -2.566  -6.554  1.00 33.70 ? 6   A   D N3    1 
ATOM   982 C  C4    . A   D 2 12 ? -8.267  -1.237  -6.718  1.00 34.95 ? 6   A   D C4    1 
HETATM 983 MG MG    . MG  E 3 .  ? 11.430  15.945  -1.379  1.00 39.66 ? 204 MG  A MG    1 
HETATM 984 MG MG    . MG  F 3 .  ? -1.491  4.066   -3.085  1.00 45.38 ? 306 MG  A MG    1 
HETATM 985 MG MG    . MG  G 3 .  ? 3.545   -7.154  -6.145  1.00 42.31 ? 201 MG  B MG    1 
HETATM 986 MG MG    . MG  H 3 .  ? -0.820  -0.378  -11.270 1.00 36.17 ? 203 MG  B MG    1 
HETATM 987 MG MG    . MG  I 3 .  ? 17.330  4.831   -1.724  1.00 48.08 ? 308 MG  B MG    1 
HETATM 988 MG MG    . MG  J 3 .  ? 6.221   5.537   -11.818 1.00 43.98 ? 312 MG  B MG    1 
HETATM 989 MG MG    . MG  K 3 .  ? -5.395  -5.417  22.398  1.00 53.61 ? 205 MG  C MG    1 
HETATM 990 MG MG    . MG  L 3 .  ? -6.836  -7.994  3.407   1.00 49.38 ? 316 MG  C MG    1 
HETATM 991 MG MG    . MG  M 3 .  ? -10.586 -0.831  1.870   1.00 49.96 ? 322 MG  C MG    1 
HETATM 992 K  K     . K   N 4 .  ? -11.507 4.278   0.621   1.00 59.62 ? 202 K   D K     1 
HETATM 993 K  K     . K   O 4 .  ? -17.365 -8.588  9.705   1.00 46.66 ? 319 K   D K     1 
HETATM 994 O  O     . HOH P 5 .  ? 10.500  13.283  -1.620  1.00 26.41 ? 309 HOH A O     1 
HETATM 995 O  O     . HOH P 5 .  ? 12.765  15.199  0.233   1.00 33.95 ? 310 HOH A O     1 
HETATM 996 O  O     . HOH P 5 .  ? 10.466  8.780   -7.042  1.00 35.12 ? 313 HOH A O     1 
HETATM 997 O  O     . HOH Q 5 .  ? 12.924  10.231  -9.203  1.00 33.87 ? 314 HOH B O     1 
HETATM 998 O  O     . HOH Q 5 .  ? 3.029   -5.435  -7.214  1.00 40.64 ? 315 HOH B O     1 
HETATM 999 O  O     . HOH R 5 .  ? -1.307  -4.507  20.887  1.00 33.97 ? 302 HOH D O     1 
# 
